data_5ND6
#
_entry.id   5ND6
#
_cell.length_a   165.211
_cell.length_b   74.311
_cell.length_c   133.723
_cell.angle_alpha   90.00
_cell.angle_beta   119.30
_cell.angle_gamma   90.00
#
_symmetry.space_group_name_H-M   'C 1 2 1'
#
loop_
_entity.id
_entity.type
_entity.pdbx_description
1 polymer Transketolase
2 non-polymer 1,2-ETHANEDIOL
3 water water
#
_entity_poly.entity_id   1
_entity_poly.type   'polypeptide(L)'
_entity_poly.pdbx_seq_one_letter_code
;MHHHHHHHMAAQAAPAAAKAAAPSISRDEVEKCINAIRFLAIDAINKSKSGHPGMPMGCAPMGYVLWNEVMKYNPKNPDF
FNRDRFVLSAGHGSMFQYSMMHLTGYDSVPLDQIKQFRQWNSLTPGHPENFVTPGVEVTTGPLGQGICNAVGLAVAEAHL
AARFNKPDVKPIVDHYTYCILGDGCMMEGISNEACSLAGHWGLGKLIALYDDNKISIDGHTDISFTEDVAKRYEALGWHV
IHVINGNTDVDGLRAAIAQAKAVKDKPTLIKVSTLIGYGSPNKADSHDVHGAPLGPDETAATRKNLNWPYGEFEVPQDVY
DVFRGAIKRGAEEEANWHKACAEYKAKYPKEWAEFEALTSCKLPENWEAALPHFKPEDKGLATRQHSQTMINALAPALPG
LIGGSADLAPSNLTLMKISGDFQKGSYAERNLRFGVREHAMGAICNGIALHKSGLIPYCATFYIFTDYMRNAMRMSALSE
AGVVYVMTHDSIGLGEDGPTHQPIEHLASFRAMPDMLMIRPAGGNETAGAYKVAIANRKRPTTIALSRQNMPNIPNCSVE
GVAKGAYTIHDTKAGVKPDVILMGTGSELELATAAAGILEKEGKNVRVVSFPCWELFEEQSAEYKESVLPSDVTARVSVE
AATSFGWAKYIGLKGKHVGIDTFGASAPAPTLYEKFGITVNHVVEAAKATLQH
;
_entity_poly.pdbx_strand_id   A,B
#
loop_
_chem_comp.id
_chem_comp.type
_chem_comp.name
_chem_comp.formula
EDO non-polymer 1,2-ETHANEDIOL 'C2 H6 O2'
#
# COMPACT_ATOMS: atom_id res chain seq x y z
N SER A 24 30.68 -3.73 38.00
CA SER A 24 31.54 -4.13 36.86
C SER A 24 31.32 -5.61 36.54
N ILE A 25 31.82 -6.03 35.36
CA ILE A 25 31.65 -7.36 34.75
C ILE A 25 32.88 -7.62 33.89
N SER A 26 33.41 -8.83 33.93
CA SER A 26 34.51 -9.24 33.06
C SER A 26 34.07 -9.49 31.62
N ARG A 27 35.01 -9.43 30.68
CA ARG A 27 34.76 -9.88 29.30
C ARG A 27 34.14 -11.28 29.24
N ASP A 28 34.62 -12.15 30.11
CA ASP A 28 34.14 -13.53 30.19
C ASP A 28 32.67 -13.65 30.63
N GLU A 29 32.31 -12.90 31.65
CA GLU A 29 30.97 -12.90 32.19
C GLU A 29 30.02 -12.27 31.11
N VAL A 30 30.54 -11.27 30.36
CA VAL A 30 29.75 -10.66 29.26
C VAL A 30 29.44 -11.66 28.23
N GLU A 31 30.44 -12.44 27.85
CA GLU A 31 30.30 -13.43 26.82
C GLU A 31 29.24 -14.45 27.26
N LYS A 32 29.27 -14.78 28.55
CA LYS A 32 28.36 -15.79 29.07
C LYS A 32 26.90 -15.32 28.96
N CYS A 33 26.71 -14.08 29.36
CA CYS A 33 25.46 -13.38 29.22
C CYS A 33 24.97 -13.29 27.78
N ILE A 34 25.88 -13.03 26.82
CA ILE A 34 25.51 -12.96 25.42
C ILE A 34 25.06 -14.32 24.97
N ASN A 35 25.77 -15.36 25.45
CA ASN A 35 25.38 -16.68 24.99
C ASN A 35 24.07 -17.11 25.58
N ALA A 36 23.74 -16.62 26.76
CA ALA A 36 22.47 -16.99 27.37
C ALA A 36 21.28 -16.48 26.52
N ILE A 37 21.46 -15.26 25.98
CA ILE A 37 20.47 -14.74 25.02
C ILE A 37 20.33 -15.68 23.83
N ARG A 38 21.47 -16.05 23.23
CA ARG A 38 21.49 -16.92 22.08
C ARG A 38 20.71 -18.24 22.35
N PHE A 39 21.01 -18.91 23.46
CA PHE A 39 20.37 -20.21 23.71
C PHE A 39 18.93 -20.16 24.17
N LEU A 40 18.54 -19.12 24.89
CA LEU A 40 17.12 -18.93 25.19
C LEU A 40 16.31 -18.83 23.92
N ALA A 41 16.80 -18.02 22.98
CA ALA A 41 16.15 -17.92 21.68
C ALA A 41 16.15 -19.26 20.91
N ILE A 42 17.32 -19.92 20.84
CA ILE A 42 17.46 -21.15 20.08
C ILE A 42 16.50 -22.21 20.70
N ASP A 43 16.52 -22.33 22.00
CA ASP A 43 15.76 -23.44 22.65
C ASP A 43 14.24 -23.19 22.47
N ALA A 44 13.82 -21.91 22.56
CA ALA A 44 12.42 -21.54 22.36
C ALA A 44 11.91 -21.88 20.97
N ILE A 45 12.72 -21.61 19.97
CA ILE A 45 12.37 -21.83 18.59
C ILE A 45 12.37 -23.32 18.26
N ASN A 46 13.29 -24.07 18.90
CA ASN A 46 13.24 -25.54 18.75
C ASN A 46 11.92 -26.16 19.31
N LYS A 47 11.49 -25.65 20.43
CA LYS A 47 10.29 -26.16 21.02
C LYS A 47 9.04 -25.80 20.23
N SER A 48 9.01 -24.58 19.71
CA SER A 48 7.84 -24.18 18.93
C SER A 48 7.88 -24.82 17.55
N LYS A 49 9.05 -25.27 17.07
CA LYS A 49 9.22 -25.85 15.73
C LYS A 49 8.87 -24.82 14.65
N SER A 50 9.07 -23.58 15.00
CA SER A 50 8.61 -22.45 14.16
C SER A 50 9.30 -21.19 14.65
N GLY A 51 9.88 -20.43 13.71
CA GLY A 51 10.51 -19.17 14.10
C GLY A 51 11.89 -18.95 13.47
N HIS A 52 12.53 -17.88 13.94
CA HIS A 52 13.68 -17.24 13.28
C HIS A 52 14.81 -17.02 14.31
N PRO A 53 15.73 -17.98 14.40
CA PRO A 53 16.82 -17.93 15.36
C PRO A 53 18.05 -17.10 14.89
N GLY A 54 18.24 -16.94 13.59
CA GLY A 54 19.52 -16.37 13.10
C GLY A 54 19.77 -14.92 13.59
N MET A 55 18.76 -14.07 13.46
CA MET A 55 18.94 -12.72 13.83
C MET A 55 19.13 -12.56 15.33
N PRO A 56 18.34 -13.29 16.17
CA PRO A 56 18.59 -13.24 17.61
C PRO A 56 20.03 -13.70 17.99
N MET A 57 20.57 -14.70 17.29
CA MET A 57 21.97 -15.19 17.51
C MET A 57 23.00 -14.08 17.14
N GLY A 58 22.78 -13.41 16.00
CA GLY A 58 23.67 -12.31 15.54
C GLY A 58 23.59 -11.06 16.37
N CYS A 59 22.39 -10.71 16.90
CA CYS A 59 22.16 -9.46 17.64
C CYS A 59 22.32 -9.55 19.16
N ALA A 60 22.58 -10.76 19.68
CA ALA A 60 22.74 -10.98 21.10
C ALA A 60 23.70 -9.99 21.74
N PRO A 61 24.87 -9.70 21.13
CA PRO A 61 25.73 -8.65 21.74
C PRO A 61 25.09 -7.32 21.86
N MET A 62 24.37 -6.88 20.83
CA MET A 62 23.63 -5.64 20.94
C MET A 62 22.61 -5.69 22.05
N GLY A 63 21.96 -6.84 22.18
CA GLY A 63 21.00 -6.94 23.27
C GLY A 63 21.66 -6.79 24.64
N TYR A 64 22.80 -7.45 24.83
CA TYR A 64 23.53 -7.34 26.08
C TYR A 64 23.80 -5.89 26.36
N VAL A 65 24.35 -5.16 25.38
CA VAL A 65 24.69 -3.76 25.66
C VAL A 65 23.51 -2.89 25.90
N LEU A 66 22.52 -3.00 25.01
CA LEU A 66 21.38 -2.20 25.16
C LEU A 66 20.62 -2.44 26.50
N TRP A 67 20.35 -3.68 26.87
CA TRP A 67 19.58 -3.92 28.07
C TRP A 67 20.36 -3.80 29.39
N ASN A 68 21.64 -4.22 29.37
CA ASN A 68 22.42 -4.24 30.63
C ASN A 68 23.16 -2.93 30.88
N GLU A 69 23.53 -2.22 29.82
CA GLU A 69 24.31 -0.97 30.00
C GLU A 69 23.72 0.33 29.56
N VAL A 70 22.89 0.36 28.53
CA VAL A 70 22.55 1.64 27.90
C VAL A 70 21.17 2.13 28.22
N MET A 71 20.16 1.28 28.05
CA MET A 71 18.82 1.75 28.06
C MET A 71 18.28 2.01 29.45
N LYS A 72 17.51 3.06 29.55
CA LYS A 72 16.82 3.47 30.77
C LYS A 72 15.37 2.95 30.77
N TYR A 73 15.05 2.06 31.72
CA TYR A 73 13.75 1.44 31.76
C TYR A 73 13.49 0.79 33.09
N ASN A 74 12.21 0.58 33.38
CA ASN A 74 11.84 -0.15 34.62
C ASN A 74 11.15 -1.42 34.27
N PRO A 75 11.81 -2.58 34.35
CA PRO A 75 11.16 -3.84 33.92
C PRO A 75 9.87 -4.21 34.69
N LYS A 76 9.70 -3.65 35.89
CA LYS A 76 8.46 -3.80 36.68
C LYS A 76 7.50 -2.70 36.50
N ASN A 77 7.78 -1.73 35.63
CA ASN A 77 6.78 -0.79 35.24
C ASN A 77 6.95 -0.45 33.71
N PRO A 78 6.36 -1.28 32.87
CA PRO A 78 6.49 -1.00 31.38
C PRO A 78 5.84 0.32 30.94
N ASP A 79 4.99 0.94 31.80
CA ASP A 79 4.40 2.24 31.55
CA ASP A 79 4.36 2.25 31.57
C ASP A 79 5.12 3.45 32.11
N PHE A 80 6.32 3.24 32.65
CA PHE A 80 7.15 4.36 33.12
C PHE A 80 7.34 5.40 32.04
N PHE A 81 6.77 6.58 32.28
CA PHE A 81 6.61 7.62 31.25
C PHE A 81 7.95 7.88 30.57
N ASN A 82 9.03 8.07 31.37
CA ASN A 82 10.29 8.54 30.80
C ASN A 82 11.27 7.45 30.38
N ARG A 83 10.82 6.22 30.27
CA ARG A 83 11.61 5.13 29.75
C ARG A 83 12.13 5.47 28.34
N ASP A 84 13.33 4.96 28.06
CA ASP A 84 13.77 4.84 26.63
C ASP A 84 12.80 3.90 25.96
N ARG A 85 12.50 4.15 24.68
CA ARG A 85 11.70 3.22 23.89
C ARG A 85 12.54 2.35 23.04
N PHE A 86 12.20 1.10 23.05
CA PHE A 86 12.88 0.13 22.14
C PHE A 86 11.87 -0.46 21.14
N VAL A 87 12.28 -0.52 19.86
CA VAL A 87 11.42 -1.14 18.80
C VAL A 87 12.24 -2.09 17.97
N LEU A 88 11.75 -3.31 17.85
CA LEU A 88 12.32 -4.31 16.99
C LEU A 88 11.59 -4.23 15.62
N SER A 89 12.21 -3.60 14.65
CA SER A 89 11.58 -3.43 13.36
C SER A 89 11.63 -4.72 12.62
N ALA A 90 12.75 -5.43 12.79
CA ALA A 90 12.92 -6.77 12.27
C ALA A 90 12.13 -7.79 13.16
N GLY A 91 10.83 -7.74 13.07
CA GLY A 91 9.92 -8.39 14.03
C GLY A 91 9.96 -9.91 14.01
N HIS A 92 10.43 -10.52 12.94
CA HIS A 92 10.62 -11.96 12.88
C HIS A 92 11.63 -12.39 13.97
N GLY A 93 12.51 -11.51 14.38
CA GLY A 93 13.45 -11.83 15.49
C GLY A 93 12.89 -11.69 16.87
N SER A 94 11.56 -11.90 17.01
CA SER A 94 10.84 -11.63 18.22
C SER A 94 11.49 -12.33 19.48
N MET A 95 12.04 -13.51 19.30
CA MET A 95 12.67 -14.23 20.44
C MET A 95 13.84 -13.44 20.96
N PHE A 96 14.49 -12.58 20.15
CA PHE A 96 15.44 -11.69 20.72
C PHE A 96 14.88 -10.78 21.80
N GLN A 97 13.79 -10.11 21.50
CA GLN A 97 13.22 -9.19 22.45
C GLN A 97 12.63 -9.96 23.63
N TYR A 98 11.96 -11.06 23.37
CA TYR A 98 11.35 -11.81 24.50
C TYR A 98 12.47 -12.31 25.46
N SER A 99 13.57 -12.76 24.88
CA SER A 99 14.77 -13.20 25.71
C SER A 99 15.25 -12.11 26.58
N MET A 100 15.43 -10.88 26.02
CA MET A 100 15.82 -9.75 26.83
C MET A 100 14.85 -9.41 27.91
N MET A 101 13.53 -9.44 27.55
CA MET A 101 12.53 -9.06 28.50
C MET A 101 12.50 -10.07 29.69
N HIS A 102 12.63 -11.34 29.36
CA HIS A 102 12.61 -12.35 30.38
C HIS A 102 13.82 -12.19 31.32
N LEU A 103 14.99 -12.07 30.71
CA LEU A 103 16.27 -11.94 31.48
C LEU A 103 16.29 -10.76 32.41
N THR A 104 15.74 -9.61 32.01
CA THR A 104 15.77 -8.40 32.75
C THR A 104 14.63 -8.26 33.77
N GLY A 105 13.68 -9.20 33.77
CA GLY A 105 12.65 -9.21 34.82
C GLY A 105 11.28 -8.71 34.51
N TYR A 106 10.93 -8.61 33.21
CA TYR A 106 9.57 -8.17 32.88
C TYR A 106 8.60 -9.33 33.27
N ASP A 107 7.55 -8.99 33.98
CA ASP A 107 6.61 -10.01 34.49
C ASP A 107 5.69 -10.52 33.38
N SER A 108 5.64 -9.79 32.25
CA SER A 108 4.98 -10.38 31.09
C SER A 108 5.72 -11.51 30.41
N VAL A 109 7.03 -11.75 30.68
CA VAL A 109 7.72 -12.80 29.96
C VAL A 109 8.50 -13.71 30.94
N PRO A 110 7.75 -14.48 31.74
CA PRO A 110 8.35 -15.44 32.61
C PRO A 110 8.82 -16.58 31.77
N LEU A 111 9.64 -17.44 32.35
CA LEU A 111 10.11 -18.57 31.60
C LEU A 111 9.01 -19.38 30.96
N ASP A 112 7.87 -19.56 31.69
CA ASP A 112 6.79 -20.39 31.15
CA ASP A 112 6.75 -20.37 31.16
C ASP A 112 6.26 -19.80 29.81
N GLN A 113 6.38 -18.49 29.65
CA GLN A 113 5.93 -17.83 28.37
C GLN A 113 7.00 -17.98 27.25
N ILE A 114 8.27 -17.94 27.63
CA ILE A 114 9.33 -18.35 26.71
C ILE A 114 9.07 -19.72 26.12
N LYS A 115 8.61 -20.67 26.96
CA LYS A 115 8.29 -22.00 26.53
C LYS A 115 6.95 -22.17 25.79
N GLN A 116 6.26 -21.06 25.56
CA GLN A 116 5.02 -21.05 24.84
C GLN A 116 5.10 -20.07 23.67
N PHE A 117 6.31 -19.79 23.18
CA PHE A 117 6.47 -19.01 21.92
C PHE A 117 5.58 -19.60 20.84
N ARG A 118 4.80 -18.71 20.18
CA ARG A 118 4.00 -19.05 19.03
C ARG A 118 2.84 -19.99 19.35
N GLN A 119 2.53 -20.11 20.62
CA GLN A 119 1.36 -20.95 20.98
C GLN A 119 0.15 -20.16 21.34
N TRP A 120 -1.02 -20.84 21.25
CA TRP A 120 -2.30 -20.20 21.57
C TRP A 120 -2.35 -19.49 22.92
N ASN A 121 -2.75 -18.25 22.87
CA ASN A 121 -2.93 -17.36 24.00
C ASN A 121 -1.64 -17.12 24.85
N SER A 122 -0.46 -17.39 24.29
CA SER A 122 0.76 -17.00 24.96
C SER A 122 0.98 -15.48 24.87
N LEU A 123 1.89 -14.98 25.71
CA LEU A 123 2.35 -13.64 25.70
C LEU A 123 3.60 -13.47 24.81
N THR A 124 3.87 -14.49 24.01
CA THR A 124 5.05 -14.62 23.15
C THR A 124 4.64 -15.02 21.75
N PRO A 125 3.77 -14.16 21.13
CA PRO A 125 3.40 -14.42 19.74
C PRO A 125 4.59 -14.32 18.75
N GLY A 126 4.42 -14.95 17.62
CA GLY A 126 5.46 -15.03 16.61
C GLY A 126 6.13 -13.73 16.19
N HIS A 127 5.32 -12.66 16.15
CA HIS A 127 5.80 -11.31 16.00
C HIS A 127 5.39 -10.49 17.17
N PRO A 128 6.18 -9.45 17.51
CA PRO A 128 5.89 -8.73 18.70
C PRO A 128 4.64 -7.89 18.55
N GLU A 129 3.81 -7.96 19.59
CA GLU A 129 2.50 -7.33 19.63
C GLU A 129 2.25 -6.55 20.91
N ASN A 130 2.11 -5.24 20.80
CA ASN A 130 1.94 -4.37 21.94
C ASN A 130 0.62 -4.66 22.65
N PHE A 131 -0.37 -5.12 21.89
CA PHE A 131 -1.70 -5.39 22.47
C PHE A 131 -1.73 -6.70 23.27
N VAL A 132 -0.68 -7.54 23.16
CA VAL A 132 -0.56 -8.78 23.88
C VAL A 132 0.37 -8.65 25.06
N THR A 133 1.54 -8.05 24.84
CA THR A 133 2.65 -8.17 25.81
C THR A 133 3.09 -6.84 26.39
N PRO A 134 2.83 -6.56 27.68
CA PRO A 134 3.34 -5.32 28.29
C PRO A 134 4.85 -5.20 28.19
N GLY A 135 5.33 -4.06 27.69
CA GLY A 135 6.75 -3.88 27.47
C GLY A 135 7.12 -3.92 25.98
N VAL A 136 6.26 -4.54 25.17
CA VAL A 136 6.42 -4.41 23.68
C VAL A 136 5.66 -3.15 23.29
N GLU A 137 6.33 -2.20 22.61
CA GLU A 137 5.79 -0.88 22.45
C GLU A 137 4.82 -0.71 21.27
N VAL A 138 5.14 -1.47 20.22
CA VAL A 138 4.35 -1.37 18.98
C VAL A 138 4.24 -2.76 18.38
N THR A 139 3.46 -2.93 17.30
CA THR A 139 3.32 -4.21 16.61
C THR A 139 4.20 -4.20 15.35
N THR A 140 5.10 -5.14 15.27
CA THR A 140 5.99 -5.25 14.13
C THR A 140 5.98 -6.61 13.50
N GLY A 141 6.73 -6.77 12.41
CA GLY A 141 6.63 -8.03 11.59
C GLY A 141 6.60 -7.67 10.13
N PRO A 142 5.57 -6.91 9.74
CA PRO A 142 5.59 -6.36 8.39
C PRO A 142 6.80 -5.42 8.27
N LEU A 143 7.73 -5.77 7.36
CA LEU A 143 9.04 -5.11 7.38
C LEU A 143 8.96 -3.64 7.07
N GLY A 144 9.80 -2.87 7.73
CA GLY A 144 9.77 -1.41 7.64
C GLY A 144 8.87 -0.64 8.56
N GLN A 145 7.82 -1.27 9.12
CA GLN A 145 6.88 -0.53 9.96
C GLN A 145 7.58 0.00 11.23
N GLY A 146 8.39 -0.87 11.88
CA GLY A 146 9.01 -0.56 13.17
C GLY A 146 9.86 0.67 13.15
N ILE A 147 10.76 0.80 12.18
CA ILE A 147 11.60 2.02 12.10
C ILE A 147 10.75 3.30 11.99
N CYS A 148 9.66 3.23 11.21
CA CYS A 148 8.73 4.35 11.09
C CYS A 148 8.07 4.66 12.44
N ASN A 149 7.63 3.60 13.13
CA ASN A 149 6.96 3.79 14.41
C ASN A 149 8.01 4.43 15.40
N ALA A 150 9.27 4.04 15.30
CA ALA A 150 10.34 4.60 16.12
C ALA A 150 10.50 6.10 15.82
N VAL A 151 10.43 6.50 14.54
CA VAL A 151 10.42 7.89 14.22
C VAL A 151 9.28 8.61 14.96
N GLY A 152 8.05 8.05 14.95
CA GLY A 152 6.95 8.65 15.66
C GLY A 152 7.08 8.71 17.19
N LEU A 153 7.70 7.71 17.77
CA LEU A 153 8.01 7.70 19.22
C LEU A 153 9.01 8.85 19.50
N ALA A 154 9.99 9.00 18.62
CA ALA A 154 10.99 10.13 18.76
C ALA A 154 10.35 11.51 18.57
N VAL A 155 9.40 11.65 17.65
CA VAL A 155 8.67 12.82 17.48
C VAL A 155 7.89 13.15 18.76
N ALA A 156 7.19 12.16 19.31
CA ALA A 156 6.46 12.35 20.57
C ALA A 156 7.39 12.92 21.70
N GLU A 157 8.53 12.32 21.84
CA GLU A 157 9.46 12.71 22.92
C GLU A 157 9.94 14.12 22.66
N ALA A 158 10.24 14.43 21.42
CA ALA A 158 10.82 15.74 21.09
C ALA A 158 9.79 16.82 21.30
N HIS A 159 8.56 16.54 20.87
CA HIS A 159 7.47 17.42 21.03
C HIS A 159 7.12 17.73 22.51
N LEU A 160 6.99 16.67 23.32
CA LEU A 160 6.62 16.81 24.73
C LEU A 160 7.78 17.55 25.43
N ALA A 161 9.01 17.21 25.08
CA ALA A 161 10.17 17.91 25.68
C ALA A 161 10.15 19.36 25.39
N ALA A 162 9.84 19.72 24.17
CA ALA A 162 9.85 21.11 23.80
C ALA A 162 8.70 21.88 24.40
N ARG A 163 7.58 21.22 24.63
CA ARG A 163 6.39 21.87 25.20
C ARG A 163 6.46 22.12 26.70
N PHE A 164 7.19 21.26 27.41
CA PHE A 164 7.15 21.16 28.87
C PHE A 164 8.49 21.37 29.57
N ASN A 165 9.63 21.06 28.97
CA ASN A 165 10.89 21.20 29.77
C ASN A 165 11.22 22.66 30.02
N LYS A 166 11.75 22.96 31.22
CA LYS A 166 12.11 24.33 31.54
C LYS A 166 13.60 24.45 31.77
N PRO A 167 14.17 25.60 31.41
CA PRO A 167 15.64 25.61 31.33
C PRO A 167 16.38 25.62 32.69
N ASP A 168 15.68 25.81 33.80
CA ASP A 168 16.30 26.00 35.13
C ASP A 168 16.02 24.90 36.12
N VAL A 169 15.42 23.81 35.67
CA VAL A 169 15.14 22.64 36.49
C VAL A 169 15.45 21.41 35.61
N LYS A 170 15.60 20.27 36.24
CA LYS A 170 15.88 19.01 35.55
C LYS A 170 14.75 18.77 34.53
N PRO A 171 15.08 18.18 33.38
CA PRO A 171 13.97 17.90 32.43
C PRO A 171 12.98 16.89 33.03
N ILE A 172 11.70 17.02 32.66
CA ILE A 172 10.75 15.96 32.99
C ILE A 172 10.50 15.04 31.76
N VAL A 173 10.91 15.51 30.58
CA VAL A 173 10.90 14.63 29.37
C VAL A 173 12.31 14.48 28.82
N ASP A 174 12.84 13.29 28.85
CA ASP A 174 14.17 13.05 28.36
C ASP A 174 14.41 11.60 28.23
N HIS A 175 14.18 11.06 27.01
CA HIS A 175 14.50 9.68 26.68
C HIS A 175 14.83 9.48 25.18
N TYR A 176 15.56 8.42 24.92
CA TYR A 176 16.06 7.96 23.60
C TYR A 176 15.11 6.91 23.03
N THR A 177 15.10 6.84 21.70
CA THR A 177 14.30 5.80 21.02
C THR A 177 15.30 4.96 20.18
N TYR A 178 15.40 3.69 20.54
CA TYR A 178 16.28 2.70 19.93
C TYR A 178 15.46 1.80 19.03
N CYS A 179 16.01 1.51 17.86
CA CYS A 179 15.35 0.57 16.90
C CYS A 179 16.37 -0.34 16.29
N ILE A 180 16.11 -1.62 16.29
CA ILE A 180 16.93 -2.56 15.57
C ILE A 180 16.19 -2.93 14.27
N LEU A 181 16.87 -2.78 13.15
CA LEU A 181 16.32 -3.10 11.85
C LEU A 181 17.34 -3.82 10.98
N GLY A 182 16.89 -4.53 9.99
CA GLY A 182 17.73 -5.35 9.11
C GLY A 182 17.57 -5.04 7.64
N ASP A 183 18.11 -5.92 6.76
CA ASP A 183 18.15 -5.63 5.33
C ASP A 183 16.71 -5.50 4.78
N GLY A 184 15.78 -6.31 5.32
CA GLY A 184 14.42 -6.25 4.81
C GLY A 184 13.80 -4.93 5.04
N CYS A 185 13.95 -4.35 6.25
CA CYS A 185 13.42 -3.05 6.54
C CYS A 185 14.09 -2.00 5.62
N MET A 186 15.39 -2.14 5.40
CA MET A 186 16.14 -1.18 4.57
C MET A 186 15.70 -1.19 3.12
N MET A 187 15.19 -2.31 2.62
CA MET A 187 14.74 -2.39 1.22
C MET A 187 13.34 -1.78 1.05
N GLU A 188 12.50 -1.85 2.11
CA GLU A 188 11.14 -1.37 2.00
C GLU A 188 11.11 0.12 1.84
N GLY A 189 10.37 0.63 0.86
CA GLY A 189 10.30 2.06 0.62
C GLY A 189 9.90 2.87 1.84
N ILE A 190 9.02 2.30 2.64
CA ILE A 190 8.48 3.05 3.83
C ILE A 190 9.64 3.56 4.70
N SER A 191 10.66 2.77 4.83
CA SER A 191 11.76 3.18 5.71
C SER A 191 12.55 4.36 5.14
N ASN A 192 12.75 4.38 3.80
CA ASN A 192 13.40 5.52 3.20
C ASN A 192 12.54 6.78 3.47
N GLU A 193 11.22 6.66 3.37
CA GLU A 193 10.30 7.81 3.61
C GLU A 193 10.47 8.34 5.05
N ALA A 194 10.47 7.40 5.98
CA ALA A 194 10.45 7.81 7.40
C ALA A 194 11.81 8.32 7.80
N CYS A 195 12.87 7.74 7.27
CA CYS A 195 14.21 8.18 7.61
C CYS A 195 14.53 9.50 6.90
N SER A 196 13.93 9.75 5.72
CA SER A 196 14.03 11.09 5.15
C SER A 196 13.42 12.18 6.09
N LEU A 197 12.26 11.89 6.65
CA LEU A 197 11.60 12.80 7.60
C LEU A 197 12.42 12.93 8.85
N ALA A 198 12.98 11.82 9.37
CA ALA A 198 13.71 11.91 10.62
C ALA A 198 14.97 12.75 10.44
N GLY A 199 15.62 12.63 9.30
CA GLY A 199 16.75 13.47 8.97
C GLY A 199 16.34 14.92 8.84
N HIS A 200 15.28 15.19 8.09
CA HIS A 200 14.82 16.52 7.91
C HIS A 200 14.43 17.21 9.27
N TRP A 201 13.84 16.46 10.16
CA TRP A 201 13.45 16.92 11.48
C TRP A 201 14.60 16.94 12.51
N GLY A 202 15.76 16.45 12.16
CA GLY A 202 16.92 16.42 13.06
C GLY A 202 16.74 15.67 14.34
N LEU A 203 16.17 14.43 14.27
CA LEU A 203 15.75 13.75 15.49
C LEU A 203 16.92 13.09 16.15
N GLY A 204 17.64 13.89 16.94
CA GLY A 204 18.87 13.46 17.59
C GLY A 204 18.78 12.44 18.68
N LYS A 205 17.58 12.10 19.13
CA LYS A 205 17.46 11.04 20.13
C LYS A 205 16.98 9.74 19.58
N LEU A 206 16.86 9.69 18.24
CA LEU A 206 16.66 8.41 17.53
C LEU A 206 17.96 7.74 17.17
N ILE A 207 18.14 6.53 17.63
CA ILE A 207 19.32 5.74 17.33
C ILE A 207 18.92 4.40 16.78
N ALA A 208 19.21 4.18 15.49
CA ALA A 208 18.89 2.96 14.79
C ALA A 208 20.07 2.05 14.64
N LEU A 209 19.95 0.85 15.12
CA LEU A 209 21.02 -0.16 14.98
C LEU A 209 20.67 -1.07 13.86
N TYR A 210 21.44 -1.01 12.79
CA TYR A 210 21.24 -1.78 11.60
C TYR A 210 22.04 -3.07 11.64
N ASP A 211 21.32 -4.22 11.71
CA ASP A 211 21.94 -5.51 11.62
C ASP A 211 22.37 -5.86 10.20
N ASP A 212 23.65 -5.58 9.89
CA ASP A 212 24.21 -5.65 8.57
C ASP A 212 24.85 -6.99 8.50
N ASN A 213 24.03 -7.99 8.19
CA ASN A 213 24.47 -9.39 8.21
C ASN A 213 24.42 -10.07 6.85
N LYS A 214 24.50 -9.32 5.75
CA LYS A 214 24.50 -9.82 4.34
C LYS A 214 24.56 -11.34 4.14
N ILE A 215 23.52 -11.87 3.48
CA ILE A 215 22.93 -13.23 3.69
C ILE A 215 21.67 -13.06 4.65
N SER A 216 21.17 -11.80 4.74
CA SER A 216 20.05 -11.36 5.66
C SER A 216 18.66 -11.70 5.20
N ILE A 217 18.59 -11.96 3.90
CA ILE A 217 17.60 -12.77 3.21
C ILE A 217 16.10 -12.60 3.63
N ASP A 218 15.21 -12.29 2.69
CA ASP A 218 15.58 -11.87 1.32
C ASP A 218 15.61 -10.37 1.24
N GLY A 219 16.08 -9.77 0.13
CA GLY A 219 17.09 -10.35 -0.79
C GLY A 219 18.49 -9.72 -0.62
N HIS A 220 19.56 -10.45 -0.90
CA HIS A 220 19.56 -11.90 -1.09
C HIS A 220 20.98 -12.50 -0.83
N THR A 221 21.81 -11.75 -0.06
CA THR A 221 23.29 -11.73 -0.14
C THR A 221 23.68 -10.55 -1.10
N ASP A 222 24.68 -10.70 -1.97
CA ASP A 222 24.90 -9.79 -3.12
C ASP A 222 23.88 -9.91 -4.29
N ILE A 223 22.73 -10.53 -4.03
CA ILE A 223 21.56 -10.54 -4.92
C ILE A 223 20.54 -9.56 -4.24
N SER A 224 19.65 -9.07 -5.09
CA SER A 224 18.93 -7.81 -5.09
C SER A 224 19.36 -6.51 -4.34
N PHE A 225 20.38 -6.53 -3.44
CA PHE A 225 20.58 -5.40 -2.51
C PHE A 225 22.04 -5.10 -2.37
N THR A 226 22.53 -4.25 -3.27
CA THR A 226 23.96 -3.90 -3.30
C THR A 226 24.17 -2.42 -3.10
N GLU A 227 23.11 -1.68 -2.86
CA GLU A 227 23.24 -0.29 -2.58
C GLU A 227 24.13 0.03 -1.37
N ASP A 228 24.67 1.24 -1.38
CA ASP A 228 25.44 1.80 -0.28
C ASP A 228 24.50 2.43 0.73
N VAL A 229 24.07 1.61 1.71
CA VAL A 229 23.10 2.04 2.71
C VAL A 229 23.64 3.22 3.53
N ALA A 230 24.90 3.16 3.98
CA ALA A 230 25.49 4.25 4.73
C ALA A 230 25.44 5.60 3.97
N LYS A 231 25.76 5.54 2.68
CA LYS A 231 25.73 6.73 1.82
C LYS A 231 24.30 7.28 1.66
N ARG A 232 23.34 6.36 1.51
CA ARG A 232 21.93 6.80 1.42
C ARG A 232 21.49 7.50 2.69
N TYR A 233 21.86 6.93 3.84
CA TYR A 233 21.55 7.53 5.12
C TYR A 233 22.21 8.90 5.35
N GLU A 234 23.44 9.06 4.90
CA GLU A 234 24.09 10.41 4.92
C GLU A 234 23.29 11.37 4.08
N ALA A 235 22.79 10.90 2.95
CA ALA A 235 21.99 11.71 2.05
C ALA A 235 20.72 12.15 2.69
N LEU A 236 20.14 11.28 3.49
CA LEU A 236 18.93 11.61 4.22
C LEU A 236 19.09 12.49 5.46
N GLY A 237 20.35 12.84 5.81
CA GLY A 237 20.62 13.73 6.92
C GLY A 237 20.95 13.03 8.23
N TRP A 238 21.27 11.75 8.15
CA TRP A 238 21.69 10.98 9.33
C TRP A 238 23.19 11.02 9.56
N HIS A 239 23.55 10.87 10.84
CA HIS A 239 24.89 10.54 11.24
C HIS A 239 25.08 9.03 11.13
N VAL A 240 26.17 8.58 10.56
CA VAL A 240 26.40 7.17 10.40
C VAL A 240 27.68 6.71 11.07
N ILE A 241 27.56 5.64 11.85
CA ILE A 241 28.68 4.94 12.57
C ILE A 241 28.78 3.52 12.13
N HIS A 242 30.01 3.01 11.95
CA HIS A 242 30.22 1.64 11.48
C HIS A 242 30.84 0.83 12.63
N VAL A 243 30.16 -0.24 12.99
CA VAL A 243 30.70 -1.25 13.93
C VAL A 243 31.00 -2.48 13.15
N ILE A 244 32.25 -2.68 12.79
CA ILE A 244 32.66 -3.70 11.85
C ILE A 244 32.53 -5.12 12.44
N ASN A 245 32.56 -5.20 13.76
CA ASN A 245 32.51 -6.50 14.41
C ASN A 245 31.46 -6.42 15.56
N GLY A 246 30.20 -6.56 15.17
CA GLY A 246 29.14 -6.68 16.13
C GLY A 246 29.04 -8.03 16.83
N ASN A 247 29.86 -9.00 16.45
CA ASN A 247 29.86 -10.32 17.14
C ASN A 247 30.56 -10.26 18.56
N THR A 248 31.73 -9.62 18.62
CA THR A 248 32.52 -9.56 19.87
C THR A 248 32.97 -8.19 20.32
N ASP A 249 32.73 -7.11 19.57
CA ASP A 249 33.24 -5.84 20.00
C ASP A 249 32.24 -5.11 20.87
N VAL A 250 32.08 -5.56 22.12
CA VAL A 250 31.21 -4.87 23.05
C VAL A 250 31.69 -3.46 23.35
N ASP A 251 33.00 -3.27 23.43
CA ASP A 251 33.52 -1.93 23.71
C ASP A 251 33.15 -0.92 22.55
N GLY A 252 33.26 -1.39 21.35
CA GLY A 252 32.95 -0.61 20.18
C GLY A 252 31.44 -0.32 20.07
N LEU A 253 30.62 -1.30 20.43
CA LEU A 253 29.15 -1.02 20.53
C LEU A 253 28.82 -0.03 21.54
N ARG A 254 29.46 -0.08 22.71
CA ARG A 254 29.29 0.94 23.75
C ARG A 254 29.71 2.33 23.26
N ALA A 255 30.87 2.37 22.59
CA ALA A 255 31.41 3.63 22.07
C ALA A 255 30.50 4.21 20.97
N ALA A 256 30.01 3.33 20.10
CA ALA A 256 29.05 3.77 19.04
C ALA A 256 27.81 4.40 19.61
N ILE A 257 27.25 3.80 20.65
CA ILE A 257 26.09 4.39 21.26
C ILE A 257 26.39 5.73 21.93
N ALA A 258 27.57 5.86 22.58
CA ALA A 258 27.93 7.12 23.14
C ALA A 258 28.12 8.25 22.12
N GLN A 259 28.72 7.90 21.03
CA GLN A 259 28.90 8.82 19.92
C GLN A 259 27.54 9.22 19.38
N ALA A 260 26.61 8.25 19.24
CA ALA A 260 25.22 8.58 18.76
C ALA A 260 24.54 9.58 19.68
N LYS A 261 24.68 9.35 20.99
CA LYS A 261 24.13 10.37 21.92
C LYS A 261 24.81 11.74 21.86
N ALA A 262 26.10 11.76 21.53
CA ALA A 262 26.79 13.03 21.49
C ALA A 262 26.42 13.81 20.25
N VAL A 263 25.88 13.16 19.20
CA VAL A 263 25.37 13.89 18.05
C VAL A 263 23.93 14.32 18.32
N LYS A 264 23.70 15.54 18.68
CA LYS A 264 22.38 15.91 19.20
C LYS A 264 21.38 16.34 18.13
N ASP A 265 21.87 16.69 16.97
CA ASP A 265 21.03 17.36 15.98
C ASP A 265 20.72 16.49 14.76
N LYS A 266 21.21 15.23 14.74
CA LYS A 266 20.87 14.25 13.68
C LYS A 266 20.53 12.90 14.27
N PRO A 267 19.52 12.17 13.72
CA PRO A 267 19.39 10.73 13.97
C PRO A 267 20.62 9.97 13.55
N THR A 268 20.95 8.95 14.32
CA THR A 268 22.12 8.14 14.08
C THR A 268 21.81 6.71 13.65
N LEU A 269 22.48 6.27 12.61
CA LEU A 269 22.42 4.93 12.10
C LEU A 269 23.77 4.27 12.51
N ILE A 270 23.66 3.27 13.34
CA ILE A 270 24.82 2.48 13.63
C ILE A 270 24.76 1.22 12.84
N LYS A 271 25.69 1.09 11.93
CA LYS A 271 25.71 -0.04 11.00
C LYS A 271 26.54 -1.12 11.64
N VAL A 272 25.87 -2.16 12.13
CA VAL A 272 26.56 -3.21 12.98
C VAL A 272 26.66 -4.49 12.14
N SER A 273 27.88 -4.84 11.77
CA SER A 273 28.15 -6.02 10.95
C SER A 273 28.14 -7.25 11.86
N THR A 274 27.24 -8.17 11.54
CA THR A 274 27.12 -9.40 12.35
C THR A 274 27.08 -10.58 11.43
N LEU A 275 27.28 -11.76 12.01
CA LEU A 275 27.12 -13.01 11.28
C LEU A 275 25.73 -13.56 11.70
N ILE A 276 24.80 -13.71 10.74
CA ILE A 276 23.47 -14.25 11.09
C ILE A 276 23.79 -15.67 11.65
N GLY A 277 23.12 -16.06 12.71
CA GLY A 277 23.36 -17.40 13.21
C GLY A 277 24.74 -17.55 13.85
N TYR A 278 25.32 -16.43 14.34
CA TYR A 278 26.61 -16.51 15.02
C TYR A 278 26.60 -17.57 16.12
N GLY A 279 27.55 -18.50 16.04
CA GLY A 279 27.70 -19.57 17.08
C GLY A 279 27.49 -20.96 16.47
N SER A 280 26.61 -21.03 15.46
CA SER A 280 26.34 -22.25 14.66
C SER A 280 27.50 -22.61 13.75
N PRO A 281 28.16 -23.76 14.03
CA PRO A 281 29.38 -24.04 13.23
C PRO A 281 29.07 -24.34 11.79
N ASN A 282 27.91 -24.94 11.52
CA ASN A 282 27.49 -25.37 10.18
C ASN A 282 26.46 -24.49 9.47
N LYS A 283 25.65 -23.74 10.22
CA LYS A 283 24.59 -22.91 9.60
C LYS A 283 24.69 -21.37 9.79
N ALA A 284 25.71 -20.90 10.50
CA ALA A 284 25.96 -19.43 10.56
C ALA A 284 26.21 -18.94 9.14
N ASP A 285 25.80 -17.73 8.86
CA ASP A 285 26.01 -17.12 7.54
C ASP A 285 25.29 -17.86 6.40
N SER A 286 24.16 -18.49 6.69
CA SER A 286 23.38 -19.22 5.66
C SER A 286 21.99 -18.62 5.63
N HIS A 287 21.28 -18.78 4.51
CA HIS A 287 19.84 -18.49 4.46
C HIS A 287 19.04 -19.44 5.40
N ASP A 288 19.54 -20.65 5.65
CA ASP A 288 18.74 -21.66 6.40
C ASP A 288 18.41 -21.21 7.81
N VAL A 289 19.35 -20.49 8.41
CA VAL A 289 19.27 -20.07 9.80
C VAL A 289 18.34 -18.82 9.98
N HIS A 290 17.92 -18.22 8.86
CA HIS A 290 17.07 -17.01 8.94
C HIS A 290 15.69 -17.33 9.54
N GLY A 291 15.05 -18.35 8.98
CA GLY A 291 13.62 -18.53 9.26
C GLY A 291 13.16 -19.95 9.53
N ALA A 292 14.08 -20.81 9.94
CA ALA A 292 13.74 -22.19 10.40
C ALA A 292 14.55 -22.47 11.67
N PRO A 293 13.97 -23.28 12.62
CA PRO A 293 14.68 -23.61 13.86
C PRO A 293 16.06 -24.27 13.51
N LEU A 294 17.07 -24.06 14.34
CA LEU A 294 18.34 -24.82 14.18
C LEU A 294 18.13 -26.34 14.14
N GLY A 295 17.23 -26.83 14.98
CA GLY A 295 16.96 -28.26 15.08
C GLY A 295 17.90 -28.92 16.10
N PRO A 296 17.63 -30.20 16.43
CA PRO A 296 18.39 -30.90 17.51
C PRO A 296 19.87 -31.10 17.21
N ASP A 297 20.19 -31.54 16.00
CA ASP A 297 21.60 -31.75 15.67
C ASP A 297 22.44 -30.47 15.75
N GLU A 298 21.94 -29.41 15.11
CA GLU A 298 22.74 -28.20 14.97
C GLU A 298 22.76 -27.48 16.28
N THR A 299 21.71 -27.61 17.08
CA THR A 299 21.71 -27.05 18.43
C THR A 299 22.77 -27.71 19.34
N ALA A 300 22.88 -29.04 19.30
CA ALA A 300 23.97 -29.69 20.08
C ALA A 300 25.36 -29.23 19.57
N ALA A 301 25.49 -29.15 18.24
CA ALA A 301 26.73 -28.60 17.67
C ALA A 301 27.07 -27.19 18.13
N THR A 302 26.02 -26.35 18.26
CA THR A 302 26.18 -24.98 18.66
C THR A 302 26.52 -24.92 20.12
N ARG A 303 25.90 -25.79 20.91
CA ARG A 303 26.22 -25.89 22.33
C ARG A 303 27.73 -26.21 22.53
N LYS A 304 28.19 -27.14 21.68
CA LYS A 304 29.59 -27.59 21.64
C LYS A 304 30.45 -26.37 21.28
N ASN A 305 30.18 -25.83 20.10
CA ASN A 305 30.97 -24.74 19.51
C ASN A 305 31.07 -23.49 20.41
N LEU A 306 30.01 -23.22 21.16
CA LEU A 306 29.98 -22.06 22.08
C LEU A 306 30.32 -22.40 23.52
N ASN A 307 30.72 -23.66 23.79
CA ASN A 307 31.14 -24.12 25.13
C ASN A 307 30.05 -23.85 26.16
N TRP A 308 28.83 -24.25 25.78
CA TRP A 308 27.65 -23.97 26.57
C TRP A 308 27.16 -25.32 27.09
N PRO A 309 27.41 -25.64 28.40
CA PRO A 309 26.95 -26.92 28.97
C PRO A 309 25.50 -26.98 29.45
N TYR A 310 24.83 -25.84 29.55
CA TYR A 310 23.59 -25.71 30.28
C TYR A 310 22.42 -26.24 29.46
N GLY A 311 21.41 -26.74 30.15
CA GLY A 311 20.32 -27.50 29.53
C GLY A 311 19.22 -26.59 28.96
N GLU A 312 18.18 -27.21 28.42
CA GLU A 312 17.10 -26.46 27.72
C GLU A 312 16.50 -25.41 28.59
N PHE A 313 16.50 -24.13 28.12
CA PHE A 313 15.92 -23.01 28.82
C PHE A 313 16.60 -22.72 30.14
N GLU A 314 17.76 -23.30 30.38
CA GLU A 314 18.44 -23.07 31.64
C GLU A 314 19.39 -21.85 31.52
N VAL A 315 18.99 -20.72 32.07
CA VAL A 315 19.86 -19.56 32.16
C VAL A 315 20.67 -19.71 33.47
N PRO A 316 21.99 -19.62 33.39
CA PRO A 316 22.80 -19.69 34.62
C PRO A 316 22.45 -18.61 35.61
N GLN A 317 22.47 -18.92 36.90
CA GLN A 317 22.13 -17.94 37.90
C GLN A 317 22.99 -16.71 37.86
N ASP A 318 24.27 -16.86 37.55
CA ASP A 318 25.16 -15.70 37.53
C ASP A 318 24.75 -14.73 36.36
N VAL A 319 24.16 -15.29 35.31
CA VAL A 319 23.61 -14.44 34.17
C VAL A 319 22.35 -13.71 34.62
N TYR A 320 21.45 -14.38 35.33
CA TYR A 320 20.33 -13.67 35.93
C TYR A 320 20.74 -12.59 36.86
N ASP A 321 21.76 -12.87 37.71
CA ASP A 321 22.17 -11.82 38.65
C ASP A 321 22.67 -10.57 37.91
N VAL A 322 23.28 -10.77 36.74
CA VAL A 322 23.64 -9.59 35.88
C VAL A 322 22.36 -8.92 35.33
N PHE A 323 21.62 -9.67 34.53
CA PHE A 323 20.44 -9.08 33.84
C PHE A 323 19.38 -8.58 34.76
N ARG A 324 19.09 -9.35 35.83
CA ARG A 324 18.13 -8.84 36.83
C ARG A 324 18.56 -7.66 37.63
N GLY A 325 19.80 -7.19 37.47
CA GLY A 325 20.14 -5.88 37.98
C GLY A 325 19.32 -4.76 37.41
N ALA A 326 18.66 -5.02 36.27
CA ALA A 326 17.71 -4.01 35.68
C ALA A 326 16.55 -3.64 36.60
N ILE A 327 16.23 -4.55 37.54
CA ILE A 327 15.13 -4.32 38.48
C ILE A 327 15.49 -3.15 39.39
N LYS A 328 16.63 -3.31 40.06
CA LYS A 328 17.05 -2.28 40.94
C LYS A 328 17.38 -1.04 40.19
N ARG A 329 18.14 -1.15 39.10
CA ARG A 329 18.48 0.07 38.35
C ARG A 329 17.21 0.81 37.89
N GLY A 330 16.22 0.04 37.41
CA GLY A 330 14.93 0.58 36.94
C GLY A 330 14.06 1.28 37.96
N ALA A 331 13.98 0.67 39.15
CA ALA A 331 13.34 1.33 40.27
C ALA A 331 14.03 2.66 40.61
N GLU A 332 15.37 2.70 40.60
CA GLU A 332 16.14 3.93 40.88
C GLU A 332 15.86 4.98 39.82
N GLU A 333 15.94 4.55 38.55
CA GLU A 333 15.68 5.49 37.43
C GLU A 333 14.30 6.13 37.58
N GLU A 334 13.27 5.31 37.86
CA GLU A 334 11.94 5.81 37.98
C GLU A 334 11.77 6.71 39.24
N ALA A 335 12.41 6.34 40.34
CA ALA A 335 12.40 7.25 41.53
C ALA A 335 13.03 8.60 41.27
N ASN A 336 14.16 8.63 40.55
CA ASN A 336 14.83 9.84 40.16
C ASN A 336 13.99 10.67 39.27
N TRP A 337 13.29 10.04 38.30
CA TRP A 337 12.34 10.80 37.49
C TRP A 337 11.21 11.44 38.32
N HIS A 338 10.68 10.70 39.28
CA HIS A 338 9.67 11.27 40.24
C HIS A 338 10.21 12.48 41.03
N LYS A 339 11.47 12.38 41.48
CA LYS A 339 12.16 13.53 42.09
C LYS A 339 12.23 14.73 41.18
N ALA A 340 12.63 14.51 39.93
CA ALA A 340 12.68 15.59 38.96
C ALA A 340 11.30 16.17 38.77
N CYS A 341 10.26 15.35 38.80
CA CYS A 341 8.88 15.82 38.59
C CYS A 341 8.37 16.67 39.78
N ALA A 342 8.63 16.16 40.98
CA ALA A 342 8.36 16.98 42.22
C ALA A 342 9.04 18.39 42.21
N GLU A 343 10.32 18.46 41.80
CA GLU A 343 11.01 19.74 41.71
C GLU A 343 10.46 20.64 40.63
N TYR A 344 10.11 20.04 39.48
CA TYR A 344 9.44 20.81 38.42
C TYR A 344 8.13 21.33 38.88
N LYS A 345 7.34 20.47 39.50
CA LYS A 345 6.00 20.89 40.01
C LYS A 345 6.03 22.04 41.07
N ALA A 346 7.07 21.98 41.90
CA ALA A 346 7.33 23.03 42.90
C ALA A 346 7.43 24.38 42.26
N LYS A 347 8.18 24.48 41.18
CA LYS A 347 8.41 25.73 40.53
C LYS A 347 7.42 26.09 39.39
N TYR A 348 6.74 25.08 38.81
CA TYR A 348 5.88 25.23 37.60
C TYR A 348 4.65 24.37 37.82
N PRO A 349 3.83 24.74 38.81
CA PRO A 349 2.65 23.93 39.18
C PRO A 349 1.55 23.96 38.08
N LYS A 350 1.42 25.07 37.36
CA LYS A 350 0.42 25.12 36.27
C LYS A 350 0.85 24.18 35.11
N GLU A 351 2.09 24.37 34.65
CA GLU A 351 2.63 23.54 33.58
C GLU A 351 2.62 22.06 33.99
N TRP A 352 2.98 21.75 35.23
CA TRP A 352 2.92 20.36 35.69
C TRP A 352 1.51 19.85 35.62
N ALA A 353 0.50 20.67 36.00
CA ALA A 353 -0.87 20.16 35.99
C ALA A 353 -1.30 19.75 34.55
N GLU A 354 -0.88 20.58 33.60
CA GLU A 354 -1.13 20.32 32.15
C GLU A 354 -0.43 19.07 31.72
N PHE A 355 0.79 18.85 32.18
CA PHE A 355 1.58 17.72 31.73
C PHE A 355 0.95 16.45 32.24
N GLU A 356 0.56 16.48 33.51
CA GLU A 356 -0.03 15.32 34.12
C GLU A 356 -1.39 14.92 33.51
N ALA A 357 -2.18 15.91 33.21
CA ALA A 357 -3.51 15.66 32.66
C ALA A 357 -3.35 15.04 31.24
N LEU A 358 -2.47 15.64 30.45
CA LEU A 358 -2.16 15.10 29.07
C LEU A 358 -1.67 13.67 29.12
N THR A 359 -0.56 13.46 29.84
CA THR A 359 0.13 12.19 29.88
C THR A 359 -0.61 11.08 30.59
N SER A 360 -1.69 11.40 31.33
CA SER A 360 -2.60 10.41 31.92
C SER A 360 -3.38 9.67 30.85
N CYS A 361 -3.45 10.25 29.66
CA CYS A 361 -4.24 9.77 28.54
C CYS A 361 -5.74 9.94 28.72
N LYS A 362 -6.21 10.50 29.85
CA LYS A 362 -7.65 10.77 30.03
C LYS A 362 -8.05 11.95 29.21
N LEU A 363 -9.20 11.87 28.55
CA LEU A 363 -9.66 12.94 27.69
C LEU A 363 -10.26 14.02 28.60
N PRO A 364 -10.03 15.31 28.33
CA PRO A 364 -10.50 16.41 29.19
C PRO A 364 -12.01 16.39 29.31
N GLU A 365 -12.51 16.74 30.50
CA GLU A 365 -13.93 16.65 30.72
C GLU A 365 -14.55 17.66 29.81
N ASN A 366 -15.65 17.25 29.19
CA ASN A 366 -16.43 18.15 28.31
C ASN A 366 -15.84 18.49 26.96
N TRP A 367 -14.80 17.75 26.55
CA TRP A 367 -14.19 18.08 25.24
C TRP A 367 -15.24 18.04 24.10
N GLU A 368 -16.18 17.11 24.21
CA GLU A 368 -17.21 16.90 23.17
C GLU A 368 -18.12 18.08 22.90
N ALA A 369 -18.32 18.90 23.93
CA ALA A 369 -19.08 20.16 23.78
C ALA A 369 -18.47 21.12 22.82
N ALA A 370 -17.18 20.97 22.54
CA ALA A 370 -16.50 21.81 21.56
C ALA A 370 -17.03 21.73 20.10
N LEU A 371 -17.72 20.64 19.79
CA LEU A 371 -18.17 20.43 18.43
C LEU A 371 -19.43 21.19 18.15
N PRO A 372 -19.46 21.93 17.04
CA PRO A 372 -20.60 22.72 16.65
C PRO A 372 -21.74 21.89 16.13
N HIS A 373 -22.91 22.52 16.08
CA HIS A 373 -24.16 21.96 15.64
C HIS A 373 -24.63 22.75 14.41
N PHE A 374 -25.42 22.08 13.58
CA PHE A 374 -25.89 22.57 12.31
C PHE A 374 -27.36 22.31 12.25
N LYS A 375 -28.03 23.13 11.47
CA LYS A 375 -29.44 22.92 11.18
C LYS A 375 -29.68 23.05 9.67
N PRO A 376 -30.85 22.57 9.18
CA PRO A 376 -31.01 22.57 7.74
C PRO A 376 -30.91 23.90 7.07
N GLU A 377 -31.26 25.01 7.76
CA GLU A 377 -31.16 26.33 7.07
C GLU A 377 -29.73 26.83 6.96
N ASP A 378 -28.78 26.20 7.66
CA ASP A 378 -27.38 26.57 7.49
C ASP A 378 -26.93 26.14 6.14
N LYS A 379 -26.35 27.03 5.35
CA LYS A 379 -26.00 26.70 3.96
C LYS A 379 -25.03 25.50 4.03
N GLY A 380 -25.19 24.54 3.11
CA GLY A 380 -24.32 23.35 3.06
C GLY A 380 -22.89 23.64 2.70
N LEU A 381 -21.98 22.80 3.22
CA LEU A 381 -20.61 22.87 2.88
C LEU A 381 -20.13 21.44 2.57
N ALA A 382 -18.93 21.36 2.03
CA ALA A 382 -18.31 20.04 1.73
C ALA A 382 -17.91 19.47 3.09
N THR A 383 -18.01 18.17 3.25
CA THR A 383 -17.52 17.58 4.49
C THR A 383 -16.02 17.77 4.71
N ARG A 384 -15.22 18.01 3.64
CA ARG A 384 -13.81 18.32 3.88
C ARG A 384 -13.70 19.71 4.62
N GLN A 385 -14.66 20.60 4.31
CA GLN A 385 -14.72 21.88 5.06
C GLN A 385 -15.25 21.67 6.44
N HIS A 386 -16.31 20.87 6.65
CA HIS A 386 -16.73 20.56 7.97
C HIS A 386 -15.61 19.99 8.85
N SER A 387 -14.79 19.10 8.22
CA SER A 387 -13.69 18.46 8.95
C SER A 387 -12.68 19.56 9.42
N GLN A 388 -12.36 20.52 8.55
CA GLN A 388 -11.54 21.68 8.99
C GLN A 388 -12.15 22.36 10.21
N THR A 389 -13.44 22.63 10.16
CA THR A 389 -14.14 23.17 11.34
C THR A 389 -13.94 22.34 12.57
N MET A 390 -14.12 21.02 12.45
CA MET A 390 -13.96 20.17 13.58
C MET A 390 -12.53 20.15 14.15
N ILE A 391 -11.53 20.16 13.28
CA ILE A 391 -10.13 20.14 13.74
C ILE A 391 -9.83 21.40 14.58
N ASN A 392 -10.26 22.54 14.06
CA ASN A 392 -10.16 23.84 14.78
C ASN A 392 -11.03 23.94 16.05
N ALA A 393 -12.17 23.31 16.10
CA ALA A 393 -12.95 23.23 17.31
C ALA A 393 -12.29 22.35 18.36
N LEU A 394 -11.65 21.24 17.95
CA LEU A 394 -11.08 20.31 18.88
C LEU A 394 -9.71 20.66 19.39
N ALA A 395 -8.89 21.29 18.59
CA ALA A 395 -7.49 21.55 18.92
C ALA A 395 -7.31 22.30 20.28
N PRO A 396 -8.12 23.35 20.53
CA PRO A 396 -8.06 24.01 21.87
C PRO A 396 -8.58 23.17 23.02
N ALA A 397 -9.47 22.22 22.77
CA ALA A 397 -10.02 21.38 23.80
C ALA A 397 -9.19 20.15 24.08
N LEU A 398 -8.32 19.79 23.13
CA LEU A 398 -7.56 18.52 23.20
C LEU A 398 -6.08 18.83 23.10
N PRO A 399 -5.40 18.99 24.26
CA PRO A 399 -4.01 19.39 24.17
C PRO A 399 -3.08 18.39 23.46
N GLY A 400 -3.54 17.13 23.34
CA GLY A 400 -2.75 16.12 22.65
C GLY A 400 -3.02 15.98 21.15
N LEU A 401 -3.95 16.72 20.59
CA LEU A 401 -4.18 16.71 19.12
C LEU A 401 -2.98 17.19 18.34
N ILE A 402 -2.50 16.37 17.45
CA ILE A 402 -1.26 16.62 16.72
C ILE A 402 -1.46 15.97 15.34
N GLY A 403 -0.98 16.56 14.28
CA GLY A 403 -1.13 15.83 12.99
C GLY A 403 -0.87 16.60 11.81
N GLY A 404 -1.13 15.98 10.66
CA GLY A 404 -0.95 16.78 9.47
C GLY A 404 -1.18 15.99 8.22
N SER A 405 -0.56 16.44 7.16
CA SER A 405 -0.96 16.07 5.87
C SER A 405 0.23 15.63 5.01
N ALA A 406 -0.07 14.76 4.01
CA ALA A 406 0.87 14.37 3.01
C ALA A 406 0.82 15.23 1.75
N ASP A 407 1.28 16.48 1.95
CA ASP A 407 1.52 17.48 0.88
C ASP A 407 0.16 17.95 0.33
N LEU A 408 -0.72 18.37 1.23
CA LEU A 408 -2.10 18.59 0.81
C LEU A 408 -3.02 19.62 1.57
N ALA A 409 -2.56 20.27 2.66
CA ALA A 409 -3.46 21.14 3.50
C ALA A 409 -4.29 22.31 2.83
N PRO A 410 -3.86 22.85 1.63
CA PRO A 410 -4.80 23.66 0.78
C PRO A 410 -6.01 22.91 0.15
N SER A 411 -5.78 21.80 -0.57
CA SER A 411 -6.90 20.94 -1.11
C SER A 411 -7.67 20.22 0.04
N ASN A 412 -6.86 19.70 0.97
CA ASN A 412 -7.35 19.02 2.20
C ASN A 412 -8.04 19.97 3.20
N LEU A 413 -7.35 20.94 3.85
CA LEU A 413 -7.95 21.79 4.97
C LEU A 413 -7.82 21.08 6.32
N THR A 414 -6.57 20.80 6.72
CA THR A 414 -6.36 20.01 7.90
C THR A 414 -5.42 20.64 8.89
N LEU A 415 -5.11 21.92 8.74
CA LEU A 415 -4.21 22.62 9.68
C LEU A 415 -4.98 23.04 10.93
N MET A 416 -4.32 22.94 12.08
CA MET A 416 -4.80 23.54 13.30
C MET A 416 -4.26 24.99 13.34
N LYS A 417 -5.17 25.97 13.26
CA LYS A 417 -4.81 27.41 13.34
C LYS A 417 -4.17 27.81 14.64
N ILE A 418 -4.36 27.10 15.75
CA ILE A 418 -3.69 27.51 17.02
C ILE A 418 -2.22 27.15 17.18
N SER A 419 -1.61 26.45 16.22
CA SER A 419 -0.22 26.02 16.34
C SER A 419 0.45 26.31 15.03
N GLY A 420 1.78 26.33 15.05
CA GLY A 420 2.53 26.40 13.82
C GLY A 420 3.03 25.02 13.36
N ASP A 421 4.14 24.99 12.63
CA ASP A 421 4.72 23.81 11.97
C ASP A 421 5.85 23.17 12.76
N PHE A 422 5.67 21.88 13.06
CA PHE A 422 6.72 21.04 13.63
C PHE A 422 7.95 21.00 12.71
N GLN A 423 9.11 21.44 13.21
CA GLN A 423 10.37 21.40 12.47
C GLN A 423 11.48 21.38 13.54
N LYS A 424 12.68 21.04 13.09
CA LYS A 424 13.89 21.27 13.90
C LYS A 424 13.90 22.72 14.41
N GLY A 425 14.07 22.87 15.70
CA GLY A 425 14.01 24.18 16.34
C GLY A 425 12.64 24.61 16.75
N SER A 426 11.56 23.88 16.38
CA SER A 426 10.23 24.23 16.81
C SER A 426 9.38 22.96 17.02
N TYR A 427 9.94 22.08 17.81
CA TYR A 427 9.30 20.80 18.12
C TYR A 427 7.97 20.92 18.91
N ALA A 428 7.70 22.07 19.55
CA ALA A 428 6.51 22.24 20.31
C ALA A 428 5.30 22.43 19.44
N GLU A 429 5.52 22.77 18.17
CA GLU A 429 4.41 23.03 17.22
C GLU A 429 3.75 21.68 16.83
N ARG A 430 2.49 21.78 16.44
CA ARG A 430 1.59 20.65 16.38
C ARG A 430 1.14 20.22 14.97
N ASN A 431 1.42 21.04 13.95
CA ASN A 431 1.14 20.69 12.57
C ASN A 431 2.36 19.99 11.98
N LEU A 432 2.19 18.78 11.46
CA LEU A 432 3.32 18.06 10.85
C LEU A 432 3.13 18.06 9.34
N ARG A 433 4.19 18.34 8.62
CA ARG A 433 4.19 18.31 7.16
C ARG A 433 5.01 17.06 6.74
N PHE A 434 4.31 16.02 6.26
CA PHE A 434 4.94 14.75 5.92
C PHE A 434 5.50 14.69 4.55
N GLY A 435 5.19 15.65 3.68
CA GLY A 435 5.50 15.52 2.31
C GLY A 435 4.69 14.36 1.68
N VAL A 436 5.14 13.92 0.52
CA VAL A 436 4.44 12.94 -0.31
C VAL A 436 4.92 11.53 0.16
N ARG A 437 4.55 11.20 1.42
CA ARG A 437 5.06 10.04 2.09
C ARG A 437 3.91 9.44 2.91
N GLU A 438 2.88 8.95 2.19
CA GLU A 438 1.67 8.57 2.88
C GLU A 438 1.91 7.38 3.83
N HIS A 439 2.70 6.41 3.36
CA HIS A 439 2.84 5.17 4.09
C HIS A 439 3.58 5.50 5.43
N ALA A 440 4.72 6.18 5.31
CA ALA A 440 5.44 6.54 6.52
C ALA A 440 4.58 7.46 7.46
N MET A 441 3.75 8.34 6.88
CA MET A 441 2.88 9.19 7.69
C MET A 441 2.02 8.35 8.62
N GLY A 442 1.39 7.29 8.08
CA GLY A 442 0.60 6.48 8.89
C GLY A 442 1.39 5.74 9.98
N ALA A 443 2.51 5.17 9.62
CA ALA A 443 3.28 4.46 10.63
C ALA A 443 3.87 5.38 11.68
N ILE A 444 4.28 6.57 11.26
CA ILE A 444 4.79 7.59 12.20
C ILE A 444 3.67 7.88 13.21
N CYS A 445 2.46 8.06 12.70
CA CYS A 445 1.31 8.34 13.56
C CYS A 445 1.06 7.20 14.52
N ASN A 446 1.20 5.94 14.11
CA ASN A 446 1.14 4.85 15.05
C ASN A 446 2.08 5.02 16.23
N GLY A 447 3.29 5.41 15.92
CA GLY A 447 4.32 5.63 16.95
C GLY A 447 3.91 6.79 17.90
N ILE A 448 3.41 7.86 17.35
CA ILE A 448 2.98 9.02 18.12
C ILE A 448 1.90 8.54 19.14
N ALA A 449 0.90 7.80 18.65
CA ALA A 449 -0.19 7.27 19.51
C ALA A 449 0.32 6.35 20.60
N LEU A 450 1.19 5.43 20.17
CA LEU A 450 1.63 4.36 21.03
C LEU A 450 2.76 4.74 21.95
N HIS A 451 3.18 5.99 21.85
CA HIS A 451 4.03 6.58 22.96
C HIS A 451 3.27 6.58 24.30
N LYS A 452 1.95 6.54 24.22
CA LYS A 452 1.06 6.38 25.42
C LYS A 452 1.27 7.54 26.35
N SER A 453 1.34 8.69 25.75
CA SER A 453 1.53 9.96 26.47
C SER A 453 0.43 10.93 26.21
N GLY A 454 -0.68 10.47 25.61
CA GLY A 454 -1.81 11.36 25.37
C GLY A 454 -1.98 12.06 24.03
N LEU A 455 -1.04 11.84 23.13
CA LEU A 455 -1.08 12.46 21.86
C LEU A 455 -2.03 11.66 20.97
N ILE A 456 -2.86 12.43 20.30
CA ILE A 456 -3.98 11.98 19.47
C ILE A 456 -3.63 12.43 18.06
N PRO A 457 -3.03 11.49 17.28
CA PRO A 457 -2.57 11.87 15.93
C PRO A 457 -3.61 11.72 14.85
N TYR A 458 -3.71 12.74 14.00
CA TYR A 458 -4.52 12.67 12.80
C TYR A 458 -3.58 12.82 11.60
N CYS A 459 -3.93 12.18 10.47
CA CYS A 459 -3.15 12.41 9.26
C CYS A 459 -4.09 12.38 8.08
N ALA A 460 -3.66 12.98 7.02
CA ALA A 460 -4.58 13.32 5.92
C ALA A 460 -3.96 13.23 4.55
N THR A 461 -4.78 12.78 3.60
CA THR A 461 -4.40 12.82 2.22
C THR A 461 -5.71 12.58 1.42
N PHE A 462 -5.61 12.54 0.12
CA PHE A 462 -6.77 12.15 -0.75
C PHE A 462 -7.06 10.70 -0.36
N TYR A 463 -8.33 10.34 -0.26
CA TYR A 463 -8.75 8.98 0.13
C TYR A 463 -8.12 7.90 -0.77
N ILE A 464 -8.00 8.19 -2.04
CA ILE A 464 -7.44 7.24 -3.02
C ILE A 464 -6.06 6.77 -2.58
N PHE A 465 -5.29 7.63 -1.93
CA PHE A 465 -3.88 7.29 -1.58
C PHE A 465 -3.79 6.48 -0.28
N THR A 466 -4.94 6.15 0.34
CA THR A 466 -4.91 5.11 1.33
C THR A 466 -4.24 3.84 0.79
N ASP A 467 -4.34 3.59 -0.50
CA ASP A 467 -3.70 2.37 -1.05
C ASP A 467 -2.20 2.40 -0.83
N TYR A 468 -1.53 3.59 -0.77
CA TYR A 468 -0.09 3.62 -0.52
C TYR A 468 0.21 3.21 0.94
N MET A 469 -0.72 3.48 1.85
CA MET A 469 -0.46 3.43 3.24
C MET A 469 -1.28 2.32 3.94
N ARG A 470 -1.77 1.35 3.17
CA ARG A 470 -2.71 0.41 3.70
C ARG A 470 -2.15 -0.47 4.85
N ASN A 471 -0.88 -0.93 4.73
CA ASN A 471 -0.36 -1.77 5.84
C ASN A 471 -0.26 -0.97 7.16
N ALA A 472 0.20 0.28 7.10
CA ALA A 472 0.25 1.09 8.35
C ALA A 472 -1.11 1.29 8.95
N MET A 473 -2.10 1.46 8.08
CA MET A 473 -3.48 1.62 8.56
C MET A 473 -3.95 0.36 9.25
N ARG A 474 -3.68 -0.78 8.64
CA ARG A 474 -4.01 -2.05 9.24
C ARG A 474 -3.26 -2.26 10.54
N MET A 475 -2.05 -1.78 10.63
CA MET A 475 -1.34 -1.86 11.89
C MET A 475 -1.97 -0.96 12.96
N SER A 476 -2.55 0.17 12.60
CA SER A 476 -3.32 0.98 13.57
C SER A 476 -4.40 0.11 14.20
N ALA A 477 -5.12 -0.61 13.33
CA ALA A 477 -6.28 -1.42 13.78
C ALA A 477 -5.81 -2.58 14.63
N LEU A 478 -4.73 -3.23 14.22
CA LEU A 478 -4.26 -4.40 14.95
C LEU A 478 -3.64 -3.98 16.27
N SER A 479 -2.86 -2.93 16.25
CA SER A 479 -2.15 -2.44 17.39
C SER A 479 -2.98 -1.58 18.37
N GLU A 480 -4.26 -1.36 18.10
CA GLU A 480 -5.17 -0.61 18.97
C GLU A 480 -4.65 0.81 19.15
N ALA A 481 -4.19 1.38 18.03
CA ALA A 481 -3.75 2.74 18.00
C ALA A 481 -4.86 3.66 17.46
N GLY A 482 -5.23 4.70 18.21
CA GLY A 482 -6.36 5.57 17.86
C GLY A 482 -5.96 6.67 16.87
N VAL A 483 -5.39 6.29 15.69
CA VAL A 483 -5.09 7.25 14.70
C VAL A 483 -6.38 7.65 13.93
N VAL A 484 -6.50 8.95 13.67
CA VAL A 484 -7.62 9.49 12.91
C VAL A 484 -7.15 9.80 11.52
N TYR A 485 -7.70 9.05 10.56
CA TYR A 485 -7.38 9.21 9.16
C TYR A 485 -8.42 10.04 8.48
N VAL A 486 -7.99 11.24 8.05
CA VAL A 486 -8.85 12.27 7.53
C VAL A 486 -8.69 12.32 6.03
N MET A 487 -9.66 11.78 5.27
CA MET A 487 -9.42 11.47 3.85
C MET A 487 -10.37 12.16 2.89
N THR A 488 -9.85 13.15 2.23
CA THR A 488 -10.64 14.02 1.36
C THR A 488 -10.84 13.41 -0.02
N HIS A 489 -11.68 14.06 -0.80
CA HIS A 489 -11.85 13.71 -2.20
C HIS A 489 -12.28 12.24 -2.36
N ASP A 490 -13.34 11.91 -1.65
CA ASP A 490 -13.73 10.53 -1.46
C ASP A 490 -14.31 9.78 -2.64
N SER A 491 -14.61 10.44 -3.76
CA SER A 491 -15.34 9.80 -4.82
C SER A 491 -15.12 10.53 -6.17
N ILE A 492 -15.86 10.06 -7.21
CA ILE A 492 -15.98 10.76 -8.49
C ILE A 492 -16.39 12.21 -8.33
N GLY A 493 -16.90 12.63 -7.16
CA GLY A 493 -17.18 14.04 -6.91
C GLY A 493 -15.96 14.93 -7.02
N LEU A 494 -14.75 14.34 -6.99
CA LEU A 494 -13.56 15.15 -7.27
C LEU A 494 -13.44 15.61 -8.66
N GLY A 495 -14.09 14.96 -9.62
CA GLY A 495 -14.06 15.41 -11.01
C GLY A 495 -12.84 15.10 -11.86
N GLU A 496 -12.26 16.15 -12.43
CA GLU A 496 -11.38 16.03 -13.58
C GLU A 496 -10.06 15.23 -13.40
N ASP A 497 -9.55 15.08 -12.19
CA ASP A 497 -8.31 14.28 -12.07
C ASP A 497 -8.50 12.89 -12.61
N GLY A 498 -9.73 12.37 -12.60
CA GLY A 498 -9.96 11.11 -13.30
C GLY A 498 -9.72 9.85 -12.46
N PRO A 499 -9.75 8.66 -13.09
CA PRO A 499 -9.89 7.41 -12.37
C PRO A 499 -8.65 6.95 -11.58
N THR A 500 -7.51 7.53 -11.88
CA THR A 500 -6.31 7.37 -11.03
C THR A 500 -6.50 7.91 -9.63
N HIS A 501 -7.40 8.86 -9.45
CA HIS A 501 -7.61 9.58 -8.18
C HIS A 501 -8.95 9.30 -7.52
N GLN A 502 -9.84 8.60 -8.23
CA GLN A 502 -11.23 8.45 -7.76
C GLN A 502 -11.45 7.11 -7.06
N PRO A 503 -11.69 7.15 -5.75
CA PRO A 503 -12.00 5.88 -5.03
C PRO A 503 -13.26 5.21 -5.55
N ILE A 504 -13.23 3.88 -5.55
CA ILE A 504 -14.35 3.06 -5.91
C ILE A 504 -14.55 1.96 -4.88
N GLU A 505 -13.54 1.16 -4.70
CA GLU A 505 -13.52 0.02 -3.82
C GLU A 505 -13.14 0.33 -2.37
N HIS A 506 -12.76 1.58 -2.11
CA HIS A 506 -12.09 1.95 -0.87
C HIS A 506 -12.93 1.82 0.38
N LEU A 507 -14.18 2.29 0.32
CA LEU A 507 -15.09 2.15 1.43
C LEU A 507 -15.23 0.66 1.76
N ALA A 508 -15.49 -0.17 0.78
CA ALA A 508 -15.63 -1.63 0.98
C ALA A 508 -14.38 -2.25 1.58
N SER A 509 -13.23 -1.78 1.12
CA SER A 509 -11.97 -2.34 1.57
C SER A 509 -11.70 -2.03 3.02
N PHE A 510 -12.18 -0.89 3.52
CA PHE A 510 -12.04 -0.57 4.91
C PHE A 510 -13.14 -1.07 5.79
N ARG A 511 -14.34 -1.16 5.24
CA ARG A 511 -15.41 -1.87 5.95
C ARG A 511 -15.00 -3.34 6.30
N ALA A 512 -14.36 -4.01 5.36
CA ALA A 512 -13.88 -5.36 5.56
C ALA A 512 -12.75 -5.51 6.56
N MET A 513 -11.92 -4.46 6.69
CA MET A 513 -10.76 -4.48 7.59
C MET A 513 -11.26 -4.61 9.03
N PRO A 514 -10.74 -5.61 9.78
CA PRO A 514 -11.12 -5.71 11.19
C PRO A 514 -10.74 -4.48 12.00
N ASP A 515 -11.63 -4.06 12.94
CA ASP A 515 -11.23 -3.07 13.98
C ASP A 515 -10.76 -1.73 13.41
N MET A 516 -11.29 -1.39 12.24
CA MET A 516 -11.12 -0.07 11.69
C MET A 516 -12.51 0.49 11.43
N LEU A 517 -12.80 1.67 12.00
CA LEU A 517 -14.10 2.32 11.74
C LEU A 517 -13.96 3.05 10.44
N MET A 518 -14.91 2.87 9.55
CA MET A 518 -14.94 3.58 8.27
C MET A 518 -16.16 4.48 8.17
N ILE A 519 -15.98 5.72 8.53
CA ILE A 519 -17.09 6.67 8.63
C ILE A 519 -17.18 7.58 7.41
N ARG A 520 -18.39 7.76 6.85
CA ARG A 520 -18.64 8.59 5.69
C ARG A 520 -19.79 9.56 6.01
N PRO A 521 -19.42 10.68 6.69
CA PRO A 521 -20.49 11.56 7.21
C PRO A 521 -21.21 12.29 6.07
N ALA A 522 -22.53 12.50 6.28
CA ALA A 522 -23.36 13.36 5.46
C ALA A 522 -23.67 14.66 6.25
N GLY A 523 -23.08 15.76 5.79
CA GLY A 523 -23.37 17.11 6.38
C GLY A 523 -22.62 17.43 7.64
N GLY A 524 -22.92 18.61 8.20
CA GLY A 524 -22.15 19.07 9.35
C GLY A 524 -22.29 18.27 10.58
N ASN A 525 -23.52 17.94 10.96
CA ASN A 525 -23.76 17.21 12.19
C ASN A 525 -23.06 15.84 12.18
N GLU A 526 -23.17 15.14 11.06
CA GLU A 526 -22.50 13.84 10.98
C GLU A 526 -20.98 13.96 10.95
N THR A 527 -20.46 15.03 10.43
CA THR A 527 -19.03 15.28 10.50
C THR A 527 -18.56 15.48 11.91
N ALA A 528 -19.33 16.26 12.70
CA ALA A 528 -19.03 16.39 14.11
C ALA A 528 -19.13 15.05 14.77
N GLY A 529 -20.16 14.28 14.41
CA GLY A 529 -20.36 13.00 15.03
C GLY A 529 -19.23 11.99 14.67
N ALA A 530 -18.69 12.11 13.47
CA ALA A 530 -17.51 11.26 13.03
C ALA A 530 -16.30 11.61 13.86
N TYR A 531 -16.03 12.91 14.04
CA TYR A 531 -14.93 13.31 14.91
C TYR A 531 -15.14 12.96 16.41
N LYS A 532 -16.36 13.03 16.88
CA LYS A 532 -16.67 12.65 18.26
C LYS A 532 -16.36 11.20 18.48
N VAL A 533 -16.80 10.36 17.51
CA VAL A 533 -16.44 8.95 17.54
C VAL A 533 -14.90 8.72 17.46
N ALA A 534 -14.23 9.39 16.56
CA ALA A 534 -12.79 9.20 16.31
C ALA A 534 -11.99 9.52 17.60
N ILE A 535 -12.28 10.69 18.20
CA ILE A 535 -11.52 11.11 19.40
C ILE A 535 -11.84 10.22 20.57
N ALA A 536 -13.14 9.85 20.76
CA ALA A 536 -13.48 8.92 21.84
C ALA A 536 -12.72 7.62 21.77
N ASN A 537 -12.42 7.20 20.52
CA ASN A 537 -11.80 5.91 20.31
C ASN A 537 -10.30 5.98 20.39
N ARG A 538 -9.76 6.01 21.62
CA ARG A 538 -8.30 6.05 21.77
C ARG A 538 -7.61 4.70 21.55
N LYS A 539 -8.33 3.62 21.34
CA LYS A 539 -7.74 2.31 21.20
C LYS A 539 -8.18 1.61 19.86
N ARG A 540 -8.70 2.41 18.94
CA ARG A 540 -9.17 1.87 17.65
C ARG A 540 -9.15 3.03 16.65
N PRO A 541 -8.55 2.84 15.44
CA PRO A 541 -8.50 3.88 14.46
C PRO A 541 -9.82 4.12 13.76
N THR A 542 -9.91 5.34 13.26
CA THR A 542 -11.08 5.82 12.52
C THR A 542 -10.61 6.46 11.24
N THR A 543 -11.19 6.02 10.12
CA THR A 543 -11.00 6.63 8.86
C THR A 543 -12.29 7.38 8.51
N ILE A 544 -12.11 8.62 8.11
CA ILE A 544 -13.26 9.47 7.76
C ILE A 544 -13.14 9.88 6.33
N ALA A 545 -14.14 9.48 5.52
CA ALA A 545 -14.16 9.85 4.14
C ALA A 545 -14.97 11.14 3.92
N LEU A 546 -14.35 12.05 3.23
CA LEU A 546 -14.81 13.47 3.10
C LEU A 546 -14.92 13.88 1.64
N SER A 547 -15.95 14.67 1.34
CA SER A 547 -16.25 15.09 -0.01
C SER A 547 -15.51 16.34 -0.41
N ARG A 548 -15.27 16.42 -1.71
CA ARG A 548 -14.78 17.62 -2.34
C ARG A 548 -15.97 18.63 -2.48
N GLN A 549 -17.10 18.10 -2.91
CA GLN A 549 -18.27 18.90 -3.23
C GLN A 549 -19.20 19.23 -2.01
N ASN A 550 -19.95 20.33 -2.14
CA ASN A 550 -20.87 20.72 -1.10
C ASN A 550 -22.03 19.76 -0.96
N MET A 551 -22.63 19.73 0.20
CA MET A 551 -23.84 18.99 0.42
C MET A 551 -24.71 19.70 1.49
N PRO A 552 -26.01 19.52 1.43
CA PRO A 552 -26.91 20.18 2.40
C PRO A 552 -26.85 19.59 3.75
N ASN A 553 -27.27 20.37 4.75
CA ASN A 553 -27.60 19.83 6.05
C ASN A 553 -29.00 19.30 6.03
N ILE A 554 -29.10 17.98 6.06
CA ILE A 554 -30.36 17.31 5.88
C ILE A 554 -31.12 17.20 7.17
N PRO A 555 -32.47 17.36 7.14
CA PRO A 555 -33.13 17.22 8.40
C PRO A 555 -32.97 15.88 9.08
N ASN A 556 -32.78 15.91 10.41
CA ASN A 556 -32.73 14.78 11.33
C ASN A 556 -31.34 14.10 11.33
N CYS A 557 -30.42 14.57 10.49
CA CYS A 557 -29.03 14.11 10.61
C CYS A 557 -28.47 14.63 11.94
N SER A 558 -27.67 13.85 12.64
CA SER A 558 -27.26 14.17 14.00
C SER A 558 -25.91 13.61 14.37
N VAL A 559 -25.26 14.27 15.33
CA VAL A 559 -24.09 13.72 16.02
C VAL A 559 -24.34 12.31 16.55
N GLU A 560 -25.44 12.14 17.29
CA GLU A 560 -25.72 10.88 17.95
C GLU A 560 -26.00 9.71 16.98
N GLY A 561 -26.58 10.04 15.82
CA GLY A 561 -26.92 9.05 14.81
C GLY A 561 -25.63 8.35 14.30
N VAL A 562 -24.57 9.11 14.19
CA VAL A 562 -23.29 8.52 13.73
C VAL A 562 -22.86 7.41 14.66
N ALA A 563 -23.04 7.61 15.99
CA ALA A 563 -22.68 6.59 16.99
C ALA A 563 -23.48 5.31 16.90
N LYS A 564 -24.70 5.35 16.35
CA LYS A 564 -25.52 4.18 16.09
C LYS A 564 -25.12 3.51 14.78
N GLY A 565 -24.36 4.24 13.95
CA GLY A 565 -23.85 3.70 12.71
C GLY A 565 -24.77 3.80 11.52
N ALA A 566 -25.99 3.31 11.72
CA ALA A 566 -27.04 3.56 10.78
C ALA A 566 -28.26 4.05 11.63
N TYR A 567 -28.97 4.99 11.10
CA TYR A 567 -30.16 5.51 11.83
C TYR A 567 -31.14 6.08 10.84
N THR A 568 -32.41 6.11 11.27
CA THR A 568 -33.49 6.59 10.45
C THR A 568 -33.62 8.11 10.51
N ILE A 569 -33.60 8.74 9.36
CA ILE A 569 -33.75 10.16 9.29
C ILE A 569 -35.07 10.61 8.66
N HIS A 570 -35.85 9.70 8.14
CA HIS A 570 -37.15 10.07 7.57
C HIS A 570 -38.06 8.88 7.51
N ASP A 571 -39.32 9.06 7.93
CA ASP A 571 -40.38 8.14 7.61
C ASP A 571 -41.56 8.98 7.08
N THR A 572 -42.23 8.50 6.08
CA THR A 572 -43.38 9.22 5.53
C THR A 572 -44.45 9.48 6.62
N LYS A 573 -44.79 8.45 7.37
CA LYS A 573 -45.80 8.52 8.40
C LYS A 573 -45.29 7.83 9.65
N ALA A 574 -45.28 8.59 10.72
CA ALA A 574 -45.10 8.11 12.04
C ALA A 574 -46.07 6.95 12.31
N GLY A 575 -45.47 5.84 12.70
CA GLY A 575 -46.15 4.62 13.07
C GLY A 575 -46.26 3.60 11.96
N VAL A 576 -46.07 4.01 10.71
CA VAL A 576 -46.43 3.18 9.57
C VAL A 576 -45.17 2.55 8.98
N LYS A 577 -45.30 1.26 8.68
CA LYS A 577 -44.25 0.45 8.12
C LYS A 577 -43.90 0.94 6.72
N PRO A 578 -42.60 1.22 6.46
CA PRO A 578 -42.28 1.52 5.05
C PRO A 578 -42.63 0.49 4.02
N ASP A 579 -42.95 0.94 2.81
CA ASP A 579 -43.03 0.11 1.68
C ASP A 579 -41.58 -0.16 1.12
N VAL A 580 -40.73 0.85 1.20
CA VAL A 580 -39.37 0.74 0.63
C VAL A 580 -38.44 1.43 1.50
N ILE A 581 -37.20 0.93 1.64
CA ILE A 581 -36.23 1.58 2.51
C ILE A 581 -35.09 2.08 1.61
N LEU A 582 -34.76 3.36 1.70
CA LEU A 582 -33.62 3.93 0.93
C LEU A 582 -32.51 4.18 1.94
N MET A 583 -31.30 3.68 1.65
CA MET A 583 -30.15 3.93 2.52
C MET A 583 -29.03 4.67 1.77
N GLY A 584 -28.45 5.70 2.36
CA GLY A 584 -27.37 6.44 1.68
C GLY A 584 -26.28 6.85 2.66
N THR A 585 -25.16 7.27 2.08
CA THR A 585 -24.05 7.76 2.87
C THR A 585 -23.53 9.04 2.26
N GLY A 586 -22.89 9.86 3.12
CA GLY A 586 -22.15 10.99 2.66
C GLY A 586 -22.87 11.85 1.66
N SER A 587 -22.18 12.24 0.60
CA SER A 587 -22.73 13.10 -0.50
C SER A 587 -23.92 12.53 -1.20
N GLU A 588 -24.14 11.21 -1.08
CA GLU A 588 -25.32 10.57 -1.69
C GLU A 588 -26.59 10.51 -0.81
N LEU A 589 -26.51 10.88 0.44
CA LEU A 589 -27.67 10.80 1.32
C LEU A 589 -28.77 11.73 0.72
N GLU A 590 -28.36 12.88 0.22
CA GLU A 590 -29.34 13.78 -0.44
C GLU A 590 -30.08 13.19 -1.60
N LEU A 591 -29.47 12.25 -2.35
CA LEU A 591 -30.15 11.62 -3.45
C LEU A 591 -31.27 10.73 -2.84
N ALA A 592 -31.00 9.99 -1.77
CA ALA A 592 -32.02 9.20 -1.08
C ALA A 592 -33.19 10.10 -0.57
N THR A 593 -32.87 11.23 0.08
CA THR A 593 -33.94 12.11 0.63
C THR A 593 -34.76 12.69 -0.48
N ALA A 594 -34.17 13.08 -1.60
CA ALA A 594 -34.94 13.64 -2.73
C ALA A 594 -35.78 12.56 -3.36
N ALA A 595 -35.19 11.37 -3.59
CA ALA A 595 -35.93 10.26 -4.15
C ALA A 595 -37.10 9.87 -3.26
N ALA A 596 -36.90 9.88 -1.96
CA ALA A 596 -38.01 9.58 -1.02
C ALA A 596 -39.22 10.54 -1.29
N GLY A 597 -38.90 11.79 -1.45
CA GLY A 597 -40.00 12.80 -1.62
C GLY A 597 -40.77 12.48 -2.91
N ILE A 598 -40.09 12.12 -3.98
CA ILE A 598 -40.73 11.81 -5.25
C ILE A 598 -41.61 10.58 -5.11
N LEU A 599 -41.08 9.52 -4.50
CA LEU A 599 -41.81 8.28 -4.28
C LEU A 599 -43.02 8.51 -3.35
N GLU A 600 -42.87 9.37 -2.33
CA GLU A 600 -43.99 9.69 -1.43
C GLU A 600 -45.13 10.38 -2.17
N LYS A 601 -44.79 11.26 -3.08
CA LYS A 601 -45.77 11.97 -3.84
C LYS A 601 -46.59 11.03 -4.73
N GLU A 602 -45.98 9.94 -5.15
CA GLU A 602 -46.78 8.86 -5.83
C GLU A 602 -47.64 8.05 -4.95
N GLY A 603 -47.42 8.01 -3.66
CA GLY A 603 -48.24 7.22 -2.76
C GLY A 603 -47.51 6.18 -1.96
N LYS A 604 -46.16 6.13 -2.04
CA LYS A 604 -45.43 5.16 -1.23
C LYS A 604 -45.12 5.70 0.12
N ASN A 605 -44.98 4.80 1.10
CA ASN A 605 -44.40 5.12 2.39
C ASN A 605 -42.90 4.71 2.27
N VAL A 606 -42.08 5.66 2.61
CA VAL A 606 -40.62 5.53 2.42
C VAL A 606 -39.90 5.75 3.73
N ARG A 607 -38.84 4.95 4.01
CA ARG A 607 -37.98 5.22 5.06
C ARG A 607 -36.60 5.60 4.50
N VAL A 608 -36.00 6.66 5.01
CA VAL A 608 -34.61 6.98 4.62
C VAL A 608 -33.73 6.71 5.81
N VAL A 609 -32.65 5.94 5.56
CA VAL A 609 -31.70 5.56 6.57
C VAL A 609 -30.32 6.13 6.17
N SER A 610 -29.67 6.88 7.07
CA SER A 610 -28.29 7.30 6.86
C SER A 610 -27.41 6.23 7.46
N PHE A 611 -26.34 5.91 6.73
CA PHE A 611 -25.46 4.77 7.06
C PHE A 611 -24.00 5.23 7.22
N PRO A 612 -23.77 6.22 8.08
CA PRO A 612 -22.43 6.72 8.20
C PRO A 612 -21.33 5.74 8.64
N CYS A 613 -21.66 4.73 9.44
CA CYS A 613 -20.62 3.78 9.95
C CYS A 613 -21.18 2.41 10.10
N TRP A 614 -20.85 1.49 9.18
CA TRP A 614 -21.33 0.16 9.22
C TRP A 614 -20.85 -0.54 10.48
N GLU A 615 -19.61 -0.29 10.89
CA GLU A 615 -19.09 -1.00 12.04
C GLU A 615 -19.87 -0.73 13.35
N LEU A 616 -20.25 0.53 13.56
CA LEU A 616 -20.99 0.91 14.73
C LEU A 616 -22.42 0.38 14.69
N PHE A 617 -22.99 0.27 13.49
CA PHE A 617 -24.30 -0.33 13.35
C PHE A 617 -24.29 -1.77 13.78
N GLU A 618 -23.23 -2.51 13.41
CA GLU A 618 -23.15 -3.89 13.80
C GLU A 618 -22.87 -4.11 15.26
N GLU A 619 -22.49 -3.07 15.99
CA GLU A 619 -22.31 -3.16 17.44
C GLU A 619 -23.61 -2.90 18.18
N GLN A 620 -24.66 -2.52 17.45
CA GLN A 620 -25.96 -2.27 18.12
C GLN A 620 -26.70 -3.56 18.42
N SER A 621 -27.76 -3.44 19.25
CA SER A 621 -28.56 -4.60 19.60
C SER A 621 -29.36 -5.08 18.42
N ALA A 622 -29.78 -6.34 18.47
CA ALA A 622 -30.55 -6.90 17.38
C ALA A 622 -31.84 -6.10 17.27
N GLU A 623 -32.42 -5.73 18.40
CA GLU A 623 -33.68 -4.95 18.39
C GLU A 623 -33.50 -3.57 17.68
N TYR A 624 -32.38 -2.92 17.94
CA TYR A 624 -32.07 -1.67 17.27
C TYR A 624 -31.96 -1.87 15.78
N LYS A 625 -31.18 -2.88 15.38
CA LYS A 625 -31.01 -3.13 13.94
C LYS A 625 -32.33 -3.38 13.28
N GLU A 626 -33.17 -4.24 13.91
CA GLU A 626 -34.48 -4.53 13.38
C GLU A 626 -35.38 -3.28 13.31
N SER A 627 -35.20 -2.32 14.22
CA SER A 627 -35.98 -1.05 14.26
C SER A 627 -35.72 -0.19 13.05
N VAL A 628 -34.49 -0.29 12.54
CA VAL A 628 -34.07 0.49 11.34
C VAL A 628 -34.35 -0.24 10.07
N LEU A 629 -34.04 -1.54 10.03
CA LEU A 629 -34.18 -2.36 8.85
C LEU A 629 -35.08 -3.55 9.14
N PRO A 630 -36.40 -3.29 9.19
CA PRO A 630 -37.31 -4.41 9.50
C PRO A 630 -37.18 -5.53 8.51
N SER A 631 -37.08 -6.78 9.02
CA SER A 631 -36.81 -7.94 8.21
C SER A 631 -37.83 -8.30 7.18
N ASP A 632 -39.09 -7.90 7.39
CA ASP A 632 -40.11 -8.20 6.42
C ASP A 632 -40.22 -7.17 5.31
N VAL A 633 -39.38 -6.13 5.33
CA VAL A 633 -39.38 -5.16 4.25
C VAL A 633 -38.11 -5.39 3.43
N THR A 634 -38.28 -6.00 2.28
CA THR A 634 -37.18 -6.40 1.41
C THR A 634 -36.99 -5.51 0.20
N ALA A 635 -37.89 -4.54 0.00
CA ALA A 635 -37.74 -3.51 -1.00
C ALA A 635 -36.77 -2.49 -0.46
N ARG A 636 -35.50 -2.56 -0.88
CA ARG A 636 -34.40 -1.79 -0.30
C ARG A 636 -33.45 -1.33 -1.41
N VAL A 637 -33.05 -0.07 -1.32
CA VAL A 637 -32.12 0.55 -2.24
C VAL A 637 -31.06 1.23 -1.47
N SER A 638 -29.77 0.99 -1.85
CA SER A 638 -28.67 1.75 -1.30
C SER A 638 -28.13 2.70 -2.35
N VAL A 639 -27.55 3.81 -1.92
CA VAL A 639 -26.99 4.80 -2.85
C VAL A 639 -25.72 5.38 -2.29
N GLU A 640 -24.65 5.28 -3.06
CA GLU A 640 -23.35 5.66 -2.60
C GLU A 640 -22.44 5.67 -3.82
N ALA A 641 -21.60 6.71 -3.94
CA ALA A 641 -20.73 6.86 -5.10
C ALA A 641 -19.50 6.00 -4.92
N ALA A 642 -19.77 4.72 -5.00
CA ALA A 642 -18.81 3.66 -4.72
C ALA A 642 -19.44 2.32 -5.12
N THR A 643 -18.68 1.23 -5.03
CA THR A 643 -19.11 -0.05 -5.47
C THR A 643 -20.28 -0.56 -4.66
N SER A 644 -21.11 -1.34 -5.34
CA SER A 644 -22.09 -2.18 -4.71
C SER A 644 -21.57 -3.27 -3.78
N PHE A 645 -20.30 -3.67 -4.01
CA PHE A 645 -19.71 -4.72 -3.16
C PHE A 645 -19.92 -4.44 -1.71
N GLY A 646 -20.43 -5.45 -0.98
CA GLY A 646 -20.67 -5.34 0.45
C GLY A 646 -22.14 -4.99 0.78
N TRP A 647 -22.81 -4.23 -0.05
CA TRP A 647 -24.10 -3.63 0.26
C TRP A 647 -25.20 -4.67 0.41
N ALA A 648 -25.09 -5.83 -0.24
CA ALA A 648 -26.06 -6.91 -0.08
C ALA A 648 -26.28 -7.27 1.36
N LYS A 649 -25.33 -7.02 2.27
CA LYS A 649 -25.53 -7.29 3.68
C LYS A 649 -26.84 -6.55 4.20
N TYR A 650 -27.15 -5.43 3.56
CA TYR A 650 -28.29 -4.59 3.98
C TYR A 650 -29.36 -4.53 2.92
N ILE A 651 -29.01 -4.69 1.62
CA ILE A 651 -30.03 -4.62 0.58
C ILE A 651 -30.54 -5.98 0.18
N GLY A 652 -29.87 -7.07 0.59
CA GLY A 652 -30.24 -8.37 0.19
C GLY A 652 -30.13 -8.72 -1.28
N LEU A 653 -30.59 -9.93 -1.59
CA LEU A 653 -30.67 -10.39 -2.95
C LEU A 653 -31.69 -9.60 -3.78
N LYS A 654 -32.75 -9.12 -3.15
CA LYS A 654 -33.84 -8.42 -3.89
C LYS A 654 -33.65 -6.92 -3.98
N GLY A 655 -32.67 -6.39 -3.27
CA GLY A 655 -32.43 -4.96 -3.26
C GLY A 655 -31.58 -4.50 -4.42
N LYS A 656 -31.42 -3.18 -4.54
CA LYS A 656 -30.66 -2.59 -5.59
C LYS A 656 -29.71 -1.53 -5.04
N HIS A 657 -28.51 -1.43 -5.65
CA HIS A 657 -27.57 -0.37 -5.39
C HIS A 657 -27.49 0.65 -6.51
N VAL A 658 -27.43 1.92 -6.19
CA VAL A 658 -27.15 2.98 -7.11
C VAL A 658 -25.78 3.50 -6.75
N GLY A 659 -24.85 3.23 -7.66
CA GLY A 659 -23.45 3.53 -7.41
C GLY A 659 -22.58 3.36 -8.60
N ILE A 660 -21.31 2.99 -8.37
CA ILE A 660 -20.38 2.85 -9.49
C ILE A 660 -19.45 1.69 -9.08
N ASP A 661 -19.37 0.66 -9.93
CA ASP A 661 -18.58 -0.57 -9.65
C ASP A 661 -17.35 -0.65 -10.57
N THR A 662 -17.33 0.19 -11.57
CA THR A 662 -16.22 0.37 -12.57
C THR A 662 -15.23 1.42 -12.00
N PHE A 663 -14.09 1.59 -12.67
CA PHE A 663 -13.31 2.77 -12.47
C PHE A 663 -14.09 4.02 -12.97
N GLY A 664 -13.66 5.20 -12.57
CA GLY A 664 -14.32 6.45 -12.97
C GLY A 664 -13.81 6.94 -14.35
N ALA A 665 -13.71 8.20 -14.47
CA ALA A 665 -13.40 8.93 -15.74
C ALA A 665 -13.00 10.36 -15.48
N SER A 666 -12.29 10.95 -16.42
CA SER A 666 -11.81 12.33 -16.32
C SER A 666 -12.81 13.31 -16.99
N ALA A 667 -13.61 13.91 -16.19
CA ALA A 667 -14.64 14.93 -16.60
C ALA A 667 -15.07 15.68 -15.38
N PRO A 668 -15.80 16.81 -15.53
CA PRO A 668 -16.31 17.53 -14.38
C PRO A 668 -17.28 16.64 -13.55
N ALA A 669 -17.33 16.84 -12.25
CA ALA A 669 -18.07 15.92 -11.37
C ALA A 669 -19.56 15.82 -11.70
N PRO A 670 -20.18 16.97 -12.01
CA PRO A 670 -21.60 16.79 -12.38
C PRO A 670 -21.84 15.90 -13.56
N THR A 671 -20.99 15.99 -14.54
CA THR A 671 -21.05 15.12 -15.68
C THR A 671 -20.84 13.67 -15.28
N LEU A 672 -19.86 13.42 -14.39
CA LEU A 672 -19.62 12.05 -13.99
C LEU A 672 -20.84 11.43 -13.29
N TYR A 673 -21.48 12.18 -12.43
CA TYR A 673 -22.65 11.68 -11.69
C TYR A 673 -23.75 11.34 -12.68
N GLU A 674 -23.97 12.18 -13.67
CA GLU A 674 -25.01 11.89 -14.65
C GLU A 674 -24.70 10.71 -15.56
N LYS A 675 -23.47 10.65 -16.09
CA LYS A 675 -23.09 9.57 -16.97
C LYS A 675 -23.07 8.21 -16.30
N PHE A 676 -22.62 8.18 -15.04
CA PHE A 676 -22.58 6.94 -14.29
C PHE A 676 -23.87 6.56 -13.61
N GLY A 677 -24.89 7.39 -13.84
CA GLY A 677 -26.21 7.04 -13.35
C GLY A 677 -26.44 7.22 -11.89
N ILE A 678 -25.69 8.09 -11.21
CA ILE A 678 -25.81 8.28 -9.78
C ILE A 678 -26.66 9.51 -9.55
N THR A 679 -27.98 9.29 -9.70
CA THR A 679 -28.91 10.45 -9.78
C THR A 679 -30.17 10.14 -8.98
N VAL A 680 -30.89 11.21 -8.64
CA VAL A 680 -32.20 11.07 -7.98
C VAL A 680 -33.10 10.10 -8.78
N ASN A 681 -33.20 10.33 -10.09
CA ASN A 681 -34.06 9.50 -10.92
CA ASN A 681 -34.06 9.50 -10.89
C ASN A 681 -33.66 8.04 -10.91
N HIS A 682 -32.34 7.75 -10.84
CA HIS A 682 -31.98 6.32 -10.77
C HIS A 682 -32.41 5.71 -9.40
N VAL A 683 -32.35 6.47 -8.29
CA VAL A 683 -32.81 5.95 -6.99
C VAL A 683 -34.33 5.63 -7.11
N VAL A 684 -35.06 6.57 -7.71
CA VAL A 684 -36.53 6.39 -7.85
C VAL A 684 -36.83 5.12 -8.65
N GLU A 685 -36.20 4.95 -9.82
CA GLU A 685 -36.36 3.77 -10.68
CA GLU A 685 -36.40 3.77 -10.64
C GLU A 685 -35.94 2.47 -9.98
N ALA A 686 -34.82 2.51 -9.25
CA ALA A 686 -34.37 1.35 -8.50
C ALA A 686 -35.41 0.95 -7.42
N ALA A 687 -35.95 1.95 -6.72
CA ALA A 687 -36.94 1.68 -5.72
C ALA A 687 -38.18 1.02 -6.32
N LYS A 688 -38.61 1.52 -7.48
CA LYS A 688 -39.76 0.92 -8.18
C LYS A 688 -39.49 -0.51 -8.60
N ALA A 689 -38.26 -0.80 -9.07
CA ALA A 689 -37.87 -2.16 -9.40
C ALA A 689 -37.89 -3.10 -8.20
N THR A 690 -37.38 -2.65 -7.05
CA THR A 690 -37.35 -3.52 -5.85
C THR A 690 -38.78 -3.80 -5.34
N LEU A 691 -39.71 -2.87 -5.57
CA LEU A 691 -41.17 -3.04 -5.22
C LEU A 691 -41.84 -4.03 -6.13
N GLN A 692 -41.23 -4.32 -7.26
CA GLN A 692 -41.30 -5.58 -8.03
C GLN A 692 -42.28 -5.43 -9.14
N SER B 24 20.68 22.33 -38.55
CA SER B 24 19.21 22.04 -38.72
C SER B 24 18.36 23.24 -38.23
N ILE B 25 18.74 23.92 -37.12
CA ILE B 25 17.87 24.91 -36.44
C ILE B 25 18.56 25.99 -35.57
N SER B 26 18.06 27.21 -35.64
CA SER B 26 18.64 28.32 -34.88
C SER B 26 18.15 28.39 -33.43
N ARG B 27 18.88 29.11 -32.59
CA ARG B 27 18.52 29.25 -31.18
C ARG B 27 17.19 29.99 -30.99
N ASP B 28 16.87 30.93 -31.86
CA ASP B 28 15.62 31.68 -31.73
C ASP B 28 14.40 30.82 -32.07
N GLU B 29 14.54 29.99 -33.10
CA GLU B 29 13.51 29.04 -33.52
C GLU B 29 13.35 27.86 -32.52
N VAL B 30 14.44 27.50 -31.84
CA VAL B 30 14.29 26.55 -30.68
C VAL B 30 13.46 27.20 -29.63
N GLU B 31 13.81 28.42 -29.26
CA GLU B 31 13.07 29.16 -28.26
C GLU B 31 11.58 29.30 -28.62
N LYS B 32 11.31 29.52 -29.91
CA LYS B 32 9.92 29.70 -30.32
C LYS B 32 9.14 28.37 -30.09
N CYS B 33 9.81 27.29 -30.50
CA CYS B 33 9.30 25.90 -30.34
C CYS B 33 9.04 25.56 -28.86
N ILE B 34 9.98 25.97 -28.00
CA ILE B 34 9.82 25.81 -26.57
C ILE B 34 8.64 26.56 -26.08
N ASN B 35 8.48 27.82 -26.53
CA ASN B 35 7.30 28.53 -26.07
C ASN B 35 5.96 28.02 -26.61
N ALA B 36 5.97 27.38 -27.74
CA ALA B 36 4.71 26.81 -28.25
C ALA B 36 4.22 25.71 -27.31
N ILE B 37 5.19 24.89 -26.83
CA ILE B 37 4.82 23.84 -25.84
C ILE B 37 4.18 24.50 -24.63
N ARG B 38 4.83 25.54 -24.13
CA ARG B 38 4.34 26.25 -22.96
C ARG B 38 2.89 26.75 -23.14
N PHE B 39 2.64 27.42 -24.28
CA PHE B 39 1.31 28.10 -24.41
C PHE B 39 0.20 27.12 -24.80
N LEU B 40 0.52 26.06 -25.50
CA LEU B 40 -0.46 24.98 -25.67
C LEU B 40 -0.93 24.43 -24.34
N ALA B 41 0.01 24.17 -23.40
CA ALA B 41 -0.38 23.74 -22.04
C ALA B 41 -1.19 24.76 -21.29
N ILE B 42 -0.70 26.00 -21.28
CA ILE B 42 -1.38 27.06 -20.59
C ILE B 42 -2.87 27.25 -21.11
N ASP B 43 -3.00 27.34 -22.41
CA ASP B 43 -4.34 27.64 -23.00
C ASP B 43 -5.27 26.42 -22.76
N ALA B 44 -4.74 25.20 -22.86
CA ALA B 44 -5.57 24.01 -22.56
C ALA B 44 -6.13 24.04 -21.15
N ILE B 45 -5.31 24.41 -20.17
CA ILE B 45 -5.68 24.41 -18.78
C ILE B 45 -6.57 25.56 -18.39
N ASN B 46 -6.37 26.71 -19.04
CA ASN B 46 -7.39 27.76 -18.95
C ASN B 46 -8.78 27.35 -19.44
N LYS B 47 -8.84 26.67 -20.57
CA LYS B 47 -10.11 26.24 -21.12
C LYS B 47 -10.80 25.21 -20.22
N SER B 48 -10.05 24.24 -19.71
CA SER B 48 -10.60 23.22 -18.81
C SER B 48 -10.91 23.74 -17.46
N LYS B 49 -10.29 24.84 -17.08
CA LYS B 49 -10.42 25.40 -15.79
C LYS B 49 -9.97 24.41 -14.72
N SER B 50 -9.04 23.55 -15.10
CA SER B 50 -8.62 22.49 -14.18
C SER B 50 -7.31 22.02 -14.70
N GLY B 51 -6.35 21.90 -13.80
CA GLY B 51 -5.09 21.30 -14.16
C GLY B 51 -3.85 22.05 -13.65
N HIS B 52 -2.71 21.67 -14.22
CA HIS B 52 -1.39 21.86 -13.65
C HIS B 52 -0.45 22.42 -14.66
N PRO B 53 -0.35 23.77 -14.76
CA PRO B 53 0.47 24.37 -15.81
C PRO B 53 1.93 24.57 -15.50
N GLY B 54 2.27 24.60 -14.24
CA GLY B 54 3.63 25.00 -13.82
C GLY B 54 4.70 24.03 -14.23
N MET B 55 4.45 22.73 -14.07
CA MET B 55 5.43 21.76 -14.54
C MET B 55 5.65 21.76 -16.07
N PRO B 56 4.58 21.77 -16.89
CA PRO B 56 4.80 21.82 -18.30
C PRO B 56 5.60 23.09 -18.74
N MET B 57 5.38 24.19 -18.09
CA MET B 57 6.07 25.46 -18.40
C MET B 57 7.58 25.31 -18.09
N GLY B 58 7.89 24.69 -16.95
CA GLY B 58 9.31 24.43 -16.59
C GLY B 58 9.99 23.39 -17.42
N CYS B 59 9.28 22.35 -17.86
CA CYS B 59 9.83 21.26 -18.61
C CYS B 59 9.83 21.41 -20.09
N ALA B 60 9.22 22.48 -20.61
CA ALA B 60 9.16 22.63 -22.07
C ALA B 60 10.53 22.48 -22.80
N PRO B 61 11.64 23.04 -22.23
CA PRO B 61 12.93 22.82 -22.91
C PRO B 61 13.31 21.36 -23.03
N MET B 62 13.12 20.58 -21.95
CA MET B 62 13.32 19.15 -22.06
C MET B 62 12.44 18.52 -23.09
N GLY B 63 11.19 18.96 -23.18
CA GLY B 63 10.31 18.36 -24.21
C GLY B 63 10.82 18.62 -25.63
N TYR B 64 11.26 19.86 -25.84
CA TYR B 64 11.87 20.23 -27.13
C TYR B 64 12.99 19.31 -27.48
N VAL B 65 13.94 19.15 -26.53
CA VAL B 65 15.09 18.29 -26.85
C VAL B 65 14.79 16.86 -27.05
N LEU B 66 13.99 16.29 -26.10
CA LEU B 66 13.61 14.95 -26.20
C LEU B 66 12.88 14.57 -27.54
N TRP B 67 11.83 15.30 -27.83
CA TRP B 67 10.96 15.01 -28.97
C TRP B 67 11.58 15.44 -30.30
N ASN B 68 12.27 16.57 -30.30
CA ASN B 68 12.83 17.01 -31.63
C ASN B 68 14.21 16.49 -31.95
N GLU B 69 15.03 16.17 -30.94
CA GLU B 69 16.43 15.80 -31.19
C GLU B 69 16.87 14.44 -30.71
N VAL B 70 16.31 13.89 -29.63
CA VAL B 70 16.85 12.68 -29.03
C VAL B 70 16.07 11.43 -29.26
N MET B 71 14.76 11.45 -28.98
CA MET B 71 14.01 10.22 -28.98
C MET B 71 13.70 9.64 -30.37
N LYS B 72 13.78 8.36 -30.45
CA LYS B 72 13.52 7.56 -31.63
C LYS B 72 12.08 7.03 -31.55
N TYR B 73 11.22 7.45 -32.47
CA TYR B 73 9.81 7.04 -32.39
C TYR B 73 9.13 7.33 -33.69
N ASN B 74 7.97 6.75 -33.89
CA ASN B 74 7.13 7.08 -35.09
C ASN B 74 5.79 7.60 -34.64
N PRO B 75 5.56 8.89 -34.78
CA PRO B 75 4.28 9.41 -34.33
C PRO B 75 3.05 8.84 -35.05
N LYS B 76 3.22 8.24 -36.23
CA LYS B 76 2.09 7.59 -36.93
C LYS B 76 2.05 6.15 -36.68
N ASN B 77 2.99 5.61 -35.86
CA ASN B 77 2.90 4.26 -35.42
C ASN B 77 3.34 4.17 -33.94
N PRO B 78 2.41 4.46 -33.03
CA PRO B 78 2.77 4.31 -31.56
C PRO B 78 3.17 2.90 -31.12
N ASP B 79 2.85 1.89 -31.90
CA ASP B 79 3.27 0.53 -31.61
CA ASP B 79 3.25 0.51 -31.65
C ASP B 79 4.58 0.06 -32.26
N PHE B 80 5.34 0.97 -32.88
CA PHE B 80 6.69 0.60 -33.45
C PHE B 80 7.55 -0.09 -32.39
N PHE B 81 7.89 -1.33 -32.63
CA PHE B 81 8.46 -2.21 -31.60
C PHE B 81 9.66 -1.52 -30.97
N ASN B 82 10.55 -0.94 -31.80
CA ASN B 82 11.83 -0.53 -31.31
C ASN B 82 11.90 0.91 -31.00
N ARG B 83 10.77 1.60 -30.80
CA ARG B 83 10.77 2.97 -30.37
C ARG B 83 11.42 3.09 -28.94
N ASP B 84 11.99 4.26 -28.69
CA ASP B 84 12.34 4.65 -27.32
C ASP B 84 10.98 4.77 -26.62
N ARG B 85 10.97 4.45 -25.32
CA ARG B 85 9.80 4.65 -24.47
C ARG B 85 9.94 5.88 -23.62
N PHE B 86 8.89 6.68 -23.54
CA PHE B 86 8.81 7.85 -22.66
C PHE B 86 7.72 7.62 -21.61
N VAL B 87 8.06 7.91 -20.35
CA VAL B 87 7.05 7.89 -19.27
C VAL B 87 7.07 9.20 -18.47
N LEU B 88 5.91 9.80 -18.30
CA LEU B 88 5.76 10.96 -17.45
C LEU B 88 5.34 10.46 -16.06
N SER B 89 6.29 10.33 -15.14
CA SER B 89 5.95 9.87 -13.83
C SER B 89 5.21 10.91 -13.04
N ALA B 90 5.57 12.15 -13.29
CA ALA B 90 4.90 13.29 -12.78
C ALA B 90 3.61 13.54 -13.59
N GLY B 91 2.62 12.65 -13.39
CA GLY B 91 1.47 12.55 -14.33
C GLY B 91 0.53 13.78 -14.32
N HIS B 92 0.51 14.51 -13.24
CA HIS B 92 -0.29 15.78 -13.17
C HIS B 92 0.13 16.76 -14.26
N GLY B 93 1.36 16.68 -14.70
CA GLY B 93 1.82 17.49 -15.83
C GLY B 93 1.43 16.95 -17.22
N SER B 94 0.30 16.25 -17.30
CA SER B 94 -0.14 15.60 -18.50
C SER B 94 -0.16 16.52 -19.77
N MET B 95 -0.53 17.80 -19.60
CA MET B 95 -0.53 18.75 -20.73
C MET B 95 0.85 18.87 -21.38
N PHE B 96 1.95 18.65 -20.62
CA PHE B 96 3.25 18.45 -21.26
C PHE B 96 3.30 17.39 -22.32
N GLN B 97 2.90 16.17 -21.98
CA GLN B 97 3.01 15.09 -22.88
C GLN B 97 1.99 15.27 -24.08
N TYR B 98 0.78 15.71 -23.77
CA TYR B 98 -0.20 15.86 -24.82
C TYR B 98 0.26 16.96 -25.81
N SER B 99 0.88 18.00 -25.28
CA SER B 99 1.46 19.10 -26.17
C SER B 99 2.51 18.54 -27.10
N MET B 100 3.42 17.67 -26.57
CA MET B 100 4.41 17.08 -27.41
C MET B 100 3.84 16.18 -28.46
N MET B 101 2.82 15.40 -28.05
CA MET B 101 2.29 14.39 -28.94
C MET B 101 1.52 15.13 -30.09
N HIS B 102 0.80 16.17 -29.72
CA HIS B 102 0.09 16.94 -30.77
C HIS B 102 1.08 17.58 -31.79
N LEU B 103 2.08 18.24 -31.22
CA LEU B 103 3.12 18.91 -32.04
C LEU B 103 3.83 18.00 -33.01
N THR B 104 4.17 16.80 -32.60
CA THR B 104 4.91 15.92 -33.38
C THR B 104 4.10 15.02 -34.31
N GLY B 105 2.77 15.17 -34.28
CA GLY B 105 1.86 14.53 -35.22
C GLY B 105 1.19 13.23 -34.85
N TYR B 106 1.09 12.90 -33.54
CA TYR B 106 0.36 11.70 -33.17
C TYR B 106 -1.12 11.96 -33.47
N ASP B 107 -1.73 10.97 -34.09
CA ASP B 107 -3.14 11.08 -34.55
C ASP B 107 -4.13 11.01 -33.40
N SER B 108 -3.69 10.49 -32.23
CA SER B 108 -4.53 10.55 -31.02
C SER B 108 -4.67 11.88 -30.34
N VAL B 109 -3.81 12.87 -30.66
CA VAL B 109 -3.93 14.16 -30.00
C VAL B 109 -3.94 15.30 -31.06
N PRO B 110 -4.97 15.29 -31.91
CA PRO B 110 -5.19 16.53 -32.68
C PRO B 110 -5.55 17.75 -31.83
N LEU B 111 -5.56 18.96 -32.43
CA LEU B 111 -5.85 20.14 -31.70
C LEU B 111 -7.24 20.10 -31.00
N ASP B 112 -8.24 19.42 -31.63
CA ASP B 112 -9.58 19.38 -31.04
C ASP B 112 -9.52 18.68 -29.66
N GLN B 113 -8.62 17.71 -29.55
CA GLN B 113 -8.39 16.92 -28.27
C GLN B 113 -7.61 17.74 -27.23
N ILE B 114 -6.64 18.58 -27.64
CA ILE B 114 -6.05 19.57 -26.73
C ILE B 114 -7.11 20.46 -26.14
N LYS B 115 -8.13 20.83 -26.93
CA LYS B 115 -9.19 21.70 -26.47
C LYS B 115 -10.26 20.93 -25.74
N GLN B 116 -10.04 19.64 -25.49
CA GLN B 116 -10.96 18.92 -24.60
C GLN B 116 -10.19 18.27 -23.50
N PHE B 117 -9.07 18.84 -23.11
CA PHE B 117 -8.39 18.35 -21.85
C PHE B 117 -9.38 18.24 -20.69
N ARG B 118 -9.35 17.06 -20.02
CA ARG B 118 -10.12 16.85 -18.79
C ARG B 118 -11.67 16.82 -19.03
N GLN B 119 -12.07 16.65 -20.27
CA GLN B 119 -13.49 16.58 -20.59
C GLN B 119 -13.92 15.19 -20.93
N TRP B 120 -15.22 14.99 -20.76
CA TRP B 120 -15.82 13.72 -21.00
C TRP B 120 -15.53 13.08 -22.36
N ASN B 121 -15.04 11.86 -22.33
CA ASN B 121 -14.68 11.04 -23.44
C ASN B 121 -13.58 11.67 -24.35
N SER B 122 -12.81 12.60 -23.84
CA SER B 122 -11.65 13.07 -24.57
C SER B 122 -10.49 12.05 -24.52
N LEU B 123 -9.53 12.21 -25.42
CA LEU B 123 -8.32 11.44 -25.44
C LEU B 123 -7.20 12.14 -24.65
N THR B 124 -7.55 13.16 -23.87
CA THR B 124 -6.66 14.02 -23.08
C THR B 124 -7.16 14.05 -21.61
N PRO B 125 -7.21 12.89 -20.91
CA PRO B 125 -7.66 12.91 -19.50
C PRO B 125 -6.65 13.66 -18.61
N GLY B 126 -7.08 14.06 -17.44
CA GLY B 126 -6.28 14.81 -16.49
C GLY B 126 -4.93 14.20 -16.15
N HIS B 127 -4.87 12.89 -16.09
CA HIS B 127 -3.60 12.14 -15.92
C HIS B 127 -3.42 11.23 -17.11
N PRO B 128 -2.18 10.93 -17.48
CA PRO B 128 -1.99 10.14 -18.69
C PRO B 128 -2.39 8.68 -18.54
N GLU B 129 -3.11 8.16 -19.53
CA GLU B 129 -3.74 6.88 -19.47
C GLU B 129 -3.50 6.12 -20.76
N ASN B 130 -2.70 5.09 -20.67
CA ASN B 130 -2.35 4.20 -21.82
C ASN B 130 -3.63 3.54 -22.47
N PHE B 131 -4.64 3.32 -21.65
CA PHE B 131 -5.87 2.66 -22.04
C PHE B 131 -6.79 3.61 -22.78
N VAL B 132 -6.49 4.92 -22.78
CA VAL B 132 -7.24 5.89 -23.53
C VAL B 132 -6.51 6.39 -24.77
N THR B 133 -5.23 6.72 -24.61
CA THR B 133 -4.52 7.57 -25.57
C THR B 133 -3.36 6.79 -26.23
N PRO B 134 -3.50 6.37 -27.50
CA PRO B 134 -2.36 5.71 -28.20
C PRO B 134 -1.14 6.62 -28.23
N GLY B 135 -0.02 6.05 -27.76
CA GLY B 135 1.20 6.81 -27.62
C GLY B 135 1.58 7.11 -26.16
N VAL B 136 0.61 6.94 -25.27
CA VAL B 136 0.90 7.03 -23.79
C VAL B 136 1.17 5.58 -23.43
N GLU B 137 2.33 5.29 -22.75
CA GLU B 137 2.79 3.97 -22.57
C GLU B 137 2.18 3.22 -21.39
N VAL B 138 1.97 4.04 -20.34
CA VAL B 138 1.47 3.49 -19.04
C VAL B 138 0.54 4.50 -18.44
N THR B 139 -0.07 4.17 -17.28
CA THR B 139 -0.90 5.10 -16.58
C THR B 139 -0.19 5.65 -15.37
N THR B 140 -0.11 6.96 -15.30
CA THR B 140 0.54 7.66 -14.19
C THR B 140 -0.36 8.70 -13.57
N GLY B 141 0.14 9.37 -12.52
CA GLY B 141 -0.72 10.25 -11.73
C GLY B 141 -0.46 10.00 -10.24
N PRO B 142 -0.70 8.74 -9.79
CA PRO B 142 -0.23 8.33 -8.47
C PRO B 142 1.29 8.39 -8.46
N LEU B 143 1.81 9.23 -7.60
CA LEU B 143 3.24 9.59 -7.68
C LEU B 143 4.15 8.41 -7.38
N GLY B 144 5.24 8.36 -8.12
CA GLY B 144 6.17 7.26 -8.05
C GLY B 144 5.94 6.09 -8.95
N GLN B 145 4.72 5.87 -9.42
CA GLN B 145 4.46 4.67 -10.21
C GLN B 145 5.26 4.74 -11.53
N GLY B 146 5.26 5.92 -12.16
CA GLY B 146 5.87 6.04 -13.46
C GLY B 146 7.33 5.66 -13.55
N ILE B 147 8.13 6.16 -12.62
CA ILE B 147 9.54 5.80 -12.62
C ILE B 147 9.70 4.28 -12.48
N CYS B 148 8.89 3.62 -11.62
CA CYS B 148 8.98 2.17 -11.49
C CYS B 148 8.57 1.46 -12.82
N ASN B 149 7.52 1.95 -13.46
CA ASN B 149 7.08 1.39 -14.76
C ASN B 149 8.24 1.52 -15.77
N ALA B 150 8.91 2.67 -15.74
CA ALA B 150 10.08 2.93 -16.61
C ALA B 150 11.18 1.87 -16.35
N VAL B 151 11.45 1.53 -15.07
CA VAL B 151 12.34 0.50 -14.78
C VAL B 151 11.93 -0.82 -15.46
N GLY B 152 10.62 -1.16 -15.40
CA GLY B 152 10.14 -2.36 -16.06
C GLY B 152 10.28 -2.36 -17.62
N LEU B 153 9.99 -1.22 -18.19
CA LEU B 153 10.15 -1.01 -19.65
C LEU B 153 11.62 -1.23 -20.01
N ALA B 154 12.56 -0.83 -19.14
CA ALA B 154 14.01 -0.99 -19.39
C ALA B 154 14.42 -2.41 -19.18
N VAL B 155 13.84 -3.09 -18.20
CA VAL B 155 14.07 -4.48 -18.01
C VAL B 155 13.63 -5.22 -19.26
N ALA B 156 12.46 -4.88 -19.77
CA ALA B 156 11.95 -5.63 -20.97
C ALA B 156 12.94 -5.49 -22.18
N GLU B 157 13.40 -4.29 -22.37
CA GLU B 157 14.32 -3.98 -23.48
C GLU B 157 15.60 -4.78 -23.27
N ALA B 158 16.11 -4.81 -22.04
CA ALA B 158 17.39 -5.47 -21.77
C ALA B 158 17.28 -6.92 -21.93
N HIS B 159 16.14 -7.49 -21.48
CA HIS B 159 15.90 -8.88 -21.57
C HIS B 159 15.78 -9.37 -23.04
N LEU B 160 14.99 -8.64 -23.81
CA LEU B 160 14.77 -9.04 -25.19
C LEU B 160 16.10 -8.88 -25.99
N ALA B 161 16.78 -7.76 -25.80
CA ALA B 161 18.12 -7.53 -26.42
C ALA B 161 19.08 -8.65 -26.12
N ALA B 162 19.18 -9.07 -24.89
CA ALA B 162 20.02 -10.20 -24.55
C ALA B 162 19.63 -11.50 -25.12
N ARG B 163 18.31 -11.75 -25.26
CA ARG B 163 17.83 -13.01 -25.74
C ARG B 163 17.94 -13.16 -27.26
N PHE B 164 17.94 -12.04 -27.98
CA PHE B 164 17.77 -12.05 -29.42
C PHE B 164 18.89 -11.40 -30.22
N ASN B 165 19.52 -10.35 -29.74
CA ASN B 165 20.57 -9.69 -30.56
C ASN B 165 21.78 -10.62 -30.81
N LYS B 166 22.32 -10.50 -32.01
CA LYS B 166 23.45 -11.34 -32.46
C LYS B 166 24.60 -10.42 -32.79
N PRO B 167 25.84 -10.84 -32.50
CA PRO B 167 26.98 -9.88 -32.58
C PRO B 167 27.36 -9.46 -33.99
N ASP B 168 27.07 -10.31 -34.98
CA ASP B 168 27.51 -10.02 -36.36
C ASP B 168 26.53 -9.30 -37.27
N VAL B 169 25.33 -8.96 -36.76
CA VAL B 169 24.34 -8.17 -37.50
C VAL B 169 23.85 -6.98 -36.66
N LYS B 170 23.12 -6.06 -37.27
CA LYS B 170 22.63 -4.94 -36.57
C LYS B 170 21.67 -5.47 -35.47
N PRO B 171 21.55 -4.70 -34.40
CA PRO B 171 20.64 -5.16 -33.31
C PRO B 171 19.20 -5.06 -33.81
N ILE B 172 18.38 -6.05 -33.44
CA ILE B 172 16.91 -5.92 -33.61
C ILE B 172 16.16 -5.37 -32.38
N VAL B 173 16.84 -5.32 -31.27
CA VAL B 173 16.28 -4.67 -30.08
C VAL B 173 17.31 -3.68 -29.59
N ASP B 174 16.97 -2.41 -29.59
CA ASP B 174 17.85 -1.31 -29.17
C ASP B 174 17.13 -0.06 -29.03
N HIS B 175 16.67 0.22 -27.79
CA HIS B 175 15.98 1.49 -27.46
C HIS B 175 16.15 1.86 -25.99
N TYR B 176 15.96 3.11 -25.76
CA TYR B 176 16.16 3.78 -24.46
C TYR B 176 14.84 3.97 -23.79
N THR B 177 14.90 4.13 -22.47
CA THR B 177 13.70 4.44 -21.66
C THR B 177 13.95 5.72 -20.93
N TYR B 178 13.12 6.73 -21.24
CA TYR B 178 13.15 8.06 -20.72
C TYR B 178 12.00 8.24 -19.75
N CYS B 179 12.29 8.84 -18.61
CA CYS B 179 11.28 9.18 -17.61
C CYS B 179 11.47 10.54 -17.01
N ILE B 180 10.42 11.36 -16.98
CA ILE B 180 10.44 12.63 -16.29
C ILE B 180 9.70 12.48 -14.96
N LEU B 181 10.40 12.77 -13.90
CA LEU B 181 9.83 12.76 -12.52
C LEU B 181 10.21 13.95 -11.71
N GLY B 182 9.41 14.20 -10.72
CA GLY B 182 9.54 15.36 -9.86
C GLY B 182 9.69 15.07 -8.37
N ASP B 183 9.59 16.09 -7.54
CA ASP B 183 9.90 15.95 -6.10
C ASP B 183 8.90 14.97 -5.43
N GLY B 184 7.64 14.99 -5.87
CA GLY B 184 6.64 14.07 -5.29
C GLY B 184 7.05 12.62 -5.52
N CYS B 185 7.46 12.30 -6.75
CA CYS B 185 7.90 10.95 -7.09
C CYS B 185 9.11 10.57 -6.21
N MET B 186 10.04 11.53 -6.02
CA MET B 186 11.27 11.26 -5.23
C MET B 186 11.00 11.07 -3.74
N MET B 187 9.90 11.64 -3.20
CA MET B 187 9.53 11.39 -1.83
C MET B 187 8.86 10.01 -1.60
N GLU B 188 8.16 9.46 -2.64
CA GLU B 188 7.48 8.22 -2.43
C GLU B 188 8.48 7.07 -2.29
N GLY B 189 8.29 6.20 -1.32
CA GLY B 189 9.22 5.11 -1.16
C GLY B 189 9.31 4.18 -2.32
N ILE B 190 8.21 4.02 -3.05
CA ILE B 190 8.25 3.12 -4.23
C ILE B 190 9.41 3.49 -5.16
N SER B 191 9.67 4.76 -5.32
CA SER B 191 10.74 5.17 -6.24
C SER B 191 12.10 4.77 -5.74
N ASN B 192 12.35 4.85 -4.42
CA ASN B 192 13.61 4.39 -3.92
C ASN B 192 13.77 2.91 -4.16
N GLU B 193 12.71 2.16 -3.90
CA GLU B 193 12.71 0.67 -4.18
C GLU B 193 13.13 0.36 -5.62
N ALA B 194 12.45 1.02 -6.55
CA ALA B 194 12.66 0.68 -7.95
C ALA B 194 14.03 1.15 -8.43
N CYS B 195 14.45 2.27 -7.92
CA CYS B 195 15.74 2.84 -8.34
C CYS B 195 16.85 2.08 -7.69
N SER B 196 16.64 1.53 -6.50
CA SER B 196 17.62 0.56 -5.95
C SER B 196 17.82 -0.65 -6.82
N LEU B 197 16.73 -1.22 -7.33
CA LEU B 197 16.79 -2.33 -8.25
C LEU B 197 17.43 -1.93 -9.59
N ALA B 198 17.11 -0.77 -10.13
CA ALA B 198 17.63 -0.37 -11.41
C ALA B 198 19.14 -0.18 -11.30
N GLY B 199 19.62 0.31 -10.17
CA GLY B 199 21.04 0.43 -9.96
C GLY B 199 21.72 -0.91 -9.81
N HIS B 200 21.09 -1.85 -9.04
CA HIS B 200 21.59 -3.19 -8.85
C HIS B 200 21.69 -3.95 -10.18
N TRP B 201 20.70 -3.76 -11.04
CA TRP B 201 20.68 -4.39 -12.34
C TRP B 201 21.50 -3.66 -13.42
N GLY B 202 22.08 -2.53 -13.14
CA GLY B 202 22.92 -1.78 -14.10
C GLY B 202 22.24 -1.37 -15.40
N LEU B 203 20.99 -0.90 -15.29
CA LEU B 203 20.15 -0.60 -16.47
C LEU B 203 20.58 0.70 -17.13
N GLY B 204 21.60 0.56 -17.95
CA GLY B 204 22.24 1.70 -18.59
C GLY B 204 21.47 2.35 -19.68
N LYS B 205 20.35 1.75 -20.13
CA LYS B 205 19.49 2.47 -21.08
C LYS B 205 18.27 3.15 -20.46
N LEU B 206 18.21 3.19 -19.12
CA LEU B 206 17.26 4.04 -18.42
C LEU B 206 17.84 5.39 -18.10
N ILE B 207 17.14 6.43 -18.51
CA ILE B 207 17.54 7.76 -18.35
C ILE B 207 16.40 8.55 -17.72
N ALA B 208 16.58 8.93 -16.46
CA ALA B 208 15.59 9.71 -15.71
C ALA B 208 15.94 11.15 -15.62
N LEU B 209 15.01 11.98 -16.04
CA LEU B 209 15.15 13.40 -15.98
C LEU B 209 14.37 13.95 -14.82
N TYR B 210 15.08 14.40 -13.82
CA TYR B 210 14.47 14.94 -12.59
C TYR B 210 14.20 16.40 -12.65
N ASP B 211 12.92 16.78 -12.66
CA ASP B 211 12.52 18.17 -12.56
C ASP B 211 12.69 18.75 -11.17
N ASP B 212 13.85 19.36 -10.94
CA ASP B 212 14.29 19.81 -9.63
C ASP B 212 13.88 21.29 -9.60
N ASN B 213 12.65 21.54 -9.17
CA ASN B 213 12.05 22.89 -9.27
C ASN B 213 11.65 23.44 -7.92
N LYS B 214 12.17 22.84 -6.85
CA LYS B 214 11.78 23.00 -5.44
C LYS B 214 10.25 23.04 -5.05
N ILE B 215 9.40 22.18 -5.71
CA ILE B 215 7.93 22.06 -5.36
C ILE B 215 6.91 20.89 -5.77
N SER B 216 5.94 20.79 -4.85
CA SER B 216 4.50 20.62 -5.14
C SER B 216 3.49 21.44 -4.16
N ILE B 217 2.61 20.77 -3.38
CA ILE B 217 1.32 21.38 -2.84
C ILE B 217 1.34 22.13 -1.44
N ASP B 218 2.47 22.12 -0.70
CA ASP B 218 2.56 22.72 0.67
C ASP B 218 3.58 23.91 0.83
N GLY B 219 3.73 24.75 -0.20
CA GLY B 219 4.63 25.94 -0.16
C GLY B 219 5.82 25.85 -1.10
N HIS B 220 7.04 25.73 -0.53
CA HIS B 220 8.28 25.24 -1.22
C HIS B 220 8.65 23.84 -0.67
N THR B 221 9.82 23.27 -0.99
CA THR B 221 10.21 21.92 -0.44
C THR B 221 11.07 21.93 0.86
N ASP B 222 11.79 23.03 1.10
CA ASP B 222 12.43 23.28 2.42
C ASP B 222 11.54 22.98 3.67
N ILE B 223 10.26 22.66 3.46
CA ILE B 223 9.24 22.34 4.52
C ILE B 223 9.17 20.82 4.86
N SER B 224 9.37 19.87 3.87
CA SER B 224 9.50 18.47 4.19
C SER B 224 10.66 17.69 3.50
N PHE B 225 11.45 18.31 2.62
CA PHE B 225 12.22 17.59 1.65
C PHE B 225 13.55 18.30 1.39
N THR B 226 14.50 18.04 2.27
CA THR B 226 15.85 18.64 2.20
C THR B 226 16.97 17.61 2.00
N GLU B 227 16.63 16.34 1.79
CA GLU B 227 17.59 15.34 1.45
C GLU B 227 18.40 15.62 0.19
N ASP B 228 19.61 15.07 0.18
CA ASP B 228 20.49 15.13 -0.95
C ASP B 228 20.14 14.05 -1.95
N VAL B 229 19.23 14.35 -2.88
CA VAL B 229 18.71 13.40 -3.81
C VAL B 229 19.82 12.81 -4.73
N ALA B 230 20.73 13.67 -5.24
CA ALA B 230 21.88 13.17 -6.03
C ALA B 230 22.77 12.18 -5.30
N LYS B 231 23.00 12.42 -4.01
CA LYS B 231 23.81 11.54 -3.18
C LYS B 231 23.05 10.20 -2.91
N ARG B 232 21.77 10.27 -2.67
CA ARG B 232 20.99 9.00 -2.54
C ARG B 232 21.05 8.18 -3.81
N TYR B 233 20.87 8.84 -4.98
CA TYR B 233 21.00 8.14 -6.24
C TYR B 233 22.38 7.56 -6.52
N GLU B 234 23.46 8.28 -6.17
CA GLU B 234 24.78 7.63 -6.21
C GLU B 234 24.84 6.36 -5.38
N ALA B 235 24.28 6.43 -4.18
CA ALA B 235 24.22 5.30 -3.23
C ALA B 235 23.50 4.09 -3.83
N LEU B 236 22.47 4.37 -4.66
CA LEU B 236 21.69 3.35 -5.37
C LEU B 236 22.35 2.76 -6.61
N GLY B 237 23.50 3.32 -7.00
CA GLY B 237 24.21 2.80 -8.13
C GLY B 237 23.95 3.53 -9.46
N TRP B 238 23.44 4.72 -9.34
CA TRP B 238 23.13 5.56 -10.52
C TRP B 238 24.32 6.47 -10.82
N HIS B 239 24.41 6.79 -12.10
CA HIS B 239 25.23 7.93 -12.60
C HIS B 239 24.40 9.21 -12.46
N VAL B 240 24.93 10.28 -11.89
CA VAL B 240 24.18 11.51 -11.76
C VAL B 240 24.82 12.63 -12.55
N ILE B 241 24.01 13.41 -13.24
CA ILE B 241 24.44 14.59 -14.01
C ILE B 241 23.59 15.73 -13.61
N HIS B 242 24.18 16.92 -13.54
CA HIS B 242 23.48 18.08 -13.02
C HIS B 242 23.36 19.11 -14.18
N VAL B 243 22.14 19.51 -14.47
CA VAL B 243 21.87 20.63 -15.43
C VAL B 243 21.34 21.75 -14.61
N ILE B 244 22.19 22.76 -14.35
CA ILE B 244 21.88 23.80 -13.43
C ILE B 244 20.80 24.76 -14.01
N ASN B 245 20.71 24.79 -15.32
CA ASN B 245 19.81 25.71 -16.01
C ASN B 245 18.98 24.98 -17.06
N GLY B 246 17.91 24.34 -16.60
CA GLY B 246 17.03 23.64 -17.51
C GLY B 246 16.06 24.58 -18.19
N ASN B 247 16.06 25.86 -17.81
CA ASN B 247 15.15 26.88 -18.48
C ASN B 247 15.67 27.32 -19.85
N THR B 248 16.99 27.48 -20.02
CA THR B 248 17.52 27.93 -21.33
C THR B 248 18.74 27.21 -21.88
N ASP B 249 19.33 26.27 -21.14
CA ASP B 249 20.52 25.58 -21.61
C ASP B 249 20.21 24.32 -22.47
N VAL B 250 19.77 24.56 -23.69
CA VAL B 250 19.47 23.46 -24.56
C VAL B 250 20.71 22.69 -24.90
N ASP B 251 21.85 23.38 -25.10
CA ASP B 251 23.07 22.68 -25.41
C ASP B 251 23.51 21.69 -24.27
N GLY B 252 23.37 22.18 -23.06
CA GLY B 252 23.68 21.32 -21.88
C GLY B 252 22.71 20.16 -21.69
N LEU B 253 21.42 20.38 -22.00
CA LEU B 253 20.48 19.24 -22.02
C LEU B 253 20.82 18.23 -23.03
N ARG B 254 21.25 18.66 -24.26
CA ARG B 254 21.70 17.71 -25.23
C ARG B 254 22.96 16.96 -24.73
N ALA B 255 23.89 17.71 -24.14
CA ALA B 255 25.15 17.17 -23.67
C ALA B 255 24.93 16.12 -22.52
N ALA B 256 24.00 16.48 -21.65
CA ALA B 256 23.59 15.60 -20.51
C ALA B 256 23.02 14.30 -21.00
N ILE B 257 22.17 14.35 -22.04
CA ILE B 257 21.62 13.17 -22.59
C ILE B 257 22.67 12.32 -23.31
N ALA B 258 23.59 12.94 -24.06
CA ALA B 258 24.70 12.20 -24.64
C ALA B 258 25.58 11.56 -23.60
N GLN B 259 25.84 12.25 -22.50
CA GLN B 259 26.69 11.67 -21.45
CA GLN B 259 26.68 11.64 -21.47
C GLN B 259 25.96 10.48 -20.82
N ALA B 260 24.64 10.60 -20.66
CA ALA B 260 23.83 9.43 -20.14
C ALA B 260 23.94 8.22 -21.04
N LYS B 261 23.90 8.42 -22.34
CA LYS B 261 24.07 7.31 -23.30
C LYS B 261 25.46 6.72 -23.31
N ALA B 262 26.46 7.53 -23.09
CA ALA B 262 27.83 7.00 -23.01
C ALA B 262 28.11 6.23 -21.73
N VAL B 263 27.36 6.47 -20.65
CA VAL B 263 27.44 5.58 -19.47
C VAL B 263 26.60 4.33 -19.66
N LYS B 264 27.20 3.17 -19.98
CA LYS B 264 26.40 2.05 -20.46
C LYS B 264 25.95 1.09 -19.36
N ASP B 265 26.63 1.15 -18.22
CA ASP B 265 26.54 0.11 -17.22
C ASP B 265 25.75 0.62 -15.96
N LYS B 266 25.28 1.85 -15.98
CA LYS B 266 24.47 2.39 -14.87
C LYS B 266 23.29 3.20 -15.40
N PRO B 267 22.09 3.10 -14.79
CA PRO B 267 21.06 4.11 -15.07
C PRO B 267 21.51 5.51 -14.70
N THR B 268 21.00 6.50 -15.45
CA THR B 268 21.38 7.85 -15.23
C THR B 268 20.26 8.75 -14.76
N LEU B 269 20.55 9.54 -13.77
CA LEU B 269 19.67 10.59 -13.25
C LEU B 269 20.24 11.90 -13.73
N ILE B 270 19.46 12.61 -14.54
CA ILE B 270 19.81 13.99 -14.89
C ILE B 270 19.00 14.93 -14.06
N LYS B 271 19.64 15.63 -13.13
CA LYS B 271 18.99 16.51 -12.25
C LYS B 271 18.92 17.85 -12.93
N VAL B 272 17.69 18.27 -13.30
CA VAL B 272 17.51 19.42 -14.21
C VAL B 272 16.81 20.45 -13.42
N SER B 273 17.50 21.53 -13.13
CA SER B 273 16.94 22.54 -12.30
C SER B 273 16.08 23.46 -13.20
N THR B 274 14.84 23.65 -12.82
CA THR B 274 13.91 24.46 -13.64
C THR B 274 13.20 25.40 -12.69
N LEU B 275 12.57 26.44 -13.23
CA LEU B 275 11.68 27.22 -12.46
C LEU B 275 10.29 26.75 -12.82
N ILE B 276 9.53 26.33 -11.83
CA ILE B 276 8.11 25.94 -12.05
C ILE B 276 7.36 27.19 -12.57
N GLY B 277 6.55 26.99 -13.59
CA GLY B 277 5.85 28.10 -14.22
C GLY B 277 6.73 29.12 -14.91
N TYR B 278 7.87 28.68 -15.43
CA TYR B 278 8.82 29.63 -16.03
C TYR B 278 8.09 30.40 -17.14
N GLY B 279 8.24 31.71 -17.15
CA GLY B 279 7.52 32.57 -18.12
C GLY B 279 6.52 33.56 -17.47
N SER B 280 5.81 33.05 -16.46
CA SER B 280 4.87 33.82 -15.64
C SER B 280 5.63 34.84 -14.78
N PRO B 281 5.42 36.15 -15.05
CA PRO B 281 6.05 37.18 -14.21
C PRO B 281 5.69 37.15 -12.78
N ASN B 282 4.45 36.77 -12.48
CA ASN B 282 3.94 36.90 -11.12
C ASN B 282 3.78 35.61 -10.33
N LYS B 283 3.64 34.48 -11.03
CA LYS B 283 3.39 33.20 -10.36
C LYS B 283 4.45 32.09 -10.61
N ALA B 284 5.47 32.39 -11.43
CA ALA B 284 6.65 31.49 -11.54
C ALA B 284 7.23 31.32 -10.15
N ASP B 285 7.73 30.11 -9.85
CA ASP B 285 8.32 29.79 -8.56
C ASP B 285 7.35 29.94 -7.37
N SER B 286 6.08 29.62 -7.59
CA SER B 286 5.07 29.69 -6.52
C SER B 286 4.34 28.34 -6.46
N HIS B 287 3.71 28.05 -5.31
CA HIS B 287 2.85 26.89 -5.18
C HIS B 287 1.60 27.03 -6.11
N ASP B 288 1.18 28.26 -6.41
CA ASP B 288 -0.14 28.51 -7.07
C ASP B 288 -0.15 28.00 -8.49
N VAL B 289 1.02 28.03 -9.15
CA VAL B 289 1.16 27.62 -10.52
C VAL B 289 1.30 26.06 -10.60
N HIS B 290 1.50 25.36 -9.49
CA HIS B 290 1.57 23.90 -9.52
C HIS B 290 0.25 23.27 -10.05
N GLY B 291 -0.87 23.61 -9.39
CA GLY B 291 -2.18 22.88 -9.56
C GLY B 291 -3.40 23.70 -9.79
N ALA B 292 -3.22 24.90 -10.39
CA ALA B 292 -4.35 25.75 -10.87
C ALA B 292 -4.01 26.50 -12.14
N PRO B 293 -5.02 26.72 -13.01
CA PRO B 293 -4.78 27.43 -14.27
C PRO B 293 -4.15 28.82 -14.00
N LEU B 294 -3.32 29.32 -14.90
CA LEU B 294 -2.81 30.66 -14.75
C LEU B 294 -3.96 31.68 -14.69
N GLY B 295 -5.02 31.45 -15.45
CA GLY B 295 -6.17 32.39 -15.49
C GLY B 295 -5.90 33.54 -16.47
N PRO B 296 -6.93 34.34 -16.77
CA PRO B 296 -6.83 35.30 -17.92
C PRO B 296 -5.77 36.41 -17.79
N ASP B 297 -5.79 37.12 -16.68
CA ASP B 297 -4.81 38.19 -16.39
C ASP B 297 -3.34 37.67 -16.52
N GLU B 298 -3.01 36.63 -15.76
CA GLU B 298 -1.62 36.15 -15.75
C GLU B 298 -1.21 35.55 -17.09
N THR B 299 -2.15 34.92 -17.79
CA THR B 299 -1.88 34.42 -19.11
C THR B 299 -1.50 35.60 -20.06
N ALA B 300 -2.27 36.68 -20.02
CA ALA B 300 -1.91 37.92 -20.77
C ALA B 300 -0.47 38.37 -20.46
N ALA B 301 -0.17 38.48 -19.18
CA ALA B 301 1.15 38.90 -18.70
C ALA B 301 2.26 37.94 -19.16
N THR B 302 1.92 36.65 -19.27
CA THR B 302 2.91 35.64 -19.62
C THR B 302 3.16 35.73 -21.10
N ARG B 303 2.13 35.94 -21.92
CA ARG B 303 2.32 36.13 -23.36
C ARG B 303 3.29 37.34 -23.64
N LYS B 304 3.06 38.40 -22.89
CA LYS B 304 3.82 39.64 -22.96
C LYS B 304 5.26 39.34 -22.53
N ASN B 305 5.41 38.75 -21.34
CA ASN B 305 6.71 38.43 -20.74
C ASN B 305 7.57 37.52 -21.56
N LEU B 306 6.95 36.61 -22.31
CA LEU B 306 7.65 35.69 -23.19
C LEU B 306 7.60 36.14 -24.63
N ASN B 307 7.06 37.34 -24.87
CA ASN B 307 6.97 37.88 -26.23
C ASN B 307 6.30 36.95 -27.24
N TRP B 308 5.10 36.52 -26.85
CA TRP B 308 4.36 35.50 -27.62
C TRP B 308 3.07 36.20 -28.12
N PRO B 309 3.01 36.59 -29.40
CA PRO B 309 1.82 37.25 -29.99
C PRO B 309 0.72 36.29 -30.49
N TYR B 310 0.94 34.97 -30.44
CA TYR B 310 -0.02 34.02 -31.00
C TYR B 310 -1.21 33.83 -30.05
N GLY B 311 -2.37 33.63 -30.66
CA GLY B 311 -3.63 33.57 -29.89
C GLY B 311 -3.85 32.19 -29.29
N GLU B 312 -4.99 32.06 -28.63
CA GLU B 312 -5.41 30.83 -27.93
C GLU B 312 -5.28 29.60 -28.84
N PHE B 313 -4.44 28.61 -28.46
CA PHE B 313 -4.22 27.36 -29.24
C PHE B 313 -3.55 27.48 -30.57
N GLU B 314 -3.07 28.67 -30.85
CA GLU B 314 -2.49 28.95 -32.15
C GLU B 314 -1.00 28.69 -32.06
N VAL B 315 -0.53 27.65 -32.74
CA VAL B 315 0.89 27.36 -32.80
C VAL B 315 1.30 27.87 -34.18
N PRO B 316 2.37 28.70 -34.26
CA PRO B 316 2.86 29.16 -35.56
C PRO B 316 3.24 28.06 -36.52
N GLN B 317 3.08 28.31 -37.80
CA GLN B 317 3.36 27.30 -38.76
C GLN B 317 4.86 26.81 -38.77
N ASP B 318 5.78 27.74 -38.54
CA ASP B 318 7.22 27.39 -38.56
C ASP B 318 7.54 26.35 -37.42
N VAL B 319 6.85 26.52 -36.28
CA VAL B 319 6.94 25.56 -35.11
C VAL B 319 6.41 24.18 -35.54
N TYR B 320 5.25 24.14 -36.19
CA TYR B 320 4.84 22.84 -36.71
C TYR B 320 5.80 22.21 -37.70
N ASP B 321 6.38 23.04 -38.60
CA ASP B 321 7.28 22.47 -39.57
C ASP B 321 8.50 21.86 -38.89
N VAL B 322 8.93 22.45 -37.77
CA VAL B 322 9.97 21.78 -36.94
C VAL B 322 9.48 20.43 -36.34
N PHE B 323 8.48 20.51 -35.45
CA PHE B 323 8.03 19.28 -34.70
C PHE B 323 7.47 18.21 -35.61
N ARG B 324 6.74 18.64 -36.68
CA ARG B 324 6.21 17.68 -37.61
C ARG B 324 7.21 17.01 -38.44
N GLY B 325 8.46 17.44 -38.38
CA GLY B 325 9.58 16.63 -38.90
C GLY B 325 9.78 15.27 -38.32
N ALA B 326 9.24 15.11 -37.10
CA ALA B 326 9.11 13.76 -36.50
C ALA B 326 8.40 12.73 -37.34
N ILE B 327 7.45 13.17 -38.20
CA ILE B 327 6.76 12.22 -39.10
C ILE B 327 7.68 11.55 -40.05
N LYS B 328 8.40 12.31 -40.91
CA LYS B 328 9.35 11.63 -41.83
C LYS B 328 10.52 10.95 -41.13
N ARG B 329 11.00 11.60 -40.07
CA ARG B 329 12.11 11.03 -39.28
C ARG B 329 11.67 9.68 -38.69
N GLY B 330 10.43 9.61 -38.16
CA GLY B 330 9.94 8.35 -37.57
C GLY B 330 9.65 7.28 -38.57
N ALA B 331 9.14 7.69 -39.73
CA ALA B 331 8.91 6.74 -40.83
C ALA B 331 10.24 6.12 -41.27
N GLU B 332 11.27 6.95 -41.33
CA GLU B 332 12.62 6.41 -41.70
C GLU B 332 13.22 5.49 -40.64
N GLU B 333 13.06 5.90 -39.36
CA GLU B 333 13.54 5.04 -38.27
C GLU B 333 12.92 3.68 -38.33
N GLU B 334 11.61 3.66 -38.52
CA GLU B 334 10.90 2.43 -38.57
C GLU B 334 11.32 1.62 -39.79
N ALA B 335 11.41 2.28 -40.96
CA ALA B 335 11.92 1.61 -42.19
C ALA B 335 13.31 1.05 -41.98
N ASN B 336 14.20 1.81 -41.29
CA ASN B 336 15.54 1.28 -40.99
C ASN B 336 15.52 0.07 -40.07
N TRP B 337 14.64 0.09 -39.05
CA TRP B 337 14.52 -1.07 -38.18
C TRP B 337 14.06 -2.29 -38.97
N HIS B 338 13.09 -2.12 -39.89
CA HIS B 338 12.65 -3.23 -40.80
C HIS B 338 13.80 -3.78 -41.62
N LYS B 339 14.66 -2.88 -42.07
CA LYS B 339 15.89 -3.29 -42.76
C LYS B 339 16.72 -4.15 -41.87
N ALA B 340 16.98 -3.70 -40.63
CA ALA B 340 17.74 -4.51 -39.72
C ALA B 340 17.13 -5.87 -39.50
N CYS B 341 15.82 -5.93 -39.40
CA CYS B 341 15.13 -7.18 -39.12
C CYS B 341 15.24 -8.11 -40.33
N ALA B 342 15.00 -7.58 -41.54
CA ALA B 342 15.23 -8.40 -42.83
C ALA B 342 16.66 -9.06 -42.84
N GLU B 343 17.67 -8.27 -42.50
CA GLU B 343 19.07 -8.77 -42.48
C GLU B 343 19.30 -9.79 -41.39
N TYR B 344 18.70 -9.57 -40.22
CA TYR B 344 18.77 -10.56 -39.14
C TYR B 344 18.08 -11.84 -39.55
N LYS B 345 16.89 -11.73 -40.14
CA LYS B 345 16.10 -12.90 -40.54
C LYS B 345 16.91 -13.76 -41.58
N ALA B 346 17.56 -13.06 -42.49
CA ALA B 346 18.41 -13.72 -43.52
C ALA B 346 19.43 -14.60 -42.89
N LYS B 347 20.15 -14.12 -41.89
CA LYS B 347 21.11 -14.97 -41.20
C LYS B 347 20.60 -15.89 -40.08
N TYR B 348 19.50 -15.51 -39.43
CA TYR B 348 19.04 -16.19 -38.22
C TYR B 348 17.51 -16.38 -38.36
N PRO B 349 17.09 -17.22 -39.33
CA PRO B 349 15.66 -17.39 -39.55
C PRO B 349 14.92 -17.99 -38.36
N LYS B 350 15.54 -18.91 -37.64
CA LYS B 350 14.84 -19.61 -36.58
C LYS B 350 14.58 -18.66 -35.38
N GLU B 351 15.65 -17.98 -34.98
CA GLU B 351 15.61 -16.97 -33.94
C GLU B 351 14.67 -15.85 -34.33
N TRP B 352 14.70 -15.41 -35.59
CA TRP B 352 13.74 -14.36 -36.01
C TRP B 352 12.31 -14.87 -35.84
N ALA B 353 12.05 -16.12 -36.23
CA ALA B 353 10.68 -16.64 -36.19
C ALA B 353 10.16 -16.59 -34.71
N GLU B 354 11.03 -17.01 -33.80
CA GLU B 354 10.76 -16.94 -32.35
C GLU B 354 10.55 -15.48 -31.88
N PHE B 355 11.39 -14.54 -32.30
CA PHE B 355 11.22 -13.12 -31.97
C PHE B 355 9.89 -12.55 -32.44
N GLU B 356 9.50 -12.90 -33.67
CA GLU B 356 8.27 -12.44 -34.24
C GLU B 356 7.06 -13.00 -33.51
N ALA B 357 7.13 -14.28 -33.17
CA ALA B 357 6.00 -14.95 -32.56
C ALA B 357 5.80 -14.36 -31.13
N LEU B 358 6.89 -14.22 -30.40
CA LEU B 358 6.80 -13.56 -29.07
C LEU B 358 6.26 -12.14 -29.09
N THR B 359 6.89 -11.26 -29.87
CA THR B 359 6.62 -9.85 -29.88
C THR B 359 5.33 -9.50 -30.57
N SER B 360 4.71 -10.47 -31.29
CA SER B 360 3.38 -10.29 -31.84
C SER B 360 2.34 -10.17 -30.67
N CYS B 361 2.68 -10.66 -29.48
CA CYS B 361 1.76 -10.83 -28.33
C CYS B 361 0.71 -11.88 -28.47
N LYS B 362 0.71 -12.64 -29.57
CA LYS B 362 -0.17 -13.77 -29.67
C LYS B 362 0.32 -14.89 -28.84
N LEU B 363 -0.61 -15.49 -28.14
CA LEU B 363 -0.32 -16.61 -27.32
C LEU B 363 -0.08 -17.89 -28.21
N PRO B 364 0.94 -18.66 -27.89
CA PRO B 364 1.25 -19.83 -28.70
C PRO B 364 0.15 -20.84 -28.79
N GLU B 365 0.08 -21.49 -29.95
CA GLU B 365 -0.84 -22.58 -30.17
C GLU B 365 -0.72 -23.60 -29.11
N ASN B 366 -1.84 -23.95 -28.49
CA ASN B 366 -1.84 -25.06 -27.58
C ASN B 366 -1.12 -24.91 -26.26
N TRP B 367 -0.79 -23.69 -25.83
CA TRP B 367 -0.13 -23.55 -24.55
C TRP B 367 -0.91 -24.20 -23.37
N GLU B 368 -2.22 -24.11 -23.44
CA GLU B 368 -3.08 -24.55 -22.36
C GLU B 368 -2.97 -26.02 -22.05
N ALA B 369 -2.49 -26.80 -23.04
CA ALA B 369 -2.43 -28.22 -22.86
C ALA B 369 -1.26 -28.57 -22.00
N ALA B 370 -0.35 -27.62 -21.76
CA ALA B 370 0.74 -27.81 -20.82
C ALA B 370 0.30 -28.07 -19.40
N LEU B 371 -0.94 -27.67 -19.06
CA LEU B 371 -1.38 -27.73 -17.68
C LEU B 371 -1.79 -29.15 -17.32
N PRO B 372 -1.25 -29.69 -16.26
CA PRO B 372 -1.63 -31.03 -15.81
C PRO B 372 -3.03 -31.14 -15.23
N HIS B 373 -3.50 -32.37 -15.10
CA HIS B 373 -4.83 -32.70 -14.55
C HIS B 373 -4.63 -33.57 -13.33
N PHE B 374 -5.61 -33.52 -12.44
CA PHE B 374 -5.59 -34.20 -11.18
C PHE B 374 -6.85 -35.04 -11.02
N LYS B 375 -6.69 -36.15 -10.31
CA LYS B 375 -7.77 -37.07 -9.95
C LYS B 375 -7.92 -37.06 -8.47
N PRO B 376 -9.11 -37.43 -7.95
CA PRO B 376 -9.27 -37.46 -6.48
C PRO B 376 -8.32 -38.38 -5.74
N GLU B 377 -7.83 -39.40 -6.43
CA GLU B 377 -6.92 -40.37 -5.87
C GLU B 377 -5.51 -39.80 -5.65
N ASP B 378 -5.17 -38.71 -6.35
CA ASP B 378 -3.87 -38.05 -6.20
C ASP B 378 -3.83 -37.39 -4.82
N LYS B 379 -2.81 -37.71 -4.06
CA LYS B 379 -2.70 -37.24 -2.70
C LYS B 379 -2.64 -35.66 -2.77
N GLY B 380 -3.44 -35.05 -1.92
CA GLY B 380 -3.56 -33.57 -1.88
C GLY B 380 -2.29 -32.81 -1.52
N LEU B 381 -2.12 -31.66 -2.19
CA LEU B 381 -0.99 -30.80 -1.94
C LEU B 381 -1.54 -29.39 -1.64
N ALA B 382 -0.68 -28.55 -1.09
CA ALA B 382 -1.02 -27.12 -0.88
C ALA B 382 -1.17 -26.47 -2.24
N THR B 383 -2.06 -25.47 -2.40
CA THR B 383 -2.13 -24.86 -3.69
C THR B 383 -0.87 -24.02 -4.03
N ARG B 384 -0.10 -23.61 -3.04
CA ARG B 384 1.21 -23.01 -3.34
C ARG B 384 2.15 -24.00 -4.04
N GLN B 385 1.98 -25.28 -3.71
CA GLN B 385 2.74 -26.33 -4.46
C GLN B 385 2.19 -26.54 -5.86
N HIS B 386 0.86 -26.55 -6.03
CA HIS B 386 0.27 -26.64 -7.33
C HIS B 386 0.68 -25.50 -8.20
N SER B 387 0.82 -24.31 -7.57
CA SER B 387 1.18 -23.16 -8.33
C SER B 387 2.63 -23.30 -8.94
N GLN B 388 3.53 -23.84 -8.13
CA GLN B 388 4.89 -24.14 -8.62
C GLN B 388 4.83 -25.10 -9.82
N THR B 389 4.00 -26.11 -9.71
CA THR B 389 3.78 -27.02 -10.84
C THR B 389 3.33 -26.29 -12.08
N MET B 390 2.38 -25.35 -11.91
CA MET B 390 1.91 -24.62 -13.05
C MET B 390 2.96 -23.70 -13.71
N ILE B 391 3.79 -23.08 -12.90
CA ILE B 391 4.81 -22.17 -13.39
C ILE B 391 5.80 -22.96 -14.26
N ASN B 392 6.18 -24.13 -13.75
CA ASN B 392 7.11 -25.02 -14.51
C ASN B 392 6.45 -25.71 -15.71
N ALA B 393 5.14 -25.96 -15.67
CA ALA B 393 4.44 -26.44 -16.83
C ALA B 393 4.36 -25.38 -17.91
N LEU B 394 4.15 -24.09 -17.52
CA LEU B 394 3.93 -23.08 -18.50
C LEU B 394 5.16 -22.43 -19.11
N ALA B 395 6.24 -22.27 -18.34
CA ALA B 395 7.41 -21.57 -18.77
C ALA B 395 7.94 -22.13 -20.11
N PRO B 396 7.99 -23.47 -20.26
CA PRO B 396 8.42 -24.01 -21.59
C PRO B 396 7.45 -23.75 -22.70
N ALA B 397 6.16 -23.57 -22.39
CA ALA B 397 5.17 -23.28 -23.41
C ALA B 397 4.96 -21.82 -23.80
N LEU B 398 5.37 -20.93 -22.89
CA LEU B 398 5.20 -19.48 -22.99
C LEU B 398 6.55 -18.78 -22.91
N PRO B 399 7.15 -18.50 -24.07
CA PRO B 399 8.45 -17.85 -24.15
C PRO B 399 8.50 -16.46 -23.47
N GLY B 400 7.35 -15.78 -23.36
CA GLY B 400 7.29 -14.54 -22.64
C GLY B 400 7.15 -14.60 -21.11
N LEU B 401 6.96 -15.74 -20.49
CA LEU B 401 6.78 -15.85 -19.01
C LEU B 401 8.04 -15.41 -18.32
N ILE B 402 7.91 -14.43 -17.46
CA ILE B 402 9.05 -13.84 -16.75
C ILE B 402 8.55 -13.40 -15.35
N GLY B 403 9.30 -13.54 -14.31
CA GLY B 403 8.79 -13.02 -13.04
C GLY B 403 9.56 -13.46 -11.89
N GLY B 404 9.02 -13.15 -10.72
CA GLY B 404 9.75 -13.60 -9.54
C GLY B 404 9.12 -13.15 -8.26
N SER B 405 9.92 -13.03 -7.22
CA SER B 405 9.42 -12.94 -5.89
C SER B 405 10.08 -11.86 -5.10
N ALA B 406 9.33 -11.37 -4.08
CA ALA B 406 9.82 -10.43 -3.10
C ALA B 406 10.11 -11.15 -1.80
N ASP B 407 10.48 -12.43 -1.88
CA ASP B 407 10.26 -13.28 -0.72
C ASP B 407 11.45 -14.05 -0.27
N LEU B 408 11.91 -14.93 -1.15
CA LEU B 408 12.49 -16.25 -0.81
C LEU B 408 11.53 -17.24 -1.51
N ALA B 409 11.91 -17.67 -2.72
CA ALA B 409 11.19 -18.75 -3.41
C ALA B 409 11.31 -20.16 -2.72
N PRO B 410 12.21 -20.37 -1.70
CA PRO B 410 11.93 -21.46 -0.71
C PRO B 410 10.56 -21.35 0.03
N SER B 411 10.30 -20.22 0.69
CA SER B 411 8.98 -19.93 1.32
C SER B 411 7.92 -19.37 0.32
N ASN B 412 8.23 -19.31 -0.99
CA ASN B 412 7.23 -19.00 -2.08
C ASN B 412 7.01 -20.06 -3.20
N LEU B 413 8.04 -20.83 -3.65
CA LEU B 413 7.87 -21.89 -4.72
C LEU B 413 7.44 -21.28 -6.06
N THR B 414 8.17 -20.25 -6.53
CA THR B 414 7.78 -19.53 -7.75
C THR B 414 8.89 -19.41 -8.80
N LEU B 415 9.97 -20.15 -8.62
CA LEU B 415 11.04 -20.13 -9.65
C LEU B 415 10.70 -20.99 -10.85
N MET B 416 11.14 -20.50 -12.01
CA MET B 416 11.06 -21.25 -13.28
C MET B 416 12.39 -22.05 -13.41
N LYS B 417 12.31 -23.38 -13.25
CA LYS B 417 13.49 -24.30 -13.32
C LYS B 417 14.23 -24.18 -14.65
N ILE B 418 13.56 -23.89 -15.75
CA ILE B 418 14.25 -23.75 -17.02
C ILE B 418 15.15 -22.51 -17.20
N SER B 419 15.20 -21.56 -16.24
CA SER B 419 15.98 -20.33 -16.44
C SER B 419 16.73 -19.99 -15.23
N GLY B 420 17.77 -19.14 -15.39
CA GLY B 420 18.52 -18.62 -14.25
C GLY B 420 17.99 -17.28 -13.74
N ASP B 421 18.84 -16.49 -13.08
CA ASP B 421 18.47 -15.25 -12.44
C ASP B 421 18.84 -14.08 -13.30
N PHE B 422 17.90 -13.17 -13.49
CA PHE B 422 18.12 -11.95 -14.19
C PHE B 422 19.06 -11.09 -13.39
N GLN B 423 20.18 -10.63 -14.01
CA GLN B 423 21.17 -9.82 -13.33
C GLN B 423 21.95 -9.05 -14.40
N LYS B 424 22.69 -8.06 -13.94
CA LYS B 424 23.74 -7.40 -14.72
C LYS B 424 24.60 -8.56 -15.34
N GLY B 425 24.77 -8.51 -16.67
CA GLY B 425 25.45 -9.53 -17.48
C GLY B 425 24.71 -10.83 -17.69
N SER B 426 23.47 -10.97 -17.19
CA SER B 426 22.69 -12.12 -17.60
C SER B 426 21.22 -11.72 -17.74
N TYR B 427 21.02 -10.70 -18.53
CA TYR B 427 19.70 -10.20 -18.83
C TYR B 427 18.75 -11.12 -19.60
N ALA B 428 19.26 -12.12 -20.28
CA ALA B 428 18.37 -13.12 -20.92
C ALA B 428 17.66 -14.06 -19.95
N GLU B 429 18.13 -14.12 -18.71
CA GLU B 429 17.52 -15.00 -17.70
C GLU B 429 16.13 -14.43 -17.25
N ARG B 430 15.29 -15.35 -16.79
CA ARG B 430 13.83 -15.07 -16.68
C ARG B 430 13.28 -14.96 -15.27
N ASN B 431 14.07 -15.32 -14.27
CA ASN B 431 13.65 -15.29 -12.89
C ASN B 431 14.18 -13.97 -12.33
N LEU B 432 13.28 -13.17 -11.77
CA LEU B 432 13.62 -11.86 -11.20
C LEU B 432 13.59 -11.90 -9.67
N ARG B 433 14.63 -11.42 -9.01
CA ARG B 433 14.66 -11.37 -7.55
C ARG B 433 14.53 -9.90 -7.15
N PHE B 434 13.33 -9.56 -6.67
CA PHE B 434 13.03 -8.16 -6.34
C PHE B 434 13.53 -7.71 -5.03
N GLY B 435 13.93 -8.61 -4.15
CA GLY B 435 14.11 -8.28 -2.75
C GLY B 435 12.81 -7.92 -2.07
N VAL B 436 12.92 -7.27 -0.90
CA VAL B 436 11.75 -6.95 -0.08
C VAL B 436 11.23 -5.58 -0.54
N ARG B 437 10.63 -5.60 -1.75
CA ARG B 437 10.24 -4.42 -2.44
C ARG B 437 8.90 -4.67 -3.17
N GLU B 438 7.87 -5.04 -2.39
CA GLU B 438 6.59 -5.46 -3.00
C GLU B 438 5.99 -4.41 -3.93
N HIS B 439 6.00 -3.16 -3.53
CA HIS B 439 5.31 -2.17 -4.24
C HIS B 439 6.02 -1.96 -5.61
N ALA B 440 7.33 -1.74 -5.58
CA ALA B 440 8.05 -1.59 -6.84
C ALA B 440 7.93 -2.83 -7.72
N MET B 441 7.92 -4.01 -7.09
CA MET B 441 7.81 -5.20 -7.86
C MET B 441 6.55 -5.18 -8.74
N GLY B 442 5.41 -4.83 -8.16
CA GLY B 442 4.20 -4.68 -8.92
C GLY B 442 4.32 -3.68 -10.04
N ALA B 443 4.82 -2.50 -9.74
CA ALA B 443 4.84 -1.47 -10.73
C ALA B 443 5.87 -1.79 -11.85
N ILE B 444 6.97 -2.42 -11.47
CA ILE B 444 7.97 -2.84 -12.45
C ILE B 444 7.33 -3.88 -13.39
N CYS B 445 6.54 -4.77 -12.79
CA CYS B 445 5.77 -5.76 -13.61
C CYS B 445 4.82 -5.05 -14.57
N ASN B 446 4.16 -3.96 -14.15
CA ASN B 446 3.35 -3.25 -15.06
C ASN B 446 4.08 -2.80 -16.29
N GLY B 447 5.27 -2.29 -16.07
CA GLY B 447 6.16 -1.83 -17.13
C GLY B 447 6.55 -2.99 -18.07
N ILE B 448 6.90 -4.12 -17.53
CA ILE B 448 7.25 -5.30 -18.31
C ILE B 448 6.08 -5.67 -19.25
N ALA B 449 4.86 -5.68 -18.70
CA ALA B 449 3.71 -6.05 -19.55
C ALA B 449 3.43 -4.97 -20.58
N LEU B 450 3.49 -3.73 -20.16
CA LEU B 450 3.12 -2.66 -21.02
C LEU B 450 4.18 -2.25 -22.04
N HIS B 451 5.30 -2.94 -22.01
CA HIS B 451 6.26 -2.89 -23.11
C HIS B 451 5.54 -3.37 -24.40
N LYS B 452 4.48 -4.16 -24.25
CA LYS B 452 3.72 -4.69 -25.41
C LYS B 452 4.59 -5.50 -26.38
N SER B 453 5.39 -6.37 -25.82
CA SER B 453 6.32 -7.24 -26.58
C SER B 453 6.13 -8.66 -26.24
N GLY B 454 5.02 -9.04 -25.55
CA GLY B 454 4.66 -10.39 -25.27
C GLY B 454 5.17 -11.04 -24.00
N LEU B 455 5.85 -10.23 -23.19
CA LEU B 455 6.30 -10.69 -21.87
C LEU B 455 5.10 -10.70 -20.91
N ILE B 456 5.03 -11.78 -20.17
CA ILE B 456 3.90 -12.15 -19.30
C ILE B 456 4.52 -12.17 -17.91
N PRO B 457 4.38 -11.07 -17.14
CA PRO B 457 5.04 -11.00 -15.86
C PRO B 457 4.22 -11.54 -14.74
N TYR B 458 4.83 -12.39 -13.92
CA TYR B 458 4.20 -12.82 -12.69
C TYR B 458 5.07 -12.31 -11.52
N CYS B 459 4.47 -12.05 -10.36
CA CYS B 459 5.23 -11.68 -9.17
C CYS B 459 4.55 -12.23 -7.94
N ALA B 460 5.29 -12.35 -6.88
CA ALA B 460 4.91 -13.27 -5.80
C ALA B 460 5.36 -12.73 -4.46
N THR B 461 4.47 -12.81 -3.48
CA THR B 461 4.83 -12.58 -2.10
C THR B 461 3.74 -13.28 -1.25
N PHE B 462 3.87 -13.16 0.07
CA PHE B 462 2.73 -13.54 0.99
C PHE B 462 1.56 -12.66 0.61
N TYR B 463 0.38 -13.25 0.55
CA TYR B 463 -0.86 -12.52 0.22
C TYR B 463 -1.08 -11.28 1.12
N ILE B 464 -0.71 -11.36 2.37
CA ILE B 464 -0.87 -10.26 3.31
C ILE B 464 -0.13 -9.00 2.83
N PHE B 465 1.00 -9.17 2.10
CA PHE B 465 1.82 -8.03 1.70
C PHE B 465 1.35 -7.37 0.43
N THR B 466 0.24 -7.88 -0.14
CA THR B 466 -0.48 -7.12 -1.12
C THR B 466 -0.81 -5.72 -0.57
N ASP B 467 -0.94 -5.54 0.71
CA ASP B 467 -1.25 -4.21 1.26
C ASP B 467 -0.10 -3.24 0.95
N TYR B 468 1.16 -3.69 0.90
CA TYR B 468 2.28 -2.82 0.50
C TYR B 468 2.17 -2.38 -0.91
N MET B 469 1.53 -3.12 -1.77
CA MET B 469 1.68 -2.93 -3.24
C MET B 469 0.35 -2.63 -3.87
N ARG B 470 -0.65 -2.22 -3.01
CA ARG B 470 -2.00 -2.08 -3.48
C ARG B 470 -2.16 -1.08 -4.61
N ASN B 471 -1.46 0.09 -4.57
CA ASN B 471 -1.67 1.02 -5.69
C ASN B 471 -1.15 0.45 -7.03
N ALA B 472 0.02 -0.18 -7.05
CA ALA B 472 0.54 -0.77 -8.29
C ALA B 472 -0.42 -1.86 -8.83
N MET B 473 -1.01 -2.63 -7.92
CA MET B 473 -1.98 -3.63 -8.32
C MET B 473 -3.22 -2.99 -8.95
N ARG B 474 -3.71 -1.91 -8.33
CA ARG B 474 -4.79 -1.14 -8.94
C ARG B 474 -4.42 -0.53 -10.25
N MET B 475 -3.18 -0.07 -10.38
CA MET B 475 -2.70 0.41 -11.68
C MET B 475 -2.70 -0.73 -12.71
N SER B 476 -2.42 -1.97 -12.33
CA SER B 476 -2.49 -3.14 -13.32
C SER B 476 -3.94 -3.14 -13.87
N ALA B 477 -4.91 -3.08 -12.96
CA ALA B 477 -6.28 -3.20 -13.33
C ALA B 477 -6.69 -2.00 -14.14
N LEU B 478 -6.34 -0.79 -13.76
CA LEU B 478 -6.72 0.40 -14.52
C LEU B 478 -6.08 0.44 -15.90
N SER B 479 -4.77 0.11 -15.93
CA SER B 479 -4.00 0.19 -17.18
CA SER B 479 -3.95 0.12 -17.15
C SER B 479 -4.12 -1.06 -18.10
N GLU B 480 -4.92 -2.05 -17.70
CA GLU B 480 -5.15 -3.28 -18.52
C GLU B 480 -3.82 -4.00 -18.76
N ALA B 481 -3.07 -4.13 -17.64
CA ALA B 481 -1.84 -4.85 -17.67
C ALA B 481 -2.05 -6.19 -17.02
N GLY B 482 -1.83 -7.28 -17.79
CA GLY B 482 -2.05 -8.63 -17.33
C GLY B 482 -0.96 -9.22 -16.46
N VAL B 483 -0.69 -8.55 -15.33
CA VAL B 483 0.21 -9.08 -14.38
C VAL B 483 -0.44 -10.24 -13.58
N VAL B 484 0.31 -11.29 -13.35
CA VAL B 484 -0.16 -12.41 -12.57
C VAL B 484 0.44 -12.31 -11.20
N TYR B 485 -0.43 -12.08 -10.19
CA TYR B 485 -0.02 -11.97 -8.84
C TYR B 485 -0.25 -13.23 -8.08
N VAL B 486 0.88 -13.85 -7.68
CA VAL B 486 0.89 -15.23 -7.17
C VAL B 486 1.16 -15.18 -5.67
N MET B 487 0.09 -15.34 -4.91
CA MET B 487 0.11 -14.90 -3.50
C MET B 487 -0.12 -16.03 -2.54
N THR B 488 0.93 -16.46 -1.89
CA THR B 488 0.92 -17.59 -0.99
C THR B 488 0.43 -17.23 0.42
N HIS B 489 0.22 -18.23 1.24
CA HIS B 489 -0.08 -18.07 2.64
C HIS B 489 -1.34 -17.23 2.81
N ASP B 490 -2.40 -17.72 2.18
CA ASP B 490 -3.65 -16.94 2.00
C ASP B 490 -4.51 -16.70 3.26
N SER B 491 -4.24 -17.35 4.38
CA SER B 491 -5.18 -17.33 5.50
C SER B 491 -4.51 -17.69 6.80
N ILE B 492 -5.35 -17.76 7.84
CA ILE B 492 -4.94 -18.36 9.09
C ILE B 492 -4.33 -19.75 8.98
N GLY B 493 -4.54 -20.43 7.86
CA GLY B 493 -3.80 -21.67 7.57
C GLY B 493 -2.30 -21.54 7.64
N LEU B 494 -1.74 -20.30 7.58
CA LEU B 494 -0.33 -20.20 7.69
C LEU B 494 0.13 -20.43 9.13
N GLY B 495 -0.72 -20.24 10.12
CA GLY B 495 -0.40 -20.55 11.52
C GLY B 495 0.40 -19.53 12.30
N GLU B 496 1.55 -20.00 12.82
CA GLU B 496 2.25 -19.37 13.92
C GLU B 496 2.77 -17.91 13.69
N ASP B 497 2.96 -17.50 12.47
CA ASP B 497 3.44 -16.12 12.25
C ASP B 497 2.41 -15.08 12.79
N GLY B 498 1.13 -15.49 12.84
CA GLY B 498 0.20 -14.70 13.59
C GLY B 498 -0.50 -13.58 12.78
N PRO B 499 -1.22 -12.68 13.49
CA PRO B 499 -2.20 -11.87 12.74
C PRO B 499 -1.59 -10.72 11.91
N THR B 500 -0.36 -10.38 12.16
CA THR B 500 0.43 -9.49 11.26
C THR B 500 0.60 -10.05 9.89
N HIS B 501 0.49 -11.37 9.78
CA HIS B 501 0.74 -12.05 8.52
C HIS B 501 -0.49 -12.73 7.93
N GLN B 502 -1.61 -12.75 8.66
CA GLN B 502 -2.79 -13.54 8.20
C GLN B 502 -3.83 -12.67 7.51
N PRO B 503 -4.06 -12.93 6.24
CA PRO B 503 -5.09 -12.16 5.59
C PRO B 503 -6.47 -12.42 6.16
N ILE B 504 -7.34 -11.45 6.12
CA ILE B 504 -8.73 -11.60 6.57
C ILE B 504 -9.67 -10.85 5.62
N GLU B 505 -9.35 -9.57 5.34
CA GLU B 505 -10.12 -8.67 4.47
C GLU B 505 -9.70 -8.67 2.99
N HIS B 506 -8.63 -9.39 2.71
CA HIS B 506 -7.90 -9.23 1.46
C HIS B 506 -8.69 -9.73 0.26
N LEU B 507 -9.36 -10.90 0.39
CA LEU B 507 -10.18 -11.39 -0.71
C LEU B 507 -11.26 -10.35 -1.02
N ALA B 508 -11.98 -9.89 0.00
CA ALA B 508 -13.03 -8.85 -0.20
C ALA B 508 -12.46 -7.61 -0.91
N SER B 509 -11.28 -7.20 -0.45
CA SER B 509 -10.62 -5.96 -0.99
C SER B 509 -10.30 -6.03 -2.44
N PHE B 510 -9.99 -7.22 -2.96
CA PHE B 510 -9.69 -7.37 -4.37
C PHE B 510 -10.94 -7.72 -5.18
N ARG B 511 -11.90 -8.43 -4.58
CA ARG B 511 -13.20 -8.62 -5.24
C ARG B 511 -13.88 -7.25 -5.53
N ALA B 512 -13.74 -6.31 -4.58
CA ALA B 512 -14.32 -4.98 -4.75
C ALA B 512 -13.56 -4.13 -5.80
N MET B 513 -12.27 -4.42 -6.00
CA MET B 513 -11.44 -3.66 -6.94
C MET B 513 -11.94 -3.87 -8.39
N PRO B 514 -12.26 -2.78 -9.11
CA PRO B 514 -12.66 -3.01 -10.54
C PRO B 514 -11.57 -3.70 -11.36
N ASP B 515 -12.01 -4.57 -12.28
CA ASP B 515 -11.07 -5.06 -13.31
C ASP B 515 -9.86 -5.82 -12.82
N MET B 516 -10.01 -6.48 -11.67
CA MET B 516 -9.06 -7.37 -11.09
C MET B 516 -9.71 -8.68 -10.76
N LEU B 517 -9.20 -9.78 -11.31
CA LEU B 517 -9.67 -11.12 -11.01
C LEU B 517 -9.04 -11.55 -9.68
N MET B 518 -9.87 -12.09 -8.78
CA MET B 518 -9.39 -12.58 -7.52
C MET B 518 -9.78 -14.08 -7.43
N ILE B 519 -8.80 -14.93 -7.70
CA ILE B 519 -9.06 -16.35 -7.87
C ILE B 519 -8.52 -17.07 -6.65
N ARG B 520 -9.32 -17.94 -6.05
CA ARG B 520 -8.90 -18.69 -4.87
C ARG B 520 -9.17 -20.22 -5.09
N PRO B 521 -8.21 -20.86 -5.80
CA PRO B 521 -8.43 -22.28 -6.26
C PRO B 521 -8.42 -23.26 -5.10
N ALA B 522 -9.31 -24.24 -5.23
CA ALA B 522 -9.37 -25.39 -4.32
C ALA B 522 -8.77 -26.57 -5.13
N GLY B 523 -7.62 -27.09 -4.66
CA GLY B 523 -6.96 -28.21 -5.32
C GLY B 523 -6.24 -27.98 -6.64
N GLY B 524 -5.73 -29.11 -7.17
CA GLY B 524 -4.94 -29.13 -8.33
C GLY B 524 -5.56 -28.65 -9.63
N ASN B 525 -6.72 -29.19 -9.97
CA ASN B 525 -7.35 -28.76 -11.19
C ASN B 525 -7.69 -27.25 -11.22
N GLU B 526 -8.23 -26.78 -10.10
CA GLU B 526 -8.63 -25.36 -9.99
C GLU B 526 -7.37 -24.48 -10.00
N THR B 527 -6.28 -24.95 -9.49
CA THR B 527 -5.02 -24.17 -9.61
C THR B 527 -4.56 -24.09 -11.08
N ALA B 528 -4.64 -25.22 -11.83
CA ALA B 528 -4.41 -25.19 -13.26
C ALA B 528 -5.37 -24.24 -13.90
N GLY B 529 -6.63 -24.30 -13.47
CA GLY B 529 -7.70 -23.45 -14.04
C GLY B 529 -7.40 -21.93 -13.81
N ALA B 530 -6.93 -21.66 -12.60
CA ALA B 530 -6.58 -20.27 -12.22
C ALA B 530 -5.47 -19.70 -13.14
N TYR B 531 -4.39 -20.50 -13.36
CA TYR B 531 -3.35 -20.10 -14.25
C TYR B 531 -3.81 -20.00 -15.70
N LYS B 532 -4.69 -20.89 -16.14
CA LYS B 532 -5.22 -20.79 -17.48
C LYS B 532 -5.94 -19.46 -17.71
N VAL B 533 -6.80 -19.11 -16.75
CA VAL B 533 -7.46 -17.78 -16.82
C VAL B 533 -6.42 -16.67 -16.78
N ALA B 534 -5.46 -16.75 -15.85
CA ALA B 534 -4.46 -15.63 -15.71
C ALA B 534 -3.70 -15.38 -17.04
N ILE B 535 -3.23 -16.49 -17.70
CA ILE B 535 -2.51 -16.32 -18.94
C ILE B 535 -3.37 -15.78 -20.06
N ALA B 536 -4.60 -16.26 -20.15
CA ALA B 536 -5.56 -15.74 -21.14
C ALA B 536 -5.94 -14.28 -21.00
N ASN B 537 -5.81 -13.75 -19.78
CA ASN B 537 -6.09 -12.43 -19.51
C ASN B 537 -4.82 -11.58 -19.61
N ARG B 538 -4.39 -11.33 -20.83
CA ARG B 538 -3.27 -10.41 -21.09
C ARG B 538 -3.58 -8.93 -20.81
N LYS B 539 -4.85 -8.57 -20.80
CA LYS B 539 -5.23 -7.21 -20.59
C LYS B 539 -5.98 -6.95 -19.24
N ARG B 540 -5.89 -7.88 -18.31
CA ARG B 540 -6.52 -7.72 -16.99
C ARG B 540 -5.72 -8.53 -16.05
N PRO B 541 -5.29 -7.96 -14.91
CA PRO B 541 -4.57 -8.71 -13.94
C PRO B 541 -5.39 -9.73 -13.17
N THR B 542 -4.68 -10.74 -12.68
CA THR B 542 -5.22 -11.84 -11.93
C THR B 542 -4.42 -12.06 -10.67
N THR B 543 -5.07 -11.99 -9.52
CA THR B 543 -4.47 -12.38 -8.28
C THR B 543 -4.94 -13.73 -7.90
N ILE B 544 -3.97 -14.59 -7.51
CA ILE B 544 -4.31 -15.95 -7.15
C ILE B 544 -3.88 -16.20 -5.70
N ALA B 545 -4.88 -16.50 -4.88
CA ALA B 545 -4.65 -16.75 -3.52
C ALA B 545 -4.42 -18.26 -3.25
N LEU B 546 -3.29 -18.55 -2.62
CA LEU B 546 -2.73 -19.90 -2.52
C LEU B 546 -2.49 -20.26 -1.08
N SER B 547 -2.72 -21.54 -0.74
CA SER B 547 -2.64 -21.96 0.63
C SER B 547 -1.25 -22.44 1.05
N ARG B 548 -0.96 -22.31 2.34
CA ARG B 548 0.24 -22.94 2.95
C ARG B 548 -0.02 -24.44 3.12
N GLN B 549 -1.24 -24.77 3.51
CA GLN B 549 -1.60 -26.12 3.97
C GLN B 549 -2.08 -26.96 2.81
N ASN B 550 -1.90 -28.28 2.95
CA ASN B 550 -2.47 -29.22 2.02
C ASN B 550 -4.01 -29.24 2.01
N MET B 551 -4.54 -29.59 0.85
CA MET B 551 -5.91 -29.87 0.62
C MET B 551 -6.13 -31.00 -0.41
N PRO B 552 -7.25 -31.73 -0.24
CA PRO B 552 -7.59 -32.79 -1.18
C PRO B 552 -7.93 -32.32 -2.54
N ASN B 553 -7.81 -33.21 -3.53
CA ASN B 553 -8.39 -33.06 -4.83
C ASN B 553 -9.84 -33.56 -4.77
N ILE B 554 -10.77 -32.63 -4.77
CA ILE B 554 -12.17 -32.94 -4.54
C ILE B 554 -12.83 -33.37 -5.85
N PRO B 555 -13.66 -34.44 -5.81
CA PRO B 555 -14.33 -34.84 -7.07
C PRO B 555 -15.13 -33.71 -7.72
N ASN B 556 -15.05 -33.65 -9.06
CA ASN B 556 -15.76 -32.77 -9.94
C ASN B 556 -15.12 -31.33 -9.93
N CYS B 557 -14.12 -31.06 -9.09
CA CYS B 557 -13.33 -29.81 -9.33
C CYS B 557 -12.59 -29.88 -10.68
N SER B 558 -12.56 -28.80 -11.43
CA SER B 558 -12.04 -28.78 -12.76
C SER B 558 -11.43 -27.47 -13.16
N VAL B 559 -10.67 -27.57 -14.24
CA VAL B 559 -10.12 -26.43 -14.93
C VAL B 559 -11.20 -25.56 -15.47
N GLU B 560 -12.19 -26.14 -16.13
CA GLU B 560 -13.21 -25.40 -16.81
C GLU B 560 -14.13 -24.64 -15.80
N GLY B 561 -14.29 -25.23 -14.59
CA GLY B 561 -15.16 -24.70 -13.55
C GLY B 561 -14.66 -23.31 -13.10
N VAL B 562 -13.34 -23.17 -13.06
CA VAL B 562 -12.73 -21.88 -12.67
C VAL B 562 -13.16 -20.76 -13.59
N ALA B 563 -13.14 -21.04 -14.89
CA ALA B 563 -13.58 -20.10 -15.92
C ALA B 563 -14.99 -19.63 -15.79
N LYS B 564 -15.85 -20.46 -15.21
CA LYS B 564 -17.22 -20.09 -14.90
C LYS B 564 -17.35 -19.31 -13.59
N GLY B 565 -16.26 -19.26 -12.79
CA GLY B 565 -16.28 -18.51 -11.55
C GLY B 565 -16.88 -19.16 -10.37
N ALA B 566 -18.10 -19.69 -10.55
CA ALA B 566 -18.74 -20.54 -9.57
C ALA B 566 -19.37 -21.68 -10.40
N TYR B 567 -19.27 -22.84 -9.85
CA TYR B 567 -19.80 -24.05 -10.52
C TYR B 567 -20.16 -25.11 -9.53
N THR B 568 -21.19 -25.90 -9.87
CA THR B 568 -21.64 -26.93 -8.96
C THR B 568 -20.76 -28.14 -9.01
N ILE B 569 -20.34 -28.64 -7.87
CA ILE B 569 -19.52 -29.84 -7.82
C ILE B 569 -20.27 -31.05 -7.19
N HIS B 570 -21.47 -30.84 -6.66
CA HIS B 570 -22.26 -31.96 -6.04
C HIS B 570 -23.70 -31.60 -5.92
N ASP B 571 -24.60 -32.54 -6.28
CA ASP B 571 -26.00 -32.46 -5.95
C ASP B 571 -26.36 -33.81 -5.37
N THR B 572 -27.08 -33.82 -4.28
CA THR B 572 -27.57 -35.12 -3.72
C THR B 572 -28.33 -35.92 -4.82
N LYS B 573 -29.32 -35.32 -5.39
CA LYS B 573 -30.16 -35.96 -6.36
C LYS B 573 -30.21 -35.15 -7.63
N ALA B 574 -29.64 -35.65 -8.72
CA ALA B 574 -29.83 -35.01 -10.02
C ALA B 574 -31.28 -34.71 -10.33
N GLY B 575 -31.52 -33.50 -10.83
CA GLY B 575 -32.81 -33.08 -11.28
C GLY B 575 -33.73 -32.64 -10.19
N VAL B 576 -33.27 -32.59 -8.94
CA VAL B 576 -34.12 -32.26 -7.82
C VAL B 576 -33.52 -31.02 -7.19
N LYS B 577 -34.34 -30.00 -7.01
CA LYS B 577 -33.95 -28.73 -6.42
C LYS B 577 -33.31 -28.88 -5.03
N PRO B 578 -32.14 -28.24 -4.79
CA PRO B 578 -31.58 -28.36 -3.42
C PRO B 578 -32.44 -27.75 -2.33
N ASP B 579 -32.40 -28.38 -1.16
CA ASP B 579 -32.89 -27.78 0.05
C ASP B 579 -31.94 -26.67 0.55
N VAL B 580 -30.65 -26.89 0.36
CA VAL B 580 -29.63 -25.95 0.91
C VAL B 580 -28.43 -25.95 0.00
N ILE B 581 -27.84 -24.75 -0.17
CA ILE B 581 -26.67 -24.58 -1.04
C ILE B 581 -25.50 -24.22 -0.15
N LEU B 582 -24.44 -25.01 -0.25
CA LEU B 582 -23.17 -24.74 0.48
C LEU B 582 -22.15 -24.31 -0.55
N MET B 583 -21.57 -23.14 -0.32
CA MET B 583 -20.56 -22.62 -1.24
C MET B 583 -19.23 -22.41 -0.53
N GLY B 584 -18.16 -22.82 -1.17
CA GLY B 584 -16.86 -22.71 -0.54
C GLY B 584 -15.80 -22.32 -1.51
N THR B 585 -14.65 -21.95 -0.97
CA THR B 585 -13.50 -21.62 -1.76
C THR B 585 -12.23 -22.19 -1.18
N GLY B 586 -11.28 -22.45 -2.07
CA GLY B 586 -9.95 -22.80 -1.68
C GLY B 586 -9.88 -23.93 -0.66
N SER B 587 -9.11 -23.72 0.41
CA SER B 587 -8.92 -24.64 1.50
C SER B 587 -10.20 -24.96 2.24
N GLU B 588 -11.23 -24.17 2.07
CA GLU B 588 -12.48 -24.42 2.78
C GLU B 588 -13.50 -25.22 1.99
N LEU B 589 -13.23 -25.50 0.75
CA LEU B 589 -14.22 -26.20 -0.08
C LEU B 589 -14.48 -27.57 0.53
N GLU B 590 -13.42 -28.20 1.01
CA GLU B 590 -13.55 -29.48 1.71
C GLU B 590 -14.45 -29.47 2.96
N LEU B 591 -14.63 -28.33 3.63
CA LEU B 591 -15.52 -28.24 4.75
C LEU B 591 -16.95 -28.33 4.22
N ALA B 592 -17.21 -27.68 3.09
CA ALA B 592 -18.53 -27.71 2.46
C ALA B 592 -18.91 -29.14 1.97
N THR B 593 -17.99 -29.82 1.35
CA THR B 593 -18.28 -31.19 0.83
C THR B 593 -18.51 -32.13 2.02
N ALA B 594 -17.70 -32.06 3.08
CA ALA B 594 -17.92 -32.91 4.23
C ALA B 594 -19.26 -32.60 4.92
N ALA B 595 -19.62 -31.33 5.07
CA ALA B 595 -20.88 -30.92 5.68
C ALA B 595 -22.09 -31.44 4.90
N ALA B 596 -21.95 -31.45 3.59
CA ALA B 596 -23.02 -31.94 2.71
C ALA B 596 -23.31 -33.43 3.00
N GLY B 597 -22.28 -34.23 3.16
CA GLY B 597 -22.43 -35.68 3.48
C GLY B 597 -23.24 -35.87 4.74
N ILE B 598 -22.98 -35.04 5.74
CA ILE B 598 -23.69 -35.12 7.01
C ILE B 598 -25.15 -34.76 6.81
N LEU B 599 -25.39 -33.67 6.09
CA LEU B 599 -26.73 -33.18 5.94
C LEU B 599 -27.51 -34.15 5.08
N GLU B 600 -26.83 -34.76 4.11
CA GLU B 600 -27.51 -35.78 3.26
C GLU B 600 -28.05 -36.96 4.04
N LYS B 601 -27.29 -37.42 5.03
CA LYS B 601 -27.68 -38.56 5.83
C LYS B 601 -28.89 -38.29 6.66
N GLU B 602 -29.24 -37.02 6.89
CA GLU B 602 -30.49 -36.63 7.52
C GLU B 602 -31.61 -36.47 6.50
N GLY B 603 -31.37 -36.80 5.23
CA GLY B 603 -32.41 -36.66 4.21
C GLY B 603 -32.46 -35.37 3.43
N LYS B 604 -31.60 -34.37 3.77
CA LYS B 604 -31.55 -33.11 2.97
C LYS B 604 -30.92 -33.34 1.60
N ASN B 605 -31.41 -32.56 0.63
CA ASN B 605 -30.83 -32.50 -0.73
C ASN B 605 -29.89 -31.28 -0.71
N VAL B 606 -28.62 -31.54 -0.89
CA VAL B 606 -27.58 -30.45 -0.70
C VAL B 606 -26.95 -30.17 -2.04
N ARG B 607 -26.70 -28.89 -2.39
CA ARG B 607 -25.86 -28.58 -3.53
C ARG B 607 -24.55 -27.95 -2.96
N VAL B 608 -23.44 -28.45 -3.43
CA VAL B 608 -22.12 -27.83 -3.17
C VAL B 608 -21.63 -27.10 -4.40
N VAL B 609 -21.29 -25.82 -4.18
CA VAL B 609 -20.78 -24.94 -5.26
C VAL B 609 -19.38 -24.52 -4.85
N SER B 610 -18.45 -24.67 -5.76
CA SER B 610 -17.12 -24.09 -5.62
C SER B 610 -17.16 -22.71 -6.23
N PHE B 611 -16.51 -21.76 -5.52
CA PHE B 611 -16.59 -20.37 -5.91
C PHE B 611 -15.21 -19.70 -6.16
N PRO B 612 -14.44 -20.24 -7.10
CA PRO B 612 -13.08 -19.81 -7.19
C PRO B 612 -12.90 -18.39 -7.64
N CYS B 613 -13.84 -17.85 -8.42
CA CYS B 613 -13.65 -16.44 -8.90
C CYS B 613 -14.98 -15.78 -9.07
N TRP B 614 -15.29 -14.82 -8.19
CA TRP B 614 -16.53 -14.10 -8.28
C TRP B 614 -16.68 -13.32 -9.57
N GLU B 615 -15.62 -12.66 -10.02
CA GLU B 615 -15.67 -11.83 -11.19
C GLU B 615 -16.07 -12.55 -12.45
N LEU B 616 -15.54 -13.77 -12.60
CA LEU B 616 -15.90 -14.56 -13.75
C LEU B 616 -17.33 -15.08 -13.63
N PHE B 617 -17.83 -15.34 -12.41
CA PHE B 617 -19.25 -15.79 -12.28
C PHE B 617 -20.15 -14.68 -12.71
N GLU B 618 -19.79 -13.44 -12.38
CA GLU B 618 -20.62 -12.30 -12.85
C GLU B 618 -20.57 -12.02 -14.33
N GLU B 619 -19.60 -12.59 -15.02
CA GLU B 619 -19.48 -12.49 -16.54
C GLU B 619 -20.22 -13.64 -17.25
N GLN B 620 -20.88 -14.51 -16.47
CA GLN B 620 -21.63 -15.62 -17.08
C GLN B 620 -23.03 -15.13 -17.41
N SER B 621 -23.77 -15.95 -18.16
CA SER B 621 -25.16 -15.56 -18.51
C SER B 621 -26.07 -15.66 -17.30
N ALA B 622 -27.15 -14.88 -17.29
CA ALA B 622 -28.20 -14.96 -16.29
C ALA B 622 -28.71 -16.35 -16.05
N GLU B 623 -28.87 -17.08 -17.16
CA GLU B 623 -29.30 -18.42 -17.11
C GLU B 623 -28.29 -19.34 -16.35
N TYR B 624 -27.00 -19.19 -16.66
CA TYR B 624 -25.96 -19.99 -16.00
C TYR B 624 -25.99 -19.66 -14.50
N LYS B 625 -26.00 -18.34 -14.14
CA LYS B 625 -25.95 -17.95 -12.70
C LYS B 625 -27.18 -18.56 -11.93
N GLU B 626 -28.35 -18.46 -12.55
CA GLU B 626 -29.55 -19.10 -11.99
C GLU B 626 -29.50 -20.62 -11.88
N SER B 627 -28.75 -21.30 -12.74
CA SER B 627 -28.60 -22.74 -12.74
C SER B 627 -27.75 -23.21 -11.57
N VAL B 628 -26.87 -22.30 -11.07
CA VAL B 628 -26.05 -22.59 -9.91
C VAL B 628 -26.70 -22.20 -8.62
N LEU B 629 -27.19 -20.97 -8.57
CA LEU B 629 -27.83 -20.37 -7.42
C LEU B 629 -29.29 -20.02 -7.70
N PRO B 630 -30.14 -21.05 -7.69
CA PRO B 630 -31.58 -20.77 -7.91
C PRO B 630 -32.17 -19.74 -6.95
N SER B 631 -32.83 -18.72 -7.50
CA SER B 631 -33.37 -17.61 -6.72
C SER B 631 -34.34 -17.96 -5.62
N ASP B 632 -35.03 -19.07 -5.77
CA ASP B 632 -36.01 -19.54 -4.78
C ASP B 632 -35.46 -20.47 -3.75
N VAL B 633 -34.14 -20.67 -3.71
CA VAL B 633 -33.53 -21.43 -2.65
C VAL B 633 -32.66 -20.42 -1.89
N THR B 634 -33.16 -19.99 -0.74
CA THR B 634 -32.54 -18.98 0.14
C THR B 634 -31.79 -19.57 1.31
N ALA B 635 -31.85 -20.88 1.47
CA ALA B 635 -31.06 -21.60 2.48
C ALA B 635 -29.66 -21.78 1.90
N ARG B 636 -28.78 -20.86 2.30
CA ARG B 636 -27.43 -20.73 1.73
C ARG B 636 -26.37 -20.52 2.77
N VAL B 637 -25.25 -21.23 2.64
CA VAL B 637 -24.11 -21.09 3.54
C VAL B 637 -22.86 -20.88 2.65
N SER B 638 -22.02 -19.92 3.01
CA SER B 638 -20.70 -19.77 2.45
C SER B 638 -19.63 -20.11 3.52
N VAL B 639 -18.51 -20.68 3.07
CA VAL B 639 -17.39 -20.98 3.97
C VAL B 639 -16.06 -20.68 3.34
N GLU B 640 -15.30 -19.89 4.08
CA GLU B 640 -14.07 -19.29 3.59
C GLU B 640 -13.38 -18.73 4.80
N ALA B 641 -12.07 -19.02 4.92
CA ALA B 641 -11.29 -18.51 6.04
C ALA B 641 -10.92 -17.07 5.78
N ALA B 642 -11.93 -16.24 5.79
CA ALA B 642 -11.81 -14.80 5.50
C ALA B 642 -13.10 -14.17 5.95
N THR B 643 -13.20 -12.86 5.87
CA THR B 643 -14.39 -12.18 6.33
C THR B 643 -15.65 -12.54 5.57
N SER B 644 -16.76 -12.37 6.27
CA SER B 644 -18.07 -12.53 5.68
C SER B 644 -18.43 -11.33 4.81
N PHE B 645 -17.69 -10.24 4.95
CA PHE B 645 -17.94 -9.03 4.15
C PHE B 645 -18.00 -9.39 2.68
N GLY B 646 -19.06 -8.98 2.00
CA GLY B 646 -19.27 -9.19 0.57
C GLY B 646 -20.14 -10.43 0.25
N TRP B 647 -20.08 -11.45 1.11
CA TRP B 647 -20.72 -12.73 0.86
C TRP B 647 -22.21 -12.67 0.73
N ALA B 648 -22.84 -11.66 1.36
CA ALA B 648 -24.26 -11.50 1.24
C ALA B 648 -24.74 -11.39 -0.19
N LYS B 649 -23.90 -10.96 -1.13
CA LYS B 649 -24.21 -10.95 -2.53
C LYS B 649 -24.78 -12.33 -3.00
N TYR B 650 -24.22 -13.39 -2.42
CA TYR B 650 -24.62 -14.75 -2.72
C TYR B 650 -25.40 -15.43 -1.62
N ILE B 651 -25.16 -15.13 -0.37
CA ILE B 651 -25.89 -15.80 0.71
C ILE B 651 -27.16 -15.06 1.16
N GLY B 652 -27.33 -13.80 0.75
CA GLY B 652 -28.47 -13.01 1.07
C GLY B 652 -28.62 -12.64 2.51
N LEU B 653 -29.80 -12.05 2.83
CA LEU B 653 -30.13 -11.74 4.20
C LEU B 653 -30.34 -12.99 5.08
N LYS B 654 -30.83 -14.07 4.49
CA LYS B 654 -31.20 -15.26 5.24
C LYS B 654 -30.10 -16.29 5.32
N GLY B 655 -29.01 -16.07 4.58
CA GLY B 655 -27.89 -17.01 4.61
C GLY B 655 -26.89 -16.75 5.69
N LYS B 656 -25.90 -17.64 5.80
CA LYS B 656 -24.93 -17.59 6.88
C LYS B 656 -23.52 -17.82 6.37
N HIS B 657 -22.53 -17.10 6.92
CA HIS B 657 -21.11 -17.33 6.58
C HIS B 657 -20.39 -18.00 7.67
N VAL B 658 -19.54 -18.93 7.30
CA VAL B 658 -18.59 -19.51 8.23
C VAL B 658 -17.18 -19.07 7.89
N GLY B 659 -16.67 -18.18 8.73
CA GLY B 659 -15.35 -17.63 8.45
C GLY B 659 -14.81 -16.88 9.60
N ILE B 660 -14.01 -15.85 9.31
CA ILE B 660 -13.34 -15.12 10.35
C ILE B 660 -13.35 -13.63 9.97
N ASP B 661 -13.94 -12.79 10.83
CA ASP B 661 -14.13 -11.38 10.54
C ASP B 661 -13.22 -10.49 11.41
N THR B 662 -12.57 -11.05 12.37
CA THR B 662 -11.56 -10.46 13.23
C THR B 662 -10.15 -10.71 12.67
N PHE B 663 -9.17 -10.11 13.31
CA PHE B 663 -7.81 -10.52 13.06
C PHE B 663 -7.62 -11.95 13.61
N GLY B 664 -6.57 -12.59 13.18
CA GLY B 664 -6.17 -13.91 13.63
C GLY B 664 -5.43 -13.91 14.95
N ALA B 665 -4.49 -14.84 15.05
CA ALA B 665 -3.76 -15.08 16.30
C ALA B 665 -2.56 -15.92 15.97
N SER B 666 -1.58 -15.95 16.88
CA SER B 666 -0.33 -16.69 16.74
C SER B 666 -0.40 -18.11 17.38
N ALA B 667 -0.64 -19.10 16.56
CA ALA B 667 -0.76 -20.53 17.00
C ALA B 667 -0.69 -21.39 15.84
N PRO B 668 -0.47 -22.68 16.07
CA PRO B 668 -0.55 -23.61 15.01
C PRO B 668 -1.93 -23.56 14.22
N ALA B 669 -1.89 -23.80 12.91
CA ALA B 669 -3.05 -23.61 12.02
C ALA B 669 -4.23 -24.46 12.47
N PRO B 670 -3.95 -25.74 12.82
CA PRO B 670 -5.15 -26.57 13.25
C PRO B 670 -5.83 -25.98 14.47
N THR B 671 -5.06 -25.40 15.39
CA THR B 671 -5.64 -24.74 16.57
C THR B 671 -6.47 -23.51 16.17
N LEU B 672 -5.92 -22.71 15.24
CA LEU B 672 -6.64 -21.55 14.81
C LEU B 672 -7.98 -21.90 14.14
N TYR B 673 -7.96 -22.89 13.28
CA TYR B 673 -9.24 -23.32 12.61
C TYR B 673 -10.32 -23.70 13.67
N GLU B 674 -9.93 -24.38 14.72
CA GLU B 674 -10.88 -24.78 15.78
C GLU B 674 -11.33 -23.62 16.63
N LYS B 675 -10.38 -22.79 17.07
CA LYS B 675 -10.69 -21.71 17.91
C LYS B 675 -11.60 -20.68 17.22
N PHE B 676 -11.40 -20.47 15.91
CA PHE B 676 -12.20 -19.53 15.20
C PHE B 676 -13.44 -20.16 14.57
N GLY B 677 -13.62 -21.46 14.74
CA GLY B 677 -14.90 -22.06 14.37
C GLY B 677 -15.09 -22.29 12.91
N ILE B 678 -13.97 -22.40 12.18
CA ILE B 678 -13.99 -22.69 10.77
C ILE B 678 -13.88 -24.19 10.56
N THR B 679 -15.05 -24.84 10.74
CA THR B 679 -15.08 -26.30 10.84
C THR B 679 -16.34 -26.83 10.11
N VAL B 680 -16.24 -28.12 9.77
CA VAL B 680 -17.37 -28.90 9.24
C VAL B 680 -18.60 -28.73 10.13
N ASN B 681 -18.45 -28.80 11.45
CA ASN B 681 -19.61 -28.76 12.38
CA ASN B 681 -19.59 -28.78 12.28
C ASN B 681 -20.25 -27.41 12.33
N HIS B 682 -19.45 -26.33 12.17
CA HIS B 682 -20.08 -25.03 12.12
C HIS B 682 -20.84 -24.89 10.76
N VAL B 683 -20.33 -25.47 9.69
CA VAL B 683 -21.02 -25.38 8.38
C VAL B 683 -22.40 -26.07 8.53
N VAL B 684 -22.37 -27.23 9.18
CA VAL B 684 -23.67 -27.98 9.43
C VAL B 684 -24.62 -27.18 10.28
N GLU B 685 -24.17 -26.59 11.38
CA GLU B 685 -25.00 -25.75 12.21
C GLU B 685 -25.55 -24.56 11.44
N ALA B 686 -24.69 -23.92 10.66
CA ALA B 686 -25.15 -22.78 9.90
C ALA B 686 -26.24 -23.16 8.87
N ALA B 687 -26.04 -24.32 8.22
CA ALA B 687 -26.99 -24.83 7.21
C ALA B 687 -28.35 -25.05 7.88
N LYS B 688 -28.33 -25.60 9.10
CA LYS B 688 -29.55 -25.77 9.84
C LYS B 688 -30.19 -24.49 10.24
N ALA B 689 -29.40 -23.50 10.63
CA ALA B 689 -29.98 -22.22 10.93
C ALA B 689 -30.64 -21.58 9.72
N THR B 690 -29.97 -21.66 8.54
CA THR B 690 -30.55 -21.05 7.37
C THR B 690 -31.82 -21.78 6.87
N LEU B 691 -31.93 -23.06 7.15
CA LEU B 691 -33.16 -23.85 6.87
C LEU B 691 -34.35 -23.44 7.71
N GLN B 692 -34.12 -22.80 8.86
CA GLN B 692 -35.22 -22.27 9.69
C GLN B 692 -35.83 -20.97 9.18
N HIS B 693 -35.19 -20.27 8.24
CA HIS B 693 -35.62 -18.92 7.86
C HIS B 693 -36.55 -19.01 6.67
C1 EDO C . 2.14 11.26 34.57
O1 EDO C . 0.77 11.39 34.16
C2 EDO C . 2.33 9.88 35.22
O2 EDO C . 2.84 8.91 34.25
#